data_1MBS
# 
_entry.id   1MBS 
# 
_audit_conform.dict_name       mmcif_pdbx.dic 
_audit_conform.dict_version    5.386 
_audit_conform.dict_location   http://mmcif.pdb.org/dictionaries/ascii/mmcif_pdbx.dic 
# 
loop_
_database_2.database_id 
_database_2.database_code 
_database_2.pdbx_database_accession 
_database_2.pdbx_DOI 
PDB   1MBS         pdb_00001mbs 10.2210/pdb1mbs/pdb 
WWPDB D_1000174932 ?            ?                   
# 
loop_
_pdbx_audit_revision_history.ordinal 
_pdbx_audit_revision_history.data_content_type 
_pdbx_audit_revision_history.major_revision 
_pdbx_audit_revision_history.minor_revision 
_pdbx_audit_revision_history.revision_date 
1 'Structure model' 1 0 1979-05-15 
2 'Structure model' 1 1 2008-03-24 
3 'Structure model' 1 2 2011-07-13 
4 'Structure model' 1 3 2024-02-14 
# 
_pdbx_audit_revision_details.ordinal             1 
_pdbx_audit_revision_details.revision_ordinal    1 
_pdbx_audit_revision_details.data_content_type   'Structure model' 
_pdbx_audit_revision_details.provider            repository 
_pdbx_audit_revision_details.type                'Initial release' 
_pdbx_audit_revision_details.description         ? 
_pdbx_audit_revision_details.details             ? 
# 
loop_
_pdbx_audit_revision_group.ordinal 
_pdbx_audit_revision_group.revision_ordinal 
_pdbx_audit_revision_group.data_content_type 
_pdbx_audit_revision_group.group 
1 2 'Structure model' 'Version format compliance' 
2 3 'Structure model' 'Version format compliance' 
3 4 'Structure model' 'Data collection'           
4 4 'Structure model' 'Database references'       
5 4 'Structure model' 'Derived calculations'      
6 4 'Structure model' Other                       
# 
loop_
_pdbx_audit_revision_category.ordinal 
_pdbx_audit_revision_category.revision_ordinal 
_pdbx_audit_revision_category.data_content_type 
_pdbx_audit_revision_category.category 
1 4 'Structure model' chem_comp_atom       
2 4 'Structure model' chem_comp_bond       
3 4 'Structure model' database_2           
4 4 'Structure model' pdbx_database_status 
5 4 'Structure model' struct_site          
# 
loop_
_pdbx_audit_revision_item.ordinal 
_pdbx_audit_revision_item.revision_ordinal 
_pdbx_audit_revision_item.data_content_type 
_pdbx_audit_revision_item.item 
1 4 'Structure model' '_database_2.pdbx_DOI'                
2 4 'Structure model' '_database_2.pdbx_database_accession' 
3 4 'Structure model' '_pdbx_database_status.process_site'  
4 4 'Structure model' '_struct_site.pdbx_auth_asym_id'      
5 4 'Structure model' '_struct_site.pdbx_auth_comp_id'      
6 4 'Structure model' '_struct_site.pdbx_auth_seq_id'       
# 
_pdbx_database_status.status_code                     REL 
_pdbx_database_status.entry_id                        1MBS 
_pdbx_database_status.recvd_initial_deposition_date   1979-03-22 
_pdbx_database_status.deposit_site                    ? 
_pdbx_database_status.process_site                    BNL 
_pdbx_database_status.SG_entry                        . 
_pdbx_database_status.pdb_format_compatible           Y 
_pdbx_database_status.status_code_mr                  ? 
_pdbx_database_status.status_code_sf                  ? 
_pdbx_database_status.status_code_cs                  ? 
_pdbx_database_status.status_code_nmr_data            ? 
_pdbx_database_status.methods_development_category    ? 
# 
_audit_author.name           'Scouloudi, H.' 
_audit_author.pdbx_ordinal   1 
# 
loop_
_citation.id 
_citation.title 
_citation.journal_abbrev 
_citation.journal_volume 
_citation.page_first 
_citation.page_last 
_citation.year 
_citation.journal_id_ASTM 
_citation.country 
_citation.journal_id_ISSN 
_citation.journal_id_CSD 
_citation.book_publisher 
_citation.pdbx_database_id_PubMed 
_citation.pdbx_database_id_DOI 
primary 'X-ray crystallographic studies of seal myoglobin. The molecule at 2.5 A resolution.' J.Mol.Biol. 126 637  660 1978 JMOBAK 
UK 0022-2836     0070 ?                                                            745243 '10.1016/0022-2836(78)90013-X' 
1       'A Preliminary Comparison of Metmyoglobin Molecules from Seal and Sperm Whale' J.Mol.Biol. 126 661  ?   1978 JMOBAK UK 
0022-2836     0070 ?                                                            ?      ?                              
2       'Structure of Myoglobin Refined at 2.0 Angstroms. I.Crystallographic Refinement of Metmyoglobin from Sperm Whale' 
J.Mol.Biol.                                              110 537  ?   1977 JMOBAK UK 0022-2836     0070 ? ?      ? 
3       'Stereochemistry of the Protein Myoglobin' Prog.Stereochem.                                         4   299  ?   1969 
PRSTAP US 0079-6808     0419 ?                                                            ?      ?                              
4       
;Comparison of Myoglobins from Harbor Seal, Porpoise and Sperm Whale. V. The Complete Amino Acid Sequences of Harbor Seal and Propoise Myoglobins
;
J.Biol.Chem.                                             244 2167 ?   1969 JBCHA3 US 0021-9258     0071 ? ?      ? 
5       ? 'Atlas of Protein Sequence and Structure (Data Section)' 5   85   ?   1972 ?      ?  0-912466-02-2 0435 
'National Biomedical Research Foundation, Silver Spring,Md.' ?      ?                              
# 
loop_
_citation_author.citation_id 
_citation_author.name 
_citation_author.ordinal 
_citation_author.identifier_ORCID 
primary 'Scouloudi, H.'  1 ? 
primary 'Baker, E.N.'    2 ? 
1       'Scouloudi, H.'  3 ? 
2       'Takano, T.'     4 ? 
3       'Watson, H.C.'   5 ? 
4       'Bradshaw, R.A.' 6 ? 
4       'Gurd, F.R.N.'   7 ? 
# 
_citation_editor.citation_id   5 
_citation_editor.name          'Dayhoff, M.O.' 
_citation_editor.ordinal       1 
# 
loop_
_entity.id 
_entity.type 
_entity.src_method 
_entity.pdbx_description 
_entity.formula_weight 
_entity.pdbx_number_of_molecules 
_entity.pdbx_ec 
_entity.pdbx_mutation 
_entity.pdbx_fragment 
_entity.details 
1 polymer     man MYOGLOBIN                         17333.965 1 ? ? ? ? 
2 non-polymer syn 'PROTOPORPHYRIN IX CONTAINING FE' 616.487   1 ? ? ? ? 
# 
_entity_poly.entity_id                      1 
_entity_poly.type                           'polypeptide(L)' 
_entity_poly.nstd_linkage                   no 
_entity_poly.nstd_monomer                   no 
_entity_poly.pdbx_seq_one_letter_code       
;GLSDGEWHLVLNVWGKVETDLAGHGQEVLIRLFKSHPETLEKFDKFKHLKSEDDMRRSEDLRKHGNTVLTALGGILKKKG
HHEAELKPLAQSHATKHKIPIKYLEFISEAIIHVLHSKHPAEFGADAQAAMKKALELFRNDIAAKYKELGFHG
;
_entity_poly.pdbx_seq_one_letter_code_can   
;GLSDGEWHLVLNVWGKVETDLAGHGQEVLIRLFKSHPETLEKFDKFKHLKSEDDMRRSEDLRKHGNTVLTALGGILKKKG
HHEAELKPLAQSHATKHKIPIKYLEFISEAIIHVLHSKHPAEFGADAQAAMKKALELFRNDIAAKYKELGFHG
;
_entity_poly.pdbx_strand_id                 A 
_entity_poly.pdbx_target_identifier         ? 
# 
_pdbx_entity_nonpoly.entity_id   2 
_pdbx_entity_nonpoly.name        'PROTOPORPHYRIN IX CONTAINING FE' 
_pdbx_entity_nonpoly.comp_id     HEM 
# 
loop_
_entity_poly_seq.entity_id 
_entity_poly_seq.num 
_entity_poly_seq.mon_id 
_entity_poly_seq.hetero 
1 1   GLY n 
1 2   LEU n 
1 3   SER n 
1 4   ASP n 
1 5   GLY n 
1 6   GLU n 
1 7   TRP n 
1 8   HIS n 
1 9   LEU n 
1 10  VAL n 
1 11  LEU n 
1 12  ASN n 
1 13  VAL n 
1 14  TRP n 
1 15  GLY n 
1 16  LYS n 
1 17  VAL n 
1 18  GLU n 
1 19  THR n 
1 20  ASP n 
1 21  LEU n 
1 22  ALA n 
1 23  GLY n 
1 24  HIS n 
1 25  GLY n 
1 26  GLN n 
1 27  GLU n 
1 28  VAL n 
1 29  LEU n 
1 30  ILE n 
1 31  ARG n 
1 32  LEU n 
1 33  PHE n 
1 34  LYS n 
1 35  SER n 
1 36  HIS n 
1 37  PRO n 
1 38  GLU n 
1 39  THR n 
1 40  LEU n 
1 41  GLU n 
1 42  LYS n 
1 43  PHE n 
1 44  ASP n 
1 45  LYS n 
1 46  PHE n 
1 47  LYS n 
1 48  HIS n 
1 49  LEU n 
1 50  LYS n 
1 51  SER n 
1 52  GLU n 
1 53  ASP n 
1 54  ASP n 
1 55  MET n 
1 56  ARG n 
1 57  ARG n 
1 58  SER n 
1 59  GLU n 
1 60  ASP n 
1 61  LEU n 
1 62  ARG n 
1 63  LYS n 
1 64  HIS n 
1 65  GLY n 
1 66  ASN n 
1 67  THR n 
1 68  VAL n 
1 69  LEU n 
1 70  THR n 
1 71  ALA n 
1 72  LEU n 
1 73  GLY n 
1 74  GLY n 
1 75  ILE n 
1 76  LEU n 
1 77  LYS n 
1 78  LYS n 
1 79  LYS n 
1 80  GLY n 
1 81  HIS n 
1 82  HIS n 
1 83  GLU n 
1 84  ALA n 
1 85  GLU n 
1 86  LEU n 
1 87  LYS n 
1 88  PRO n 
1 89  LEU n 
1 90  ALA n 
1 91  GLN n 
1 92  SER n 
1 93  HIS n 
1 94  ALA n 
1 95  THR n 
1 96  LYS n 
1 97  HIS n 
1 98  LYS n 
1 99  ILE n 
1 100 PRO n 
1 101 ILE n 
1 102 LYS n 
1 103 TYR n 
1 104 LEU n 
1 105 GLU n 
1 106 PHE n 
1 107 ILE n 
1 108 SER n 
1 109 GLU n 
1 110 ALA n 
1 111 ILE n 
1 112 ILE n 
1 113 HIS n 
1 114 VAL n 
1 115 LEU n 
1 116 HIS n 
1 117 SER n 
1 118 LYS n 
1 119 HIS n 
1 120 PRO n 
1 121 ALA n 
1 122 GLU n 
1 123 PHE n 
1 124 GLY n 
1 125 ALA n 
1 126 ASP n 
1 127 ALA n 
1 128 GLN n 
1 129 ALA n 
1 130 ALA n 
1 131 MET n 
1 132 LYS n 
1 133 LYS n 
1 134 ALA n 
1 135 LEU n 
1 136 GLU n 
1 137 LEU n 
1 138 PHE n 
1 139 ARG n 
1 140 ASN n 
1 141 ASP n 
1 142 ILE n 
1 143 ALA n 
1 144 ALA n 
1 145 LYS n 
1 146 TYR n 
1 147 LYS n 
1 148 GLU n 
1 149 LEU n 
1 150 GLY n 
1 151 PHE n 
1 152 HIS n 
1 153 GLY n 
# 
_entity_src_gen.entity_id                          1 
_entity_src_gen.pdbx_src_id                        1 
_entity_src_gen.pdbx_alt_source_flag               sample 
_entity_src_gen.pdbx_seq_type                      ? 
_entity_src_gen.pdbx_beg_seq_num                   ? 
_entity_src_gen.pdbx_end_seq_num                   ? 
_entity_src_gen.gene_src_common_name               'harbor seal' 
_entity_src_gen.gene_src_genus                     ? 
_entity_src_gen.pdbx_gene_src_gene                 ? 
_entity_src_gen.gene_src_species                   ? 
_entity_src_gen.gene_src_strain                    ? 
_entity_src_gen.gene_src_tissue                    ? 
_entity_src_gen.gene_src_tissue_fraction           ? 
_entity_src_gen.gene_src_details                   ? 
_entity_src_gen.pdbx_gene_src_fragment             ? 
_entity_src_gen.pdbx_gene_src_scientific_name      'Phoca vitulina' 
_entity_src_gen.pdbx_gene_src_ncbi_taxonomy_id     9720 
_entity_src_gen.pdbx_gene_src_variant              ? 
_entity_src_gen.pdbx_gene_src_cell_line            ? 
_entity_src_gen.pdbx_gene_src_atcc                 ? 
_entity_src_gen.pdbx_gene_src_organ                ? 
_entity_src_gen.pdbx_gene_src_organelle            ? 
_entity_src_gen.pdbx_gene_src_cell                 ? 
_entity_src_gen.pdbx_gene_src_cellular_location    ? 
_entity_src_gen.host_org_common_name               ? 
_entity_src_gen.pdbx_host_org_scientific_name      ? 
_entity_src_gen.pdbx_host_org_ncbi_taxonomy_id     ? 
_entity_src_gen.host_org_genus                     ? 
_entity_src_gen.pdbx_host_org_gene                 ? 
_entity_src_gen.pdbx_host_org_organ                ? 
_entity_src_gen.host_org_species                   ? 
_entity_src_gen.pdbx_host_org_tissue               ? 
_entity_src_gen.pdbx_host_org_tissue_fraction      ? 
_entity_src_gen.pdbx_host_org_strain               ? 
_entity_src_gen.pdbx_host_org_variant              ? 
_entity_src_gen.pdbx_host_org_cell_line            ? 
_entity_src_gen.pdbx_host_org_atcc                 ? 
_entity_src_gen.pdbx_host_org_culture_collection   ? 
_entity_src_gen.pdbx_host_org_cell                 ? 
_entity_src_gen.pdbx_host_org_organelle            ? 
_entity_src_gen.pdbx_host_org_cellular_location    ? 
_entity_src_gen.pdbx_host_org_vector_type          ? 
_entity_src_gen.pdbx_host_org_vector               ? 
_entity_src_gen.host_org_details                   ? 
_entity_src_gen.expression_system_id               ? 
_entity_src_gen.plasmid_name                       ? 
_entity_src_gen.plasmid_details                    ? 
_entity_src_gen.pdbx_description                   ? 
# 
loop_
_chem_comp.id 
_chem_comp.type 
_chem_comp.mon_nstd_flag 
_chem_comp.name 
_chem_comp.pdbx_synonyms 
_chem_comp.formula 
_chem_comp.formula_weight 
ALA 'L-peptide linking' y ALANINE                           ?    'C3 H7 N O2'       89.093  
ARG 'L-peptide linking' y ARGININE                          ?    'C6 H15 N4 O2 1'   175.209 
ASN 'L-peptide linking' y ASPARAGINE                        ?    'C4 H8 N2 O3'      132.118 
ASP 'L-peptide linking' y 'ASPARTIC ACID'                   ?    'C4 H7 N O4'       133.103 
GLN 'L-peptide linking' y GLUTAMINE                         ?    'C5 H10 N2 O3'     146.144 
GLU 'L-peptide linking' y 'GLUTAMIC ACID'                   ?    'C5 H9 N O4'       147.129 
GLY 'peptide linking'   y GLYCINE                           ?    'C2 H5 N O2'       75.067  
HEM non-polymer         . 'PROTOPORPHYRIN IX CONTAINING FE' HEME 'C34 H32 Fe N4 O4' 616.487 
HIS 'L-peptide linking' y HISTIDINE                         ?    'C6 H10 N3 O2 1'   156.162 
ILE 'L-peptide linking' y ISOLEUCINE                        ?    'C6 H13 N O2'      131.173 
LEU 'L-peptide linking' y LEUCINE                           ?    'C6 H13 N O2'      131.173 
LYS 'L-peptide linking' y LYSINE                            ?    'C6 H15 N2 O2 1'   147.195 
MET 'L-peptide linking' y METHIONINE                        ?    'C5 H11 N O2 S'    149.211 
PHE 'L-peptide linking' y PHENYLALANINE                     ?    'C9 H11 N O2'      165.189 
PRO 'L-peptide linking' y PROLINE                           ?    'C5 H9 N O2'       115.130 
SER 'L-peptide linking' y SERINE                            ?    'C3 H7 N O3'       105.093 
THR 'L-peptide linking' y THREONINE                         ?    'C4 H9 N O3'       119.119 
TRP 'L-peptide linking' y TRYPTOPHAN                        ?    'C11 H12 N2 O2'    204.225 
TYR 'L-peptide linking' y TYROSINE                          ?    'C9 H11 N O3'      181.189 
VAL 'L-peptide linking' y VALINE                            ?    'C5 H11 N O2'      117.146 
# 
loop_
_pdbx_poly_seq_scheme.asym_id 
_pdbx_poly_seq_scheme.entity_id 
_pdbx_poly_seq_scheme.seq_id 
_pdbx_poly_seq_scheme.mon_id 
_pdbx_poly_seq_scheme.ndb_seq_num 
_pdbx_poly_seq_scheme.pdb_seq_num 
_pdbx_poly_seq_scheme.auth_seq_num 
_pdbx_poly_seq_scheme.pdb_mon_id 
_pdbx_poly_seq_scheme.auth_mon_id 
_pdbx_poly_seq_scheme.pdb_strand_id 
_pdbx_poly_seq_scheme.pdb_ins_code 
_pdbx_poly_seq_scheme.hetero 
A 1 1   GLY 1   1   1   GLY GLY A . n 
A 1 2   LEU 2   2   2   LEU LEU A . n 
A 1 3   SER 3   3   3   SER SER A . n 
A 1 4   ASP 4   4   4   ASP ASP A . n 
A 1 5   GLY 5   5   5   GLY GLY A . n 
A 1 6   GLU 6   6   6   GLU GLU A . n 
A 1 7   TRP 7   7   7   TRP TRP A . n 
A 1 8   HIS 8   8   8   HIS HIS A . n 
A 1 9   LEU 9   9   9   LEU LEU A . n 
A 1 10  VAL 10  10  10  VAL VAL A . n 
A 1 11  LEU 11  11  11  LEU LEU A . n 
A 1 12  ASN 12  12  12  ASN ASN A . n 
A 1 13  VAL 13  13  13  VAL VAL A . n 
A 1 14  TRP 14  14  14  TRP TRP A . n 
A 1 15  GLY 15  15  15  GLY GLY A . n 
A 1 16  LYS 16  16  16  LYS LYS A . n 
A 1 17  VAL 17  17  17  VAL VAL A . n 
A 1 18  GLU 18  18  18  GLU GLU A . n 
A 1 19  THR 19  19  19  THR THR A . n 
A 1 20  ASP 20  20  20  ASP ASP A . n 
A 1 21  LEU 21  21  21  LEU LEU A . n 
A 1 22  ALA 22  22  22  ALA ALA A . n 
A 1 23  GLY 23  23  23  GLY GLY A . n 
A 1 24  HIS 24  24  24  HIS HIS A . n 
A 1 25  GLY 25  25  25  GLY GLY A . n 
A 1 26  GLN 26  26  26  GLN GLN A . n 
A 1 27  GLU 27  27  27  GLU GLU A . n 
A 1 28  VAL 28  28  28  VAL VAL A . n 
A 1 29  LEU 29  29  29  LEU LEU A . n 
A 1 30  ILE 30  30  30  ILE ILE A . n 
A 1 31  ARG 31  31  31  ARG ARG A . n 
A 1 32  LEU 32  32  32  LEU LEU A . n 
A 1 33  PHE 33  33  33  PHE PHE A . n 
A 1 34  LYS 34  34  34  LYS LYS A . n 
A 1 35  SER 35  35  35  SER SER A . n 
A 1 36  HIS 36  36  36  HIS HIS A . n 
A 1 37  PRO 37  37  37  PRO PRO A . n 
A 1 38  GLU 38  38  38  GLU GLU A . n 
A 1 39  THR 39  39  39  THR THR A . n 
A 1 40  LEU 40  40  40  LEU LEU A . n 
A 1 41  GLU 41  41  41  GLU GLU A . n 
A 1 42  LYS 42  42  42  LYS LYS A . n 
A 1 43  PHE 43  43  43  PHE PHE A . n 
A 1 44  ASP 44  44  44  ASP ASP A . n 
A 1 45  LYS 45  45  45  LYS LYS A . n 
A 1 46  PHE 46  46  46  PHE PHE A . n 
A 1 47  LYS 47  47  47  LYS LYS A . n 
A 1 48  HIS 48  48  48  HIS HIS A . n 
A 1 49  LEU 49  49  49  LEU LEU A . n 
A 1 50  LYS 50  50  50  LYS LYS A . n 
A 1 51  SER 51  51  51  SER SER A . n 
A 1 52  GLU 52  52  52  GLU GLU A . n 
A 1 53  ASP 53  53  53  ASP ASP A . n 
A 1 54  ASP 54  54  54  ASP ASP A . n 
A 1 55  MET 55  55  55  MET MET A . n 
A 1 56  ARG 56  56  56  ARG ARG A . n 
A 1 57  ARG 57  57  57  ARG ARG A . n 
A 1 58  SER 58  58  58  SER SER A . n 
A 1 59  GLU 59  59  59  GLU GLU A . n 
A 1 60  ASP 60  60  60  ASP ASP A . n 
A 1 61  LEU 61  61  61  LEU LEU A . n 
A 1 62  ARG 62  62  62  ARG ARG A . n 
A 1 63  LYS 63  63  63  LYS LYS A . n 
A 1 64  HIS 64  64  64  HIS HIS A . n 
A 1 65  GLY 65  65  65  GLY GLY A . n 
A 1 66  ASN 66  66  66  ASN ASN A . n 
A 1 67  THR 67  67  67  THR THR A . n 
A 1 68  VAL 68  68  68  VAL VAL A . n 
A 1 69  LEU 69  69  69  LEU LEU A . n 
A 1 70  THR 70  70  70  THR THR A . n 
A 1 71  ALA 71  71  71  ALA ALA A . n 
A 1 72  LEU 72  72  72  LEU LEU A . n 
A 1 73  GLY 73  73  73  GLY GLY A . n 
A 1 74  GLY 74  74  74  GLY GLY A . n 
A 1 75  ILE 75  75  75  ILE ILE A . n 
A 1 76  LEU 76  76  76  LEU LEU A . n 
A 1 77  LYS 77  77  77  LYS LYS A . n 
A 1 78  LYS 78  78  78  LYS LYS A . n 
A 1 79  LYS 79  79  79  LYS LYS A . n 
A 1 80  GLY 80  80  80  GLY GLY A . n 
A 1 81  HIS 81  81  81  HIS HIS A . n 
A 1 82  HIS 82  82  82  HIS HIS A . n 
A 1 83  GLU 83  83  83  GLU GLU A . n 
A 1 84  ALA 84  84  84  ALA ALA A . n 
A 1 85  GLU 85  85  85  GLU GLU A . n 
A 1 86  LEU 86  86  86  LEU LEU A . n 
A 1 87  LYS 87  87  87  LYS LYS A . n 
A 1 88  PRO 88  88  88  PRO PRO A . n 
A 1 89  LEU 89  89  89  LEU LEU A . n 
A 1 90  ALA 90  90  90  ALA ALA A . n 
A 1 91  GLN 91  91  91  GLN GLN A . n 
A 1 92  SER 92  92  92  SER SER A . n 
A 1 93  HIS 93  93  93  HIS HIS A . n 
A 1 94  ALA 94  94  94  ALA ALA A . n 
A 1 95  THR 95  95  95  THR THR A . n 
A 1 96  LYS 96  96  96  LYS LYS A . n 
A 1 97  HIS 97  97  97  HIS HIS A . n 
A 1 98  LYS 98  98  98  LYS LYS A . n 
A 1 99  ILE 99  99  99  ILE ILE A . n 
A 1 100 PRO 100 100 100 PRO PRO A . n 
A 1 101 ILE 101 101 101 ILE ILE A . n 
A 1 102 LYS 102 102 102 LYS LYS A . n 
A 1 103 TYR 103 103 103 TYR TYR A . n 
A 1 104 LEU 104 104 104 LEU LEU A . n 
A 1 105 GLU 105 105 105 GLU GLU A . n 
A 1 106 PHE 106 106 106 PHE PHE A . n 
A 1 107 ILE 107 107 107 ILE ILE A . n 
A 1 108 SER 108 108 108 SER SER A . n 
A 1 109 GLU 109 109 109 GLU GLU A . n 
A 1 110 ALA 110 110 110 ALA ALA A . n 
A 1 111 ILE 111 111 111 ILE ILE A . n 
A 1 112 ILE 112 112 112 ILE ILE A . n 
A 1 113 HIS 113 113 113 HIS HIS A . n 
A 1 114 VAL 114 114 114 VAL VAL A . n 
A 1 115 LEU 115 115 115 LEU LEU A . n 
A 1 116 HIS 116 116 116 HIS HIS A . n 
A 1 117 SER 117 117 117 SER SER A . n 
A 1 118 LYS 118 118 118 LYS LYS A . n 
A 1 119 HIS 119 119 119 HIS HIS A . n 
A 1 120 PRO 120 120 120 PRO PRO A . n 
A 1 121 ALA 121 121 121 ALA ALA A . n 
A 1 122 GLU 122 122 122 GLU GLU A . n 
A 1 123 PHE 123 123 123 PHE PHE A . n 
A 1 124 GLY 124 124 124 GLY GLY A . n 
A 1 125 ALA 125 125 125 ALA ALA A . n 
A 1 126 ASP 126 126 126 ASP ASP A . n 
A 1 127 ALA 127 127 127 ALA ALA A . n 
A 1 128 GLN 128 128 128 GLN GLN A . n 
A 1 129 ALA 129 129 129 ALA ALA A . n 
A 1 130 ALA 130 130 130 ALA ALA A . n 
A 1 131 MET 131 131 131 MET MET A . n 
A 1 132 LYS 132 132 132 LYS LYS A . n 
A 1 133 LYS 133 133 133 LYS LYS A . n 
A 1 134 ALA 134 134 134 ALA ALA A . n 
A 1 135 LEU 135 135 135 LEU LEU A . n 
A 1 136 GLU 136 136 136 GLU GLU A . n 
A 1 137 LEU 137 137 137 LEU LEU A . n 
A 1 138 PHE 138 138 138 PHE PHE A . n 
A 1 139 ARG 139 139 139 ARG ARG A . n 
A 1 140 ASN 140 140 140 ASN ASN A . n 
A 1 141 ASP 141 141 141 ASP ASP A . n 
A 1 142 ILE 142 142 142 ILE ILE A . n 
A 1 143 ALA 143 143 143 ALA ALA A . n 
A 1 144 ALA 144 144 144 ALA ALA A . n 
A 1 145 LYS 145 145 145 LYS LYS A . n 
A 1 146 TYR 146 146 146 TYR TYR A . n 
A 1 147 LYS 147 147 147 LYS LYS A . n 
A 1 148 GLU 148 148 148 GLU GLU A . n 
A 1 149 LEU 149 149 149 LEU LEU A . n 
A 1 150 GLY 150 150 150 GLY GLY A . n 
A 1 151 PHE 151 151 151 PHE PHE A . n 
A 1 152 HIS 152 152 152 HIS HIS A . n 
A 1 153 GLY 153 153 153 GLY GLY A . n 
# 
_pdbx_nonpoly_scheme.asym_id         B 
_pdbx_nonpoly_scheme.entity_id       2 
_pdbx_nonpoly_scheme.mon_id          HEM 
_pdbx_nonpoly_scheme.ndb_seq_num     1 
_pdbx_nonpoly_scheme.pdb_seq_num     154 
_pdbx_nonpoly_scheme.auth_seq_num    1 
_pdbx_nonpoly_scheme.pdb_mon_id      HEM 
_pdbx_nonpoly_scheme.auth_mon_id     HEM 
_pdbx_nonpoly_scheme.pdb_strand_id   A 
_pdbx_nonpoly_scheme.pdb_ins_code    . 
# 
_cell.entry_id           1MBS 
_cell.length_a           57.810 
_cell.length_b           29.700 
_cell.length_c           106.090 
_cell.angle_alpha        90.00 
_cell.angle_beta         101.99 
_cell.angle_gamma        90.00 
_cell.Z_PDB              4 
_cell.pdbx_unique_axis   ? 
# 
_symmetry.entry_id                         1MBS 
_symmetry.space_group_name_H-M             'A 1 2 1' 
_symmetry.pdbx_full_space_group_name_H-M   ? 
_symmetry.cell_setting                     ? 
_symmetry.Int_Tables_number                5 
# 
_exptl.entry_id          1MBS 
_exptl.method            'X-RAY DIFFRACTION' 
_exptl.crystals_number   ? 
# 
_exptl_crystal.id                    1 
_exptl_crystal.density_meas          ? 
_exptl_crystal.density_Matthews      2.57 
_exptl_crystal.density_percent_sol   52.12 
_exptl_crystal.description           ? 
# 
_diffrn.id                     1 
_diffrn.ambient_temp           ? 
_diffrn.ambient_temp_details   ? 
_diffrn.crystal_id             1 
# 
_diffrn_radiation.diffrn_id                        1 
_diffrn_radiation.wavelength_id                    1 
_diffrn_radiation.pdbx_monochromatic_or_laue_m_l   ? 
_diffrn_radiation.monochromator                    ? 
_diffrn_radiation.pdbx_diffrn_protocol             ? 
_diffrn_radiation.pdbx_scattering_type             x-ray 
# 
_diffrn_radiation_wavelength.id           1 
_diffrn_radiation_wavelength.wavelength   . 
_diffrn_radiation_wavelength.wt           1.0 
# 
_refine.entry_id                                 1MBS 
_refine.ls_number_reflns_obs                     ? 
_refine.ls_number_reflns_all                     ? 
_refine.pdbx_ls_sigma_I                          ? 
_refine.pdbx_ls_sigma_F                          ? 
_refine.pdbx_data_cutoff_high_absF               ? 
_refine.pdbx_data_cutoff_low_absF                ? 
_refine.pdbx_data_cutoff_high_rms_absF           ? 
_refine.ls_d_res_low                             ? 
_refine.ls_d_res_high                            2.5 
_refine.ls_percent_reflns_obs                    ? 
_refine.ls_R_factor_obs                          ? 
_refine.ls_R_factor_all                          ? 
_refine.ls_R_factor_R_work                       ? 
_refine.ls_R_factor_R_free                       ? 
_refine.ls_R_factor_R_free_error                 ? 
_refine.ls_R_factor_R_free_error_details         ? 
_refine.ls_percent_reflns_R_free                 ? 
_refine.ls_number_reflns_R_free                  ? 
_refine.ls_number_parameters                     ? 
_refine.ls_number_restraints                     ? 
_refine.occupancy_min                            ? 
_refine.occupancy_max                            ? 
_refine.B_iso_mean                               ? 
_refine.aniso_B[1][1]                            ? 
_refine.aniso_B[2][2]                            ? 
_refine.aniso_B[3][3]                            ? 
_refine.aniso_B[1][2]                            ? 
_refine.aniso_B[1][3]                            ? 
_refine.aniso_B[2][3]                            ? 
_refine.solvent_model_details                    ? 
_refine.solvent_model_param_ksol                 ? 
_refine.solvent_model_param_bsol                 ? 
_refine.pdbx_ls_cross_valid_method               ? 
_refine.details                                  
;AUTHORS MAINTAIN THAT THE ORIENTATION OF THE LAST THREE RESIDUES (PHE 151, HIS 152, GLY 153) IS UNCERTAIN. ALSO, IN RESIDUE LYS 147 THE ORIENTATION OF THE SIDE CHAIN FROM ATOM CG IS DOUBTFUL.
;
_refine.pdbx_starting_model                      ? 
_refine.pdbx_method_to_determine_struct          ? 
_refine.pdbx_isotropic_thermal_model             ? 
_refine.pdbx_stereochemistry_target_values       ? 
_refine.pdbx_stereochem_target_val_spec_case     ? 
_refine.pdbx_R_Free_selection_details            ? 
_refine.pdbx_overall_ESU_R                       ? 
_refine.pdbx_overall_ESU_R_Free                  ? 
_refine.overall_SU_ML                            ? 
_refine.overall_SU_B                             ? 
_refine.pdbx_refine_id                           'X-RAY DIFFRACTION' 
_refine.pdbx_diffrn_id                           1 
_refine.pdbx_TLS_residual_ADP_flag               ? 
_refine.correlation_coeff_Fo_to_Fc               ? 
_refine.correlation_coeff_Fo_to_Fc_free          ? 
_refine.pdbx_solvent_vdw_probe_radii             ? 
_refine.pdbx_solvent_ion_probe_radii             ? 
_refine.pdbx_solvent_shrinkage_radii             ? 
_refine.pdbx_overall_phase_error                 ? 
_refine.overall_SU_R_Cruickshank_DPI             ? 
_refine.pdbx_overall_SU_R_free_Cruickshank_DPI   ? 
_refine.pdbx_overall_SU_R_Blow_DPI               ? 
_refine.pdbx_overall_SU_R_free_Blow_DPI          ? 
# 
_refine_hist.pdbx_refine_id                   'X-RAY DIFFRACTION' 
_refine_hist.cycle_id                         LAST 
_refine_hist.pdbx_number_atoms_protein        1223 
_refine_hist.pdbx_number_atoms_nucleic_acid   0 
_refine_hist.pdbx_number_atoms_ligand         43 
_refine_hist.number_atoms_solvent             0 
_refine_hist.number_atoms_total               1266 
_refine_hist.d_res_high                       2.5 
_refine_hist.d_res_low                        . 
# 
_struct.entry_id                  1MBS 
_struct.title                     'X-RAY CRYSTALLOGRAPHIC STUDIES OF SEAL MYOGLOBIN. THE MOLECULE AT 2.5 ANGSTROMS RESOLUTION' 
_struct.pdbx_model_details        ? 
_struct.pdbx_CASP_flag            ? 
_struct.pdbx_model_type_details   ? 
# 
_struct_keywords.entry_id        1MBS 
_struct_keywords.pdbx_keywords   'OXYGEN TRANSPORT' 
_struct_keywords.text            'OXYGEN TRANSPORT' 
# 
loop_
_struct_asym.id 
_struct_asym.pdbx_blank_PDB_chainid_flag 
_struct_asym.pdbx_modified 
_struct_asym.entity_id 
_struct_asym.details 
A N N 1 ? 
B N N 2 ? 
# 
_struct_ref.id                         1 
_struct_ref.db_name                    UNP 
_struct_ref.db_code                    MYG_HALGR 
_struct_ref.entity_id                  1 
_struct_ref.pdbx_db_accession          P02162 
_struct_ref.pdbx_align_begin           1 
_struct_ref.pdbx_seq_one_letter_code   
;GLSDGEWHLVLNVWGKVETDLAGHGQEVLIRLFKSHPETLEKFDKFKHLKSEDDMRRSEDLRKHGNTVLTALGGILKKKG
HHEAELKPLAQSHATKHKIPIKYLEFISEAIIHVLHSKHPAEFGADAQAAMKKALELFRNDIAAKYKELGFHG
;
_struct_ref.pdbx_db_isoform            ? 
# 
_struct_ref_seq.align_id                      1 
_struct_ref_seq.ref_id                        1 
_struct_ref_seq.pdbx_PDB_id_code              1MBS 
_struct_ref_seq.pdbx_strand_id                A 
_struct_ref_seq.seq_align_beg                 1 
_struct_ref_seq.pdbx_seq_align_beg_ins_code   ? 
_struct_ref_seq.seq_align_end                 153 
_struct_ref_seq.pdbx_seq_align_end_ins_code   ? 
_struct_ref_seq.pdbx_db_accession             P02162 
_struct_ref_seq.db_align_beg                  1 
_struct_ref_seq.pdbx_db_align_beg_ins_code    ? 
_struct_ref_seq.db_align_end                  153 
_struct_ref_seq.pdbx_db_align_end_ins_code    ? 
_struct_ref_seq.pdbx_auth_seq_align_beg       1 
_struct_ref_seq.pdbx_auth_seq_align_end       153 
# 
_pdbx_struct_assembly.id                   1 
_pdbx_struct_assembly.details              author_defined_assembly 
_pdbx_struct_assembly.method_details       ? 
_pdbx_struct_assembly.oligomeric_details   monomeric 
_pdbx_struct_assembly.oligomeric_count     1 
# 
_pdbx_struct_assembly_gen.assembly_id       1 
_pdbx_struct_assembly_gen.oper_expression   1 
_pdbx_struct_assembly_gen.asym_id_list      A,B 
# 
_pdbx_struct_oper_list.id                   1 
_pdbx_struct_oper_list.type                 'identity operation' 
_pdbx_struct_oper_list.name                 1_555 
_pdbx_struct_oper_list.symmetry_operation   x,y,z 
_pdbx_struct_oper_list.matrix[1][1]         1.0000000000 
_pdbx_struct_oper_list.matrix[1][2]         0.0000000000 
_pdbx_struct_oper_list.matrix[1][3]         0.0000000000 
_pdbx_struct_oper_list.vector[1]            0.0000000000 
_pdbx_struct_oper_list.matrix[2][1]         0.0000000000 
_pdbx_struct_oper_list.matrix[2][2]         1.0000000000 
_pdbx_struct_oper_list.matrix[2][3]         0.0000000000 
_pdbx_struct_oper_list.vector[2]            0.0000000000 
_pdbx_struct_oper_list.matrix[3][1]         0.0000000000 
_pdbx_struct_oper_list.matrix[3][2]         0.0000000000 
_pdbx_struct_oper_list.matrix[3][3]         1.0000000000 
_pdbx_struct_oper_list.vector[3]            0.0000000000 
# 
_struct_biol.id   1 
# 
loop_
_struct_conf.conf_type_id 
_struct_conf.id 
_struct_conf.pdbx_PDB_helix_id 
_struct_conf.beg_label_comp_id 
_struct_conf.beg_label_asym_id 
_struct_conf.beg_label_seq_id 
_struct_conf.pdbx_beg_PDB_ins_code 
_struct_conf.end_label_comp_id 
_struct_conf.end_label_asym_id 
_struct_conf.end_label_seq_id 
_struct_conf.pdbx_end_PDB_ins_code 
_struct_conf.beg_auth_comp_id 
_struct_conf.beg_auth_asym_id 
_struct_conf.beg_auth_seq_id 
_struct_conf.end_auth_comp_id 
_struct_conf.end_auth_asym_id 
_struct_conf.end_auth_seq_id 
_struct_conf.pdbx_PDB_helix_class 
_struct_conf.details 
_struct_conf.pdbx_PDB_helix_length 
HELX_P HELX_P1 A SER A 3   ? GLU A 18  ? SER A 3   GLU A 18  1 'AS IN SPERM WHALE MYOGLOBIN' 16 
HELX_P HELX_P2 B ASP A 20  ? SER A 35  ? ASP A 20  SER A 35  1 'AS IN SPERM WHALE MYOGLOBIN' 16 
HELX_P HELX_P3 C HIS A 36  ? LYS A 42  ? HIS A 36  LYS A 42  1 'AS IN SPERM WHALE MYOGLOBIN' 7  
HELX_P HELX_P4 D SER A 51  ? ARG A 57  ? SER A 51  ARG A 57  1 'AS IN SPERM WHALE MYOGLOBIN' 7  
HELX_P HELX_P5 E SER A 58  ? LYS A 77  ? SER A 58  LYS A 77  1 'AS IN SPERM WHALE MYOGLOBIN' 20 
HELX_P HELX_P6 F LEU A 86  ? THR A 95  ? LEU A 86  THR A 95  1 'AS IN SPERM WHALE MYOGLOBIN' 10 
HELX_P HELX_P7 G PRO A 100 ? LYS A 118 ? PRO A 100 LYS A 118 1 'AS IN SPERM WHALE MYOGLOBIN' 19 
HELX_P HELX_P8 H GLY A 124 ? LEU A 149 ? GLY A 124 LEU A 149 1 'AS IN SPERM WHALE MYOGLOBIN' 26 
# 
_struct_conf_type.id          HELX_P 
_struct_conf_type.criteria    ? 
_struct_conf_type.reference   ? 
# 
_struct_mon_prot_cis.pdbx_id                1 
_struct_mon_prot_cis.label_comp_id          PRO 
_struct_mon_prot_cis.label_seq_id           120 
_struct_mon_prot_cis.label_asym_id          A 
_struct_mon_prot_cis.label_alt_id           . 
_struct_mon_prot_cis.pdbx_PDB_ins_code      ? 
_struct_mon_prot_cis.auth_comp_id           PRO 
_struct_mon_prot_cis.auth_seq_id            120 
_struct_mon_prot_cis.auth_asym_id           A 
_struct_mon_prot_cis.pdbx_label_comp_id_2   ALA 
_struct_mon_prot_cis.pdbx_label_seq_id_2    121 
_struct_mon_prot_cis.pdbx_label_asym_id_2   A 
_struct_mon_prot_cis.pdbx_PDB_ins_code_2    ? 
_struct_mon_prot_cis.pdbx_auth_comp_id_2    ALA 
_struct_mon_prot_cis.pdbx_auth_seq_id_2     121 
_struct_mon_prot_cis.pdbx_auth_asym_id_2    A 
_struct_mon_prot_cis.pdbx_PDB_model_num     1 
_struct_mon_prot_cis.pdbx_omega_angle       0.05 
# 
_struct_site.id                   AC1 
_struct_site.pdbx_evidence_code   Software 
_struct_site.pdbx_auth_asym_id    A 
_struct_site.pdbx_auth_comp_id    HEM 
_struct_site.pdbx_auth_seq_id     154 
_struct_site.pdbx_auth_ins_code   ? 
_struct_site.pdbx_num_residues    7 
_struct_site.details              'BINDING SITE FOR RESIDUE HEM A 154' 
# 
loop_
_struct_site_gen.id 
_struct_site_gen.site_id 
_struct_site_gen.pdbx_num_res 
_struct_site_gen.label_comp_id 
_struct_site_gen.label_asym_id 
_struct_site_gen.label_seq_id 
_struct_site_gen.pdbx_auth_ins_code 
_struct_site_gen.auth_comp_id 
_struct_site_gen.auth_asym_id 
_struct_site_gen.auth_seq_id 
_struct_site_gen.label_atom_id 
_struct_site_gen.label_alt_id 
_struct_site_gen.symmetry 
_struct_site_gen.details 
1 AC1 7 LYS A 45  ? LYS A 45  . ? 1_555 ? 
2 AC1 7 THR A 67  ? THR A 67  . ? 1_555 ? 
3 AC1 7 LEU A 89  ? LEU A 89  . ? 1_555 ? 
4 AC1 7 SER A 92  ? SER A 92  . ? 1_555 ? 
5 AC1 7 HIS A 93  ? HIS A 93  . ? 1_555 ? 
6 AC1 7 HIS A 97  ? HIS A 97  . ? 1_555 ? 
7 AC1 7 ILE A 107 ? ILE A 107 . ? 1_555 ? 
# 
loop_
_pdbx_validate_close_contact.id 
_pdbx_validate_close_contact.PDB_model_num 
_pdbx_validate_close_contact.auth_atom_id_1 
_pdbx_validate_close_contact.auth_asym_id_1 
_pdbx_validate_close_contact.auth_comp_id_1 
_pdbx_validate_close_contact.auth_seq_id_1 
_pdbx_validate_close_contact.PDB_ins_code_1 
_pdbx_validate_close_contact.label_alt_id_1 
_pdbx_validate_close_contact.auth_atom_id_2 
_pdbx_validate_close_contact.auth_asym_id_2 
_pdbx_validate_close_contact.auth_comp_id_2 
_pdbx_validate_close_contact.auth_seq_id_2 
_pdbx_validate_close_contact.PDB_ins_code_2 
_pdbx_validate_close_contact.label_alt_id_2 
_pdbx_validate_close_contact.dist 
1  1 O  A GLU 18  ? ? CE1 A HIS 24  ? ? 1.36 
2  1 O  A GLU 85  ? ? CG  A PRO 88  ? ? 1.40 
3  1 O  A LYS 77  ? ? N   A LYS 79  ? ? 1.57 
4  1 O  A LYS 147 ? ? CB  A HIS 152 ? ? 1.63 
5  1 O  A ARG 31  ? ? OG  A SER 35  ? ? 1.64 
6  1 O  A GLU 18  ? ? NE2 A HIS 24  ? ? 1.69 
7  1 O  A LYS 98  ? ? CD  A PRO 100 ? ? 1.78 
8  1 O  A LYS 147 ? ? CG  A HIS 152 ? ? 1.84 
9  1 O  A LEU 2   ? ? CB  A GLU 6   ? ? 1.85 
10 1 O  A GLU 85  ? ? CD  A PRO 88  ? ? 1.86 
11 1 CB A LYS 102 ? ? CZ  A PHE 106 ? ? 1.94 
12 1 O  A GLU 18  ? ? ND1 A HIS 24  ? ? 1.95 
13 1 O  A ASP 20  ? ? ND1 A HIS 24  ? ? 1.96 
14 1 N  A ASP 20  ? ? CE1 A HIS 24  ? ? 1.98 
15 1 O  A GLU 18  ? ? N   A ASP 20  ? ? 2.00 
16 1 O  A ILE 75  ? ? CB  A HIS 82  ? ? 2.00 
17 1 CB A HIS 36  ? ? OE1 A GLU 38  ? ? 2.07 
18 1 O  A GLN 128 ? ? CG  A MET 131 ? ? 2.10 
19 1 CB A HIS 93  ? ? OH  A TYR 146 ? ? 2.12 
20 1 C  A ASP 20  ? ? ND1 A HIS 24  ? ? 2.15 
21 1 O  A GLY 1   ? ? N   A SER 3   ? ? 2.16 
22 1 N  A ALA 22  ? ? ND2 A ASN 66  ? ? 2.17 
# 
loop_
_pdbx_validate_symm_contact.id 
_pdbx_validate_symm_contact.PDB_model_num 
_pdbx_validate_symm_contact.auth_atom_id_1 
_pdbx_validate_symm_contact.auth_asym_id_1 
_pdbx_validate_symm_contact.auth_comp_id_1 
_pdbx_validate_symm_contact.auth_seq_id_1 
_pdbx_validate_symm_contact.PDB_ins_code_1 
_pdbx_validate_symm_contact.label_alt_id_1 
_pdbx_validate_symm_contact.site_symmetry_1 
_pdbx_validate_symm_contact.auth_atom_id_2 
_pdbx_validate_symm_contact.auth_asym_id_2 
_pdbx_validate_symm_contact.auth_comp_id_2 
_pdbx_validate_symm_contact.auth_seq_id_2 
_pdbx_validate_symm_contact.PDB_ins_code_2 
_pdbx_validate_symm_contact.label_alt_id_2 
_pdbx_validate_symm_contact.site_symmetry_2 
_pdbx_validate_symm_contact.dist 
1   1 O   A ALA 90  ? ? 1_555 C   A LEU 149 ? ? 2_555 0.36 
2   1 CG  A LYS 145 ? ? 1_555 CZ  A PHE 151 ? ? 2_555 0.42 
3   1 CD2 A LEU 104 ? ? 1_555 OE1 A GLU 148 ? ? 2_555 0.49 
4   1 N   A TYR 146 ? ? 1_555 CB  A TYR 146 ? ? 2_555 0.58 
5   1 C   A LYS 145 ? ? 1_555 CG  A TYR 146 ? ? 2_555 0.59 
6   1 CD  A LYS 145 ? ? 1_555 CD1 A PHE 151 ? ? 2_555 0.67 
7   1 N   A ALA 143 ? ? 1_555 CG  A LYS 147 ? ? 2_555 0.68 
8   1 CD  A LYS 145 ? ? 1_555 CE1 A PHE 151 ? ? 2_555 0.74 
9   1 CB  A ALA 90  ? ? 1_555 N   A PHE 151 ? ? 2_555 0.75 
10  1 CA  A ALA 94  ? ? 1_555 CD1 A LEU 149 ? ? 2_555 0.79 
11  1 CD2 A LEU 104 ? ? 1_555 CD  A GLU 148 ? ? 2_555 0.86 
12  1 OD1 A ASN 12  ? ? 1_555 CB  A LYS 16  ? ? 2_655 0.92 
13  1 O   A ILE 142 ? ? 1_555 N   A LYS 147 ? ? 2_555 0.97 
14  1 O   A LYS 145 ? ? 1_555 CG  A TYR 146 ? ? 2_555 1.01 
15  1 CG  A ASN 12  ? ? 1_555 CG  A LYS 16  ? ? 2_655 1.03 
16  1 CG  A LYS 145 ? ? 1_555 CE1 A PHE 151 ? ? 2_555 1.04 
17  1 OD1 A ASN 12  ? ? 1_555 CG  A LYS 16  ? ? 2_655 1.04 
18  1 N   A ALA 143 ? ? 1_555 CB  A LYS 147 ? ? 2_555 1.04 
19  1 CG2 A ILE 142 ? ? 1_555 CD2 A HIS 152 ? ? 2_555 1.06 
20  1 CG  A LEU 104 ? ? 1_555 OE1 A GLU 148 ? ? 2_555 1.08 
21  1 C   A ILE 142 ? ? 1_555 CB  A LYS 147 ? ? 2_555 1.08 
22  1 CB  A ILE 142 ? ? 1_555 CD2 A HIS 152 ? ? 2_555 1.09 
23  1 CG  A ASN 12  ? ? 1_555 CB  A LYS 16  ? ? 2_655 1.09 
24  1 CE  A LYS 145 ? ? 1_555 CD1 A PHE 151 ? ? 2_555 1.10 
25  1 C   A HIS 93  ? ? 1_555 CB  A LEU 149 ? ? 2_555 1.12 
26  1 CG2 A ILE 142 ? ? 1_555 CG  A HIS 152 ? ? 2_555 1.13 
27  1 N   A TYR 146 ? ? 1_555 CA  A TYR 146 ? ? 2_555 1.16 
28  1 CE  A LYS 145 ? ? 1_555 CG  A PHE 151 ? ? 2_555 1.20 
29  1 CG  A LEU 86  ? ? 1_555 N   A GLY 153 ? ? 2_555 1.22 
30  1 C   A ILE 142 ? ? 1_555 CA  A LYS 147 ? ? 2_555 1.23 
31  1 N   A ALA 94  ? ? 1_555 CB  A LEU 149 ? ? 2_555 1.25 
32  1 CA  A TYR 146 ? ? 1_555 CA  A TYR 146 ? ? 2_555 1.25 
33  1 O   A ALA 90  ? ? 1_555 N   A GLY 150 ? ? 2_555 1.27 
34  1 C   A LYS 145 ? ? 1_555 CD1 A TYR 146 ? ? 2_555 1.28 
35  1 ND1 A HIS 8   ? ? 1_555 CD  A LYS 16  ? ? 2_655 1.28 
36  1 CB  A LYS 145 ? ? 1_555 CZ  A PHE 151 ? ? 2_555 1.29 
37  1 CA  A LYS 145 ? ? 1_555 CD1 A TYR 146 ? ? 2_555 1.30 
38  1 N   A ALA 94  ? ? 1_555 CG  A LEU 149 ? ? 2_555 1.30 
39  1 C   A ALA 90  ? ? 1_555 N   A GLY 150 ? ? 2_555 1.33 
40  1 CA  A ALA 143 ? ? 1_555 CD  A LYS 147 ? ? 2_555 1.33 
41  1 O   A ALA 90  ? ? 1_555 O   A LEU 149 ? ? 2_555 1.34 
42  1 O   A LYS 145 ? ? 1_555 CD2 A TYR 146 ? ? 2_555 1.36 
43  1 O   A LYS 145 ? ? 1_555 CD1 A TYR 146 ? ? 2_555 1.36 
44  1 C   A ILE 142 ? ? 1_555 CG  A LYS 147 ? ? 2_555 1.36 
45  1 C   A LYS 145 ? ? 1_555 CB  A TYR 146 ? ? 2_555 1.38 
46  1 CA  A HIS 93  ? ? 1_555 CB  A LEU 149 ? ? 2_555 1.38 
47  1 C   A ALA 94  ? ? 1_555 CD1 A LEU 149 ? ? 2_555 1.38 
48  1 CB  A ALA 143 ? ? 1_555 CD  A LYS 147 ? ? 2_555 1.38 
49  1 C   A HIS 93  ? ? 1_555 CG  A LEU 149 ? ? 2_555 1.41 
50  1 CG  A LEU 86  ? ? 1_555 CA  A GLY 153 ? ? 2_555 1.44 
51  1 O   A ILE 142 ? ? 1_555 CA  A LYS 147 ? ? 2_555 1.45 
52  1 CD1 A LEU 86  ? ? 1_555 O   A HIS 152 ? ? 2_555 1.47 
53  1 N   A ALA 94  ? ? 1_555 CD1 A LEU 149 ? ? 2_555 1.48 
54  1 O   A ALA 143 ? ? 1_555 O   A ALA 143 ? ? 2_555 1.49 
55  1 N   A TYR 146 ? ? 1_555 CG  A TYR 146 ? ? 2_555 1.50 
56  1 CD2 A LEU 86  ? ? 1_555 O   A PHE 151 ? ? 2_555 1.50 
57  1 CG1 A ILE 142 ? ? 1_555 CD2 A HIS 152 ? ? 2_555 1.51 
58  1 OH  A TYR 146 ? ? 1_555 N   A LEU 149 ? ? 2_555 1.51 
59  1 CA  A ALA 143 ? ? 1_555 CG  A LYS 147 ? ? 2_555 1.51 
60  1 CB  A HIS 8   ? ? 1_555 CD2 A HIS 119 ? ? 2_655 1.51 
61  1 CB  A HIS 8   ? ? 1_555 CE  A LYS 16  ? ? 2_655 1.52 
62  1 CD1 A LEU 86  ? ? 1_555 C   A HIS 152 ? ? 2_555 1.53 
63  1 CG  A LYS 145 ? ? 1_555 CE2 A PHE 151 ? ? 2_555 1.54 
64  1 CB  A LYS 145 ? ? 1_555 CE2 A PHE 151 ? ? 2_555 1.54 
65  1 CZ  A TYR 146 ? ? 1_555 N   A LEU 149 ? ? 2_555 1.55 
66  1 OH  A TYR 146 ? ? 1_555 C   A GLU 148 ? ? 2_555 1.55 
67  1 C   A ALA 90  ? ? 1_555 C   A LEU 149 ? ? 2_555 1.56 
68  1 NE2 A HIS 8   ? ? 1_555 O   A HIS 119 ? ? 2_655 1.56 
69  1 CB  A HIS 8   ? ? 1_555 NE2 A HIS 119 ? ? 2_655 1.57 
70  1 N   A ALA 143 ? ? 1_555 CD  A LYS 147 ? ? 2_555 1.57 
71  1 CG1 A ILE 142 ? ? 1_555 NE2 A HIS 152 ? ? 2_555 1.58 
72  1 O   A HIS 93  ? ? 1_555 CD2 A LEU 149 ? ? 2_555 1.59 
73  1 O   A LYS 87  ? ? 1_555 O   A GLY 150 ? ? 2_555 1.59 
74  1 C   A HIS 8   ? ? 1_555 CE  A LYS 16  ? ? 2_655 1.61 
75  1 CA  A HIS 8   ? ? 1_555 CE  A LYS 16  ? ? 2_655 1.62 
76  1 O   A ALA 90  ? ? 1_555 CA  A LEU 149 ? ? 2_555 1.62 
77  1 CB  A ILE 142 ? ? 1_555 CG  A HIS 152 ? ? 2_555 1.63 
78  1 OD1 A ASN 12  ? ? 1_555 CD  A LYS 16  ? ? 2_655 1.64 
79  1 CD2 A LEU 86  ? ? 1_555 C   A PHE 151 ? ? 2_555 1.66 
80  1 CA  A ILE 142 ? ? 1_555 CA  A LYS 147 ? ? 2_555 1.67 
81  1 C   A GLN 91  ? ? 1_555 O   A LEU 149 ? ? 2_555 1.68 
82  1 CD2 A LEU 86  ? ? 1_555 N   A GLY 153 ? ? 2_555 1.68 
83  1 CB  A HIS 8   ? ? 1_555 NZ  A LYS 16  ? ? 2_655 1.68 
84  1 CE2 A TYR 146 ? ? 1_555 N   A LEU 149 ? ? 2_555 1.69 
85  1 CA  A ILE 142 ? ? 1_555 CB  A LYS 147 ? ? 2_555 1.70 
86  1 CG  A HIS 8   ? ? 1_555 CE  A LYS 16  ? ? 2_655 1.71 
87  1 ND2 A ASN 12  ? ? 1_555 CG  A LYS 16  ? ? 2_655 1.72 
88  1 CA  A LYS 98  ? ? 1_555 CD2 A LEU 149 ? ? 2_555 1.72 
89  1 O   A GLN 91  ? ? 1_555 O   A LEU 149 ? ? 2_555 1.72 
90  1 CG2 A ILE 99  ? ? 1_555 O   A ALA 144 ? ? 2_555 1.74 
91  1 O   A ARG 139 ? ? 1_555 CE  A LYS 147 ? ? 2_555 1.76 
92  1 C   A TYR 146 ? ? 1_555 CD2 A TYR 146 ? ? 2_555 1.76 
93  1 CB  A ILE 99  ? ? 1_555 CB  A GLU 148 ? ? 2_555 1.77 
94  1 CG  A HIS 8   ? ? 1_555 CD2 A HIS 119 ? ? 2_655 1.78 
95  1 CB  A ALA 90  ? ? 1_555 CA  A PHE 151 ? ? 2_555 1.78 
96  1 CA  A LYS 87  ? ? 1_555 CB  A PHE 151 ? ? 2_555 1.80 
97  1 C   A ALA 143 ? ? 1_555 O   A ALA 143 ? ? 2_555 1.80 
98  1 CE2 A TYR 146 ? ? 1_555 N   A GLU 148 ? ? 2_555 1.81 
99  1 CA  A ALA 143 ? ? 1_555 O   A ALA 143 ? ? 2_555 1.82 
100 1 CB  A HIS 93  ? ? 1_555 O   A GLU 148 ? ? 2_555 1.82 
101 1 CD1 A ILE 142 ? ? 1_555 N   A GLU 148 ? ? 2_555 1.82 
102 1 C   A ILE 142 ? ? 1_555 N   A LYS 147 ? ? 2_555 1.83 
103 1 N   A GLN 91  ? ? 1_555 C   A GLY 150 ? ? 2_555 1.85 
104 1 CB  A ALA 90  ? ? 1_555 C   A GLY 150 ? ? 2_555 1.86 
105 1 CD1 A LEU 86  ? ? 1_555 N   A GLY 153 ? ? 2_555 1.86 
106 1 CD  A LYS 145 ? ? 1_555 CG  A PHE 151 ? ? 2_555 1.88 
107 1 C   A ALA 90  ? ? 1_555 CA  A GLY 150 ? ? 2_555 1.88 
108 1 CA  A HIS 8   ? ? 1_555 NZ  A LYS 16  ? ? 2_655 1.88 
109 1 CB  A HIS 93  ? ? 1_555 CB  A LEU 149 ? ? 2_555 1.88 
110 1 CB  A ILE 142 ? ? 1_555 O   A LYS 147 ? ? 2_555 1.89 
111 1 O   A HIS 93  ? ? 1_555 CG  A LEU 149 ? ? 2_555 1.90 
112 1 CA  A ALA 94  ? ? 1_555 CG  A LEU 149 ? ? 2_555 1.91 
113 1 ND1 A HIS 8   ? ? 1_555 CE  A LYS 16  ? ? 2_655 1.92 
114 1 CA  A TYR 146 ? ? 1_555 CB  A TYR 146 ? ? 2_555 1.92 
115 1 CD  A LYS 145 ? ? 1_555 CZ  A PHE 151 ? ? 2_555 1.93 
116 1 CG2 A ILE 142 ? ? 1_555 CB  A HIS 152 ? ? 2_555 1.94 
117 1 N   A GLN 91  ? ? 1_555 CA  A GLY 150 ? ? 2_555 1.94 
118 1 CB  A ILE 142 ? ? 1_555 C   A LYS 147 ? ? 2_555 1.94 
119 1 ND2 A ASN 12  ? ? 1_555 CB  A LYS 16  ? ? 2_655 1.94 
120 1 CA  A ALA 90  ? ? 1_555 N   A PHE 151 ? ? 2_555 1.95 
121 1 CD2 A LEU 104 ? ? 1_555 CG  A GLU 148 ? ? 2_555 1.96 
122 1 O   A ILE 142 ? ? 1_555 C   A TYR 146 ? ? 2_555 1.96 
123 1 CD2 A HIS 8   ? ? 1_555 O   A PRO 120 ? ? 2_655 1.96 
124 1 CG  A HIS 93  ? ? 1_555 O   A GLU 148 ? ? 2_555 1.96 
125 1 ND1 A HIS 93  ? ? 1_555 O   A GLU 148 ? ? 2_555 1.97 
126 1 CG1 A ILE 142 ? ? 1_555 CB  A LYS 147 ? ? 2_555 1.97 
127 1 CD2 A LEU 104 ? ? 1_555 OE2 A GLU 148 ? ? 2_555 1.97 
128 1 N   A GLN 91  ? ? 1_555 O   A GLY 150 ? ? 2_555 1.98 
129 1 CE1 A HIS 8   ? ? 1_555 O   A HIS 119 ? ? 2_655 1.98 
130 1 C   A HIS 93  ? ? 1_555 CD2 A LEU 149 ? ? 2_555 1.99 
131 1 O   A LEU 86  ? ? 1_555 O   A PHE 151 ? ? 2_555 1.99 
132 1 C   A HIS 93  ? ? 1_555 CD1 A LEU 149 ? ? 2_555 2.02 
133 1 CA  A ALA 90  ? ? 1_555 N   A GLY 150 ? ? 2_555 2.03 
134 1 NE2 A HIS 8   ? ? 1_555 O   A PRO 120 ? ? 2_655 2.03 
135 1 CG  A LEU 86  ? ? 1_555 C   A HIS 152 ? ? 2_555 2.04 
136 1 CB  A HIS 93  ? ? 1_555 CA  A LEU 149 ? ? 2_555 2.04 
137 1 NZ  A LYS 145 ? ? 1_555 CD1 A PHE 151 ? ? 2_555 2.04 
138 1 CG  A LYS 145 ? ? 1_555 CD1 A PHE 151 ? ? 2_555 2.05 
139 1 ND2 A ASN 12  ? ? 1_555 CA  A LYS 16  ? ? 2_655 2.06 
140 1 CB  A ILE 142 ? ? 1_555 CA  A LYS 147 ? ? 2_555 2.06 
141 1 NE2 A HIS 8   ? ? 1_555 OE1 A GLU 122 ? ? 2_655 2.06 
142 1 O   A ALA 94  ? ? 1_555 CD1 A LEU 149 ? ? 2_555 2.07 
143 1 CD1 A LEU 104 ? ? 1_555 OE1 A GLU 148 ? ? 2_555 2.07 
144 1 CD2 A HIS 8   ? ? 1_555 O   A HIS 119 ? ? 2_655 2.08 
145 1 C   A ALA 143 ? ? 1_555 CG  A LYS 147 ? ? 2_555 2.10 
146 1 N   A HIS 93  ? ? 1_555 CB  A LEU 149 ? ? 2_555 2.10 
147 1 C   A ALA 90  ? ? 1_555 O   A LEU 149 ? ? 2_555 2.11 
148 1 CA  A GLN 91  ? ? 1_555 O   A LEU 149 ? ? 2_555 2.11 
149 1 CE  A LYS 145 ? ? 1_555 CB  A PHE 151 ? ? 2_555 2.11 
150 1 CB  A ILE 142 ? ? 1_555 CB  A LYS 147 ? ? 2_555 2.12 
151 1 CE  A LYS 145 ? ? 1_555 CE1 A PHE 151 ? ? 2_555 2.12 
152 1 O   A HIS 93  ? ? 1_555 CD1 A LEU 149 ? ? 2_555 2.13 
153 1 OE2 A GLU 85  ? ? 1_555 NZ  A LYS 133 ? ? 1_545 2.15 
154 1 O   A ILE 142 ? ? 1_555 CG  A LYS 147 ? ? 2_555 2.15 
155 1 CD1 A ILE 142 ? ? 1_555 C   A LYS 147 ? ? 2_555 2.16 
156 1 N   A TYR 146 ? ? 1_555 N   A TYR 146 ? ? 2_555 2.16 
157 1 O   A HIS 8   ? ? 1_555 CE  A LYS 16  ? ? 2_655 2.16 
158 1 CD1 A ILE 142 ? ? 1_555 CB  A LYS 147 ? ? 2_555 2.17 
159 1 C   A ALA 143 ? ? 1_555 CD  A LYS 147 ? ? 2_555 2.17 
160 1 CB  A LYS 145 ? ? 1_555 CE1 A PHE 151 ? ? 2_555 2.17 
161 1 CZ  A TYR 146 ? ? 1_555 C   A GLU 148 ? ? 2_555 2.17 
162 1 N   A LYS 98  ? ? 1_555 CD2 A LEU 149 ? ? 2_555 2.18 
163 1 CG2 A ILE 142 ? ? 1_555 CA  A HIS 152 ? ? 2_555 2.18 
164 1 O   A ILE 142 ? ? 1_555 CB  A LYS 147 ? ? 2_555 2.18 
165 1 CD2 A LEU 86  ? ? 1_555 N   A HIS 152 ? ? 2_555 2.19 
166 1 C   A ALA 90  ? ? 1_555 C   A GLY 150 ? ? 2_555 2.19 
167 1 CD1 A LEU 86  ? ? 1_555 CA  A GLY 153 ? ? 2_555 2.19 
# 
loop_
_pdbx_validate_rmsd_bond.id 
_pdbx_validate_rmsd_bond.PDB_model_num 
_pdbx_validate_rmsd_bond.auth_atom_id_1 
_pdbx_validate_rmsd_bond.auth_asym_id_1 
_pdbx_validate_rmsd_bond.auth_comp_id_1 
_pdbx_validate_rmsd_bond.auth_seq_id_1 
_pdbx_validate_rmsd_bond.PDB_ins_code_1 
_pdbx_validate_rmsd_bond.label_alt_id_1 
_pdbx_validate_rmsd_bond.auth_atom_id_2 
_pdbx_validate_rmsd_bond.auth_asym_id_2 
_pdbx_validate_rmsd_bond.auth_comp_id_2 
_pdbx_validate_rmsd_bond.auth_seq_id_2 
_pdbx_validate_rmsd_bond.PDB_ins_code_2 
_pdbx_validate_rmsd_bond.label_alt_id_2 
_pdbx_validate_rmsd_bond.bond_value 
_pdbx_validate_rmsd_bond.bond_target_value 
_pdbx_validate_rmsd_bond.bond_deviation 
_pdbx_validate_rmsd_bond.bond_standard_deviation 
_pdbx_validate_rmsd_bond.linker_flag 
1 1 NE A ARG 31  ? ? CZ A ARG 31  ? ? 1.467 1.326 0.141  0.013 N 
2 1 NE A ARG 56  ? ? CZ A ARG 56  ? ? 1.467 1.326 0.141  0.013 N 
3 1 NE A ARG 57  ? ? CZ A ARG 57  ? ? 1.469 1.326 0.143  0.013 N 
4 1 NE A ARG 62  ? ? CZ A ARG 62  ? ? 1.471 1.326 0.145  0.013 N 
5 1 NE A ARG 139 ? ? CZ A ARG 139 ? ? 1.463 1.326 0.137  0.013 N 
6 1 C  A GLY 153 ? ? O  A GLY 153 ? ? 0.643 1.232 -0.589 0.016 N 
# 
loop_
_pdbx_validate_rmsd_angle.id 
_pdbx_validate_rmsd_angle.PDB_model_num 
_pdbx_validate_rmsd_angle.auth_atom_id_1 
_pdbx_validate_rmsd_angle.auth_asym_id_1 
_pdbx_validate_rmsd_angle.auth_comp_id_1 
_pdbx_validate_rmsd_angle.auth_seq_id_1 
_pdbx_validate_rmsd_angle.PDB_ins_code_1 
_pdbx_validate_rmsd_angle.label_alt_id_1 
_pdbx_validate_rmsd_angle.auth_atom_id_2 
_pdbx_validate_rmsd_angle.auth_asym_id_2 
_pdbx_validate_rmsd_angle.auth_comp_id_2 
_pdbx_validate_rmsd_angle.auth_seq_id_2 
_pdbx_validate_rmsd_angle.PDB_ins_code_2 
_pdbx_validate_rmsd_angle.label_alt_id_2 
_pdbx_validate_rmsd_angle.auth_atom_id_3 
_pdbx_validate_rmsd_angle.auth_asym_id_3 
_pdbx_validate_rmsd_angle.auth_comp_id_3 
_pdbx_validate_rmsd_angle.auth_seq_id_3 
_pdbx_validate_rmsd_angle.PDB_ins_code_3 
_pdbx_validate_rmsd_angle.label_alt_id_3 
_pdbx_validate_rmsd_angle.angle_value 
_pdbx_validate_rmsd_angle.angle_target_value 
_pdbx_validate_rmsd_angle.angle_deviation 
_pdbx_validate_rmsd_angle.angle_standard_deviation 
_pdbx_validate_rmsd_angle.linker_flag 
1 1 CD A ARG 31  ? ? NE A ARG 31  ? ? CZ  A ARG 31  ? ? 110.85 123.60 -12.75 1.40 N 
2 1 CD A ARG 56  ? ? NE A ARG 56  ? ? CZ  A ARG 56  ? ? 112.17 123.60 -11.43 1.40 N 
3 1 CD A ARG 57  ? ? NE A ARG 57  ? ? CZ  A ARG 57  ? ? 111.06 123.60 -12.54 1.40 N 
4 1 CD A ARG 62  ? ? NE A ARG 62  ? ? CZ  A ARG 62  ? ? 109.35 123.60 -14.25 1.40 N 
5 1 CB A PHE 123 ? ? CG A PHE 123 ? ? CD1 A PHE 123 ? ? 115.99 120.80 -4.81  0.70 N 
6 1 CD A ARG 139 ? ? NE A ARG 139 ? ? CZ  A ARG 139 ? ? 114.77 123.60 -8.83  1.40 N 
# 
loop_
_pdbx_validate_torsion.id 
_pdbx_validate_torsion.PDB_model_num 
_pdbx_validate_torsion.auth_comp_id 
_pdbx_validate_torsion.auth_asym_id 
_pdbx_validate_torsion.auth_seq_id 
_pdbx_validate_torsion.PDB_ins_code 
_pdbx_validate_torsion.label_alt_id 
_pdbx_validate_torsion.phi 
_pdbx_validate_torsion.psi 
1  1 LEU A 2   ? ? 9.46    -57.00  
2  1 SER A 3   ? ? 43.70   168.19  
3  1 THR A 19  ? ? 24.35   -54.62  
4  1 LEU A 21  ? ? -23.62  -82.85  
5  1 ALA A 22  ? ? -42.43  -70.00  
6  1 HIS A 36  ? ? -118.34 69.66   
7  1 PRO A 37  ? ? -37.51  -22.18  
8  1 LYS A 47  ? ? -171.96 -6.73   
9  1 LYS A 50  ? ? -171.32 33.39   
10 1 GLU A 52  ? ? -35.90  -77.36  
11 1 GLU A 59  ? ? -32.41  -80.15  
12 1 LEU A 69  ? ? -37.95  -71.54  
13 1 LYS A 77  ? ? -48.66  -77.39  
14 1 LYS A 78  ? ? -14.16  -19.69  
15 1 LYS A 79  ? ? 32.77   34.80   
16 1 HIS A 81  ? ? -163.79 79.57   
17 1 HIS A 82  ? ? -49.26  -2.56   
18 1 GLU A 83  ? ? -64.78  38.41   
19 1 ALA A 84  ? ? -50.48  -92.61  
20 1 LYS A 96  ? ? -106.54 -77.04  
21 1 LYS A 98  ? ? -19.08  148.72  
22 1 ILE A 101 ? ? -9.35   -138.98 
23 1 LYS A 102 ? ? -27.50  -23.00  
24 1 PRO A 120 ? ? -55.07  -152.52 
25 1 ALA A 121 ? ? -106.36 55.23   
26 1 GLU A 122 ? ? -62.80  -94.00  
27 1 PHE A 123 ? ? 61.74   -21.79  
28 1 LEU A 149 ? ? -142.39 25.54   
29 1 PHE A 151 ? ? -158.76 -76.64  
30 1 HIS A 152 ? ? 73.72   -65.09  
# 
_pdbx_validate_chiral.id              1 
_pdbx_validate_chiral.PDB_model_num   1 
_pdbx_validate_chiral.auth_atom_id    CA 
_pdbx_validate_chiral.label_alt_id    ? 
_pdbx_validate_chiral.auth_asym_id    A 
_pdbx_validate_chiral.auth_comp_id    PHE 
_pdbx_validate_chiral.auth_seq_id     123 
_pdbx_validate_chiral.PDB_ins_code    ? 
_pdbx_validate_chiral.details         'WRONG HAND' 
_pdbx_validate_chiral.omega           . 
# 
loop_
_chem_comp_atom.comp_id 
_chem_comp_atom.atom_id 
_chem_comp_atom.type_symbol 
_chem_comp_atom.pdbx_aromatic_flag 
_chem_comp_atom.pdbx_stereo_config 
_chem_comp_atom.pdbx_ordinal 
ALA N    N  N N 1   
ALA CA   C  N S 2   
ALA C    C  N N 3   
ALA O    O  N N 4   
ALA CB   C  N N 5   
ALA OXT  O  N N 6   
ALA H    H  N N 7   
ALA H2   H  N N 8   
ALA HA   H  N N 9   
ALA HB1  H  N N 10  
ALA HB2  H  N N 11  
ALA HB3  H  N N 12  
ALA HXT  H  N N 13  
ARG N    N  N N 14  
ARG CA   C  N S 15  
ARG C    C  N N 16  
ARG O    O  N N 17  
ARG CB   C  N N 18  
ARG CG   C  N N 19  
ARG CD   C  N N 20  
ARG NE   N  N N 21  
ARG CZ   C  N N 22  
ARG NH1  N  N N 23  
ARG NH2  N  N N 24  
ARG OXT  O  N N 25  
ARG H    H  N N 26  
ARG H2   H  N N 27  
ARG HA   H  N N 28  
ARG HB2  H  N N 29  
ARG HB3  H  N N 30  
ARG HG2  H  N N 31  
ARG HG3  H  N N 32  
ARG HD2  H  N N 33  
ARG HD3  H  N N 34  
ARG HE   H  N N 35  
ARG HH11 H  N N 36  
ARG HH12 H  N N 37  
ARG HH21 H  N N 38  
ARG HH22 H  N N 39  
ARG HXT  H  N N 40  
ASN N    N  N N 41  
ASN CA   C  N S 42  
ASN C    C  N N 43  
ASN O    O  N N 44  
ASN CB   C  N N 45  
ASN CG   C  N N 46  
ASN OD1  O  N N 47  
ASN ND2  N  N N 48  
ASN OXT  O  N N 49  
ASN H    H  N N 50  
ASN H2   H  N N 51  
ASN HA   H  N N 52  
ASN HB2  H  N N 53  
ASN HB3  H  N N 54  
ASN HD21 H  N N 55  
ASN HD22 H  N N 56  
ASN HXT  H  N N 57  
ASP N    N  N N 58  
ASP CA   C  N S 59  
ASP C    C  N N 60  
ASP O    O  N N 61  
ASP CB   C  N N 62  
ASP CG   C  N N 63  
ASP OD1  O  N N 64  
ASP OD2  O  N N 65  
ASP OXT  O  N N 66  
ASP H    H  N N 67  
ASP H2   H  N N 68  
ASP HA   H  N N 69  
ASP HB2  H  N N 70  
ASP HB3  H  N N 71  
ASP HD2  H  N N 72  
ASP HXT  H  N N 73  
GLN N    N  N N 74  
GLN CA   C  N S 75  
GLN C    C  N N 76  
GLN O    O  N N 77  
GLN CB   C  N N 78  
GLN CG   C  N N 79  
GLN CD   C  N N 80  
GLN OE1  O  N N 81  
GLN NE2  N  N N 82  
GLN OXT  O  N N 83  
GLN H    H  N N 84  
GLN H2   H  N N 85  
GLN HA   H  N N 86  
GLN HB2  H  N N 87  
GLN HB3  H  N N 88  
GLN HG2  H  N N 89  
GLN HG3  H  N N 90  
GLN HE21 H  N N 91  
GLN HE22 H  N N 92  
GLN HXT  H  N N 93  
GLU N    N  N N 94  
GLU CA   C  N S 95  
GLU C    C  N N 96  
GLU O    O  N N 97  
GLU CB   C  N N 98  
GLU CG   C  N N 99  
GLU CD   C  N N 100 
GLU OE1  O  N N 101 
GLU OE2  O  N N 102 
GLU OXT  O  N N 103 
GLU H    H  N N 104 
GLU H2   H  N N 105 
GLU HA   H  N N 106 
GLU HB2  H  N N 107 
GLU HB3  H  N N 108 
GLU HG2  H  N N 109 
GLU HG3  H  N N 110 
GLU HE2  H  N N 111 
GLU HXT  H  N N 112 
GLY N    N  N N 113 
GLY CA   C  N N 114 
GLY C    C  N N 115 
GLY O    O  N N 116 
GLY OXT  O  N N 117 
GLY H    H  N N 118 
GLY H2   H  N N 119 
GLY HA2  H  N N 120 
GLY HA3  H  N N 121 
GLY HXT  H  N N 122 
HEM CHA  C  N N 123 
HEM CHB  C  N N 124 
HEM CHC  C  N N 125 
HEM CHD  C  N N 126 
HEM C1A  C  Y N 127 
HEM C2A  C  Y N 128 
HEM C3A  C  Y N 129 
HEM C4A  C  Y N 130 
HEM CMA  C  N N 131 
HEM CAA  C  N N 132 
HEM CBA  C  N N 133 
HEM CGA  C  N N 134 
HEM O1A  O  N N 135 
HEM O2A  O  N N 136 
HEM C1B  C  N N 137 
HEM C2B  C  N N 138 
HEM C3B  C  N N 139 
HEM C4B  C  N N 140 
HEM CMB  C  N N 141 
HEM CAB  C  N N 142 
HEM CBB  C  N N 143 
HEM C1C  C  Y N 144 
HEM C2C  C  Y N 145 
HEM C3C  C  Y N 146 
HEM C4C  C  Y N 147 
HEM CMC  C  N N 148 
HEM CAC  C  N N 149 
HEM CBC  C  N N 150 
HEM C1D  C  N N 151 
HEM C2D  C  N N 152 
HEM C3D  C  N N 153 
HEM C4D  C  N N 154 
HEM CMD  C  N N 155 
HEM CAD  C  N N 156 
HEM CBD  C  N N 157 
HEM CGD  C  N N 158 
HEM O1D  O  N N 159 
HEM O2D  O  N N 160 
HEM NA   N  Y N 161 
HEM NB   N  N N 162 
HEM NC   N  Y N 163 
HEM ND   N  N N 164 
HEM FE   FE N N 165 
HEM HHB  H  N N 166 
HEM HHC  H  N N 167 
HEM HHD  H  N N 168 
HEM HMA  H  N N 169 
HEM HMAA H  N N 170 
HEM HMAB H  N N 171 
HEM HAA  H  N N 172 
HEM HAAA H  N N 173 
HEM HBA  H  N N 174 
HEM HBAA H  N N 175 
HEM HMB  H  N N 176 
HEM HMBA H  N N 177 
HEM HMBB H  N N 178 
HEM HAB  H  N N 179 
HEM HBB  H  N N 180 
HEM HBBA H  N N 181 
HEM HMC  H  N N 182 
HEM HMCA H  N N 183 
HEM HMCB H  N N 184 
HEM HAC  H  N N 185 
HEM HBC  H  N N 186 
HEM HBCA H  N N 187 
HEM HMD  H  N N 188 
HEM HMDA H  N N 189 
HEM HMDB H  N N 190 
HEM HAD  H  N N 191 
HEM HADA H  N N 192 
HEM HBD  H  N N 193 
HEM HBDA H  N N 194 
HEM H2A  H  N N 195 
HEM H2D  H  N N 196 
HEM HHA  H  N N 197 
HIS N    N  N N 198 
HIS CA   C  N S 199 
HIS C    C  N N 200 
HIS O    O  N N 201 
HIS CB   C  N N 202 
HIS CG   C  Y N 203 
HIS ND1  N  Y N 204 
HIS CD2  C  Y N 205 
HIS CE1  C  Y N 206 
HIS NE2  N  Y N 207 
HIS OXT  O  N N 208 
HIS H    H  N N 209 
HIS H2   H  N N 210 
HIS HA   H  N N 211 
HIS HB2  H  N N 212 
HIS HB3  H  N N 213 
HIS HD1  H  N N 214 
HIS HD2  H  N N 215 
HIS HE1  H  N N 216 
HIS HE2  H  N N 217 
HIS HXT  H  N N 218 
ILE N    N  N N 219 
ILE CA   C  N S 220 
ILE C    C  N N 221 
ILE O    O  N N 222 
ILE CB   C  N S 223 
ILE CG1  C  N N 224 
ILE CG2  C  N N 225 
ILE CD1  C  N N 226 
ILE OXT  O  N N 227 
ILE H    H  N N 228 
ILE H2   H  N N 229 
ILE HA   H  N N 230 
ILE HB   H  N N 231 
ILE HG12 H  N N 232 
ILE HG13 H  N N 233 
ILE HG21 H  N N 234 
ILE HG22 H  N N 235 
ILE HG23 H  N N 236 
ILE HD11 H  N N 237 
ILE HD12 H  N N 238 
ILE HD13 H  N N 239 
ILE HXT  H  N N 240 
LEU N    N  N N 241 
LEU CA   C  N S 242 
LEU C    C  N N 243 
LEU O    O  N N 244 
LEU CB   C  N N 245 
LEU CG   C  N N 246 
LEU CD1  C  N N 247 
LEU CD2  C  N N 248 
LEU OXT  O  N N 249 
LEU H    H  N N 250 
LEU H2   H  N N 251 
LEU HA   H  N N 252 
LEU HB2  H  N N 253 
LEU HB3  H  N N 254 
LEU HG   H  N N 255 
LEU HD11 H  N N 256 
LEU HD12 H  N N 257 
LEU HD13 H  N N 258 
LEU HD21 H  N N 259 
LEU HD22 H  N N 260 
LEU HD23 H  N N 261 
LEU HXT  H  N N 262 
LYS N    N  N N 263 
LYS CA   C  N S 264 
LYS C    C  N N 265 
LYS O    O  N N 266 
LYS CB   C  N N 267 
LYS CG   C  N N 268 
LYS CD   C  N N 269 
LYS CE   C  N N 270 
LYS NZ   N  N N 271 
LYS OXT  O  N N 272 
LYS H    H  N N 273 
LYS H2   H  N N 274 
LYS HA   H  N N 275 
LYS HB2  H  N N 276 
LYS HB3  H  N N 277 
LYS HG2  H  N N 278 
LYS HG3  H  N N 279 
LYS HD2  H  N N 280 
LYS HD3  H  N N 281 
LYS HE2  H  N N 282 
LYS HE3  H  N N 283 
LYS HZ1  H  N N 284 
LYS HZ2  H  N N 285 
LYS HZ3  H  N N 286 
LYS HXT  H  N N 287 
MET N    N  N N 288 
MET CA   C  N S 289 
MET C    C  N N 290 
MET O    O  N N 291 
MET CB   C  N N 292 
MET CG   C  N N 293 
MET SD   S  N N 294 
MET CE   C  N N 295 
MET OXT  O  N N 296 
MET H    H  N N 297 
MET H2   H  N N 298 
MET HA   H  N N 299 
MET HB2  H  N N 300 
MET HB3  H  N N 301 
MET HG2  H  N N 302 
MET HG3  H  N N 303 
MET HE1  H  N N 304 
MET HE2  H  N N 305 
MET HE3  H  N N 306 
MET HXT  H  N N 307 
PHE N    N  N N 308 
PHE CA   C  N S 309 
PHE C    C  N N 310 
PHE O    O  N N 311 
PHE CB   C  N N 312 
PHE CG   C  Y N 313 
PHE CD1  C  Y N 314 
PHE CD2  C  Y N 315 
PHE CE1  C  Y N 316 
PHE CE2  C  Y N 317 
PHE CZ   C  Y N 318 
PHE OXT  O  N N 319 
PHE H    H  N N 320 
PHE H2   H  N N 321 
PHE HA   H  N N 322 
PHE HB2  H  N N 323 
PHE HB3  H  N N 324 
PHE HD1  H  N N 325 
PHE HD2  H  N N 326 
PHE HE1  H  N N 327 
PHE HE2  H  N N 328 
PHE HZ   H  N N 329 
PHE HXT  H  N N 330 
PRO N    N  N N 331 
PRO CA   C  N S 332 
PRO C    C  N N 333 
PRO O    O  N N 334 
PRO CB   C  N N 335 
PRO CG   C  N N 336 
PRO CD   C  N N 337 
PRO OXT  O  N N 338 
PRO H    H  N N 339 
PRO HA   H  N N 340 
PRO HB2  H  N N 341 
PRO HB3  H  N N 342 
PRO HG2  H  N N 343 
PRO HG3  H  N N 344 
PRO HD2  H  N N 345 
PRO HD3  H  N N 346 
PRO HXT  H  N N 347 
SER N    N  N N 348 
SER CA   C  N S 349 
SER C    C  N N 350 
SER O    O  N N 351 
SER CB   C  N N 352 
SER OG   O  N N 353 
SER OXT  O  N N 354 
SER H    H  N N 355 
SER H2   H  N N 356 
SER HA   H  N N 357 
SER HB2  H  N N 358 
SER HB3  H  N N 359 
SER HG   H  N N 360 
SER HXT  H  N N 361 
THR N    N  N N 362 
THR CA   C  N S 363 
THR C    C  N N 364 
THR O    O  N N 365 
THR CB   C  N R 366 
THR OG1  O  N N 367 
THR CG2  C  N N 368 
THR OXT  O  N N 369 
THR H    H  N N 370 
THR H2   H  N N 371 
THR HA   H  N N 372 
THR HB   H  N N 373 
THR HG1  H  N N 374 
THR HG21 H  N N 375 
THR HG22 H  N N 376 
THR HG23 H  N N 377 
THR HXT  H  N N 378 
TRP N    N  N N 379 
TRP CA   C  N S 380 
TRP C    C  N N 381 
TRP O    O  N N 382 
TRP CB   C  N N 383 
TRP CG   C  Y N 384 
TRP CD1  C  Y N 385 
TRP CD2  C  Y N 386 
TRP NE1  N  Y N 387 
TRP CE2  C  Y N 388 
TRP CE3  C  Y N 389 
TRP CZ2  C  Y N 390 
TRP CZ3  C  Y N 391 
TRP CH2  C  Y N 392 
TRP OXT  O  N N 393 
TRP H    H  N N 394 
TRP H2   H  N N 395 
TRP HA   H  N N 396 
TRP HB2  H  N N 397 
TRP HB3  H  N N 398 
TRP HD1  H  N N 399 
TRP HE1  H  N N 400 
TRP HE3  H  N N 401 
TRP HZ2  H  N N 402 
TRP HZ3  H  N N 403 
TRP HH2  H  N N 404 
TRP HXT  H  N N 405 
TYR N    N  N N 406 
TYR CA   C  N S 407 
TYR C    C  N N 408 
TYR O    O  N N 409 
TYR CB   C  N N 410 
TYR CG   C  Y N 411 
TYR CD1  C  Y N 412 
TYR CD2  C  Y N 413 
TYR CE1  C  Y N 414 
TYR CE2  C  Y N 415 
TYR CZ   C  Y N 416 
TYR OH   O  N N 417 
TYR OXT  O  N N 418 
TYR H    H  N N 419 
TYR H2   H  N N 420 
TYR HA   H  N N 421 
TYR HB2  H  N N 422 
TYR HB3  H  N N 423 
TYR HD1  H  N N 424 
TYR HD2  H  N N 425 
TYR HE1  H  N N 426 
TYR HE2  H  N N 427 
TYR HH   H  N N 428 
TYR HXT  H  N N 429 
VAL N    N  N N 430 
VAL CA   C  N S 431 
VAL C    C  N N 432 
VAL O    O  N N 433 
VAL CB   C  N N 434 
VAL CG1  C  N N 435 
VAL CG2  C  N N 436 
VAL OXT  O  N N 437 
VAL H    H  N N 438 
VAL H2   H  N N 439 
VAL HA   H  N N 440 
VAL HB   H  N N 441 
VAL HG11 H  N N 442 
VAL HG12 H  N N 443 
VAL HG13 H  N N 444 
VAL HG21 H  N N 445 
VAL HG22 H  N N 446 
VAL HG23 H  N N 447 
VAL HXT  H  N N 448 
# 
loop_
_chem_comp_bond.comp_id 
_chem_comp_bond.atom_id_1 
_chem_comp_bond.atom_id_2 
_chem_comp_bond.value_order 
_chem_comp_bond.pdbx_aromatic_flag 
_chem_comp_bond.pdbx_stereo_config 
_chem_comp_bond.pdbx_ordinal 
ALA N   CA   sing N N 1   
ALA N   H    sing N N 2   
ALA N   H2   sing N N 3   
ALA CA  C    sing N N 4   
ALA CA  CB   sing N N 5   
ALA CA  HA   sing N N 6   
ALA C   O    doub N N 7   
ALA C   OXT  sing N N 8   
ALA CB  HB1  sing N N 9   
ALA CB  HB2  sing N N 10  
ALA CB  HB3  sing N N 11  
ALA OXT HXT  sing N N 12  
ARG N   CA   sing N N 13  
ARG N   H    sing N N 14  
ARG N   H2   sing N N 15  
ARG CA  C    sing N N 16  
ARG CA  CB   sing N N 17  
ARG CA  HA   sing N N 18  
ARG C   O    doub N N 19  
ARG C   OXT  sing N N 20  
ARG CB  CG   sing N N 21  
ARG CB  HB2  sing N N 22  
ARG CB  HB3  sing N N 23  
ARG CG  CD   sing N N 24  
ARG CG  HG2  sing N N 25  
ARG CG  HG3  sing N N 26  
ARG CD  NE   sing N N 27  
ARG CD  HD2  sing N N 28  
ARG CD  HD3  sing N N 29  
ARG NE  CZ   sing N N 30  
ARG NE  HE   sing N N 31  
ARG CZ  NH1  sing N N 32  
ARG CZ  NH2  doub N N 33  
ARG NH1 HH11 sing N N 34  
ARG NH1 HH12 sing N N 35  
ARG NH2 HH21 sing N N 36  
ARG NH2 HH22 sing N N 37  
ARG OXT HXT  sing N N 38  
ASN N   CA   sing N N 39  
ASN N   H    sing N N 40  
ASN N   H2   sing N N 41  
ASN CA  C    sing N N 42  
ASN CA  CB   sing N N 43  
ASN CA  HA   sing N N 44  
ASN C   O    doub N N 45  
ASN C   OXT  sing N N 46  
ASN CB  CG   sing N N 47  
ASN CB  HB2  sing N N 48  
ASN CB  HB3  sing N N 49  
ASN CG  OD1  doub N N 50  
ASN CG  ND2  sing N N 51  
ASN ND2 HD21 sing N N 52  
ASN ND2 HD22 sing N N 53  
ASN OXT HXT  sing N N 54  
ASP N   CA   sing N N 55  
ASP N   H    sing N N 56  
ASP N   H2   sing N N 57  
ASP CA  C    sing N N 58  
ASP CA  CB   sing N N 59  
ASP CA  HA   sing N N 60  
ASP C   O    doub N N 61  
ASP C   OXT  sing N N 62  
ASP CB  CG   sing N N 63  
ASP CB  HB2  sing N N 64  
ASP CB  HB3  sing N N 65  
ASP CG  OD1  doub N N 66  
ASP CG  OD2  sing N N 67  
ASP OD2 HD2  sing N N 68  
ASP OXT HXT  sing N N 69  
GLN N   CA   sing N N 70  
GLN N   H    sing N N 71  
GLN N   H2   sing N N 72  
GLN CA  C    sing N N 73  
GLN CA  CB   sing N N 74  
GLN CA  HA   sing N N 75  
GLN C   O    doub N N 76  
GLN C   OXT  sing N N 77  
GLN CB  CG   sing N N 78  
GLN CB  HB2  sing N N 79  
GLN CB  HB3  sing N N 80  
GLN CG  CD   sing N N 81  
GLN CG  HG2  sing N N 82  
GLN CG  HG3  sing N N 83  
GLN CD  OE1  doub N N 84  
GLN CD  NE2  sing N N 85  
GLN NE2 HE21 sing N N 86  
GLN NE2 HE22 sing N N 87  
GLN OXT HXT  sing N N 88  
GLU N   CA   sing N N 89  
GLU N   H    sing N N 90  
GLU N   H2   sing N N 91  
GLU CA  C    sing N N 92  
GLU CA  CB   sing N N 93  
GLU CA  HA   sing N N 94  
GLU C   O    doub N N 95  
GLU C   OXT  sing N N 96  
GLU CB  CG   sing N N 97  
GLU CB  HB2  sing N N 98  
GLU CB  HB3  sing N N 99  
GLU CG  CD   sing N N 100 
GLU CG  HG2  sing N N 101 
GLU CG  HG3  sing N N 102 
GLU CD  OE1  doub N N 103 
GLU CD  OE2  sing N N 104 
GLU OE2 HE2  sing N N 105 
GLU OXT HXT  sing N N 106 
GLY N   CA   sing N N 107 
GLY N   H    sing N N 108 
GLY N   H2   sing N N 109 
GLY CA  C    sing N N 110 
GLY CA  HA2  sing N N 111 
GLY CA  HA3  sing N N 112 
GLY C   O    doub N N 113 
GLY C   OXT  sing N N 114 
GLY OXT HXT  sing N N 115 
HEM CHA C1A  sing N N 116 
HEM CHA C4D  doub N N 117 
HEM CHA HHA  sing N N 118 
HEM CHB C4A  sing N N 119 
HEM CHB C1B  doub N N 120 
HEM CHB HHB  sing N N 121 
HEM CHC C4B  sing N N 122 
HEM CHC C1C  doub N N 123 
HEM CHC HHC  sing N N 124 
HEM CHD C4C  doub N N 125 
HEM CHD C1D  sing N N 126 
HEM CHD HHD  sing N N 127 
HEM C1A C2A  doub Y N 128 
HEM C1A NA   sing Y N 129 
HEM C2A C3A  sing Y N 130 
HEM C2A CAA  sing N N 131 
HEM C3A C4A  doub Y N 132 
HEM C3A CMA  sing N N 133 
HEM C4A NA   sing Y N 134 
HEM CMA HMA  sing N N 135 
HEM CMA HMAA sing N N 136 
HEM CMA HMAB sing N N 137 
HEM CAA CBA  sing N N 138 
HEM CAA HAA  sing N N 139 
HEM CAA HAAA sing N N 140 
HEM CBA CGA  sing N N 141 
HEM CBA HBA  sing N N 142 
HEM CBA HBAA sing N N 143 
HEM CGA O1A  doub N N 144 
HEM CGA O2A  sing N N 145 
HEM C1B C2B  sing N N 146 
HEM C1B NB   sing N N 147 
HEM C2B C3B  doub N N 148 
HEM C2B CMB  sing N N 149 
HEM C3B C4B  sing N N 150 
HEM C3B CAB  sing N N 151 
HEM C4B NB   doub N N 152 
HEM CMB HMB  sing N N 153 
HEM CMB HMBA sing N N 154 
HEM CMB HMBB sing N N 155 
HEM CAB CBB  doub N N 156 
HEM CAB HAB  sing N N 157 
HEM CBB HBB  sing N N 158 
HEM CBB HBBA sing N N 159 
HEM C1C C2C  sing Y N 160 
HEM C1C NC   sing Y N 161 
HEM C2C C3C  doub Y N 162 
HEM C2C CMC  sing N N 163 
HEM C3C C4C  sing Y N 164 
HEM C3C CAC  sing N N 165 
HEM C4C NC   sing Y N 166 
HEM CMC HMC  sing N N 167 
HEM CMC HMCA sing N N 168 
HEM CMC HMCB sing N N 169 
HEM CAC CBC  doub N N 170 
HEM CAC HAC  sing N N 171 
HEM CBC HBC  sing N N 172 
HEM CBC HBCA sing N N 173 
HEM C1D C2D  sing N N 174 
HEM C1D ND   doub N N 175 
HEM C2D C3D  doub N N 176 
HEM C2D CMD  sing N N 177 
HEM C3D C4D  sing N N 178 
HEM C3D CAD  sing N N 179 
HEM C4D ND   sing N N 180 
HEM CMD HMD  sing N N 181 
HEM CMD HMDA sing N N 182 
HEM CMD HMDB sing N N 183 
HEM CAD CBD  sing N N 184 
HEM CAD HAD  sing N N 185 
HEM CAD HADA sing N N 186 
HEM CBD CGD  sing N N 187 
HEM CBD HBD  sing N N 188 
HEM CBD HBDA sing N N 189 
HEM CGD O1D  doub N N 190 
HEM CGD O2D  sing N N 191 
HEM O2A H2A  sing N N 192 
HEM O2D H2D  sing N N 193 
HEM FE  NA   sing N N 194 
HEM FE  NB   sing N N 195 
HEM FE  NC   sing N N 196 
HEM FE  ND   sing N N 197 
HIS N   CA   sing N N 198 
HIS N   H    sing N N 199 
HIS N   H2   sing N N 200 
HIS CA  C    sing N N 201 
HIS CA  CB   sing N N 202 
HIS CA  HA   sing N N 203 
HIS C   O    doub N N 204 
HIS C   OXT  sing N N 205 
HIS CB  CG   sing N N 206 
HIS CB  HB2  sing N N 207 
HIS CB  HB3  sing N N 208 
HIS CG  ND1  sing Y N 209 
HIS CG  CD2  doub Y N 210 
HIS ND1 CE1  doub Y N 211 
HIS ND1 HD1  sing N N 212 
HIS CD2 NE2  sing Y N 213 
HIS CD2 HD2  sing N N 214 
HIS CE1 NE2  sing Y N 215 
HIS CE1 HE1  sing N N 216 
HIS NE2 HE2  sing N N 217 
HIS OXT HXT  sing N N 218 
ILE N   CA   sing N N 219 
ILE N   H    sing N N 220 
ILE N   H2   sing N N 221 
ILE CA  C    sing N N 222 
ILE CA  CB   sing N N 223 
ILE CA  HA   sing N N 224 
ILE C   O    doub N N 225 
ILE C   OXT  sing N N 226 
ILE CB  CG1  sing N N 227 
ILE CB  CG2  sing N N 228 
ILE CB  HB   sing N N 229 
ILE CG1 CD1  sing N N 230 
ILE CG1 HG12 sing N N 231 
ILE CG1 HG13 sing N N 232 
ILE CG2 HG21 sing N N 233 
ILE CG2 HG22 sing N N 234 
ILE CG2 HG23 sing N N 235 
ILE CD1 HD11 sing N N 236 
ILE CD1 HD12 sing N N 237 
ILE CD1 HD13 sing N N 238 
ILE OXT HXT  sing N N 239 
LEU N   CA   sing N N 240 
LEU N   H    sing N N 241 
LEU N   H2   sing N N 242 
LEU CA  C    sing N N 243 
LEU CA  CB   sing N N 244 
LEU CA  HA   sing N N 245 
LEU C   O    doub N N 246 
LEU C   OXT  sing N N 247 
LEU CB  CG   sing N N 248 
LEU CB  HB2  sing N N 249 
LEU CB  HB3  sing N N 250 
LEU CG  CD1  sing N N 251 
LEU CG  CD2  sing N N 252 
LEU CG  HG   sing N N 253 
LEU CD1 HD11 sing N N 254 
LEU CD1 HD12 sing N N 255 
LEU CD1 HD13 sing N N 256 
LEU CD2 HD21 sing N N 257 
LEU CD2 HD22 sing N N 258 
LEU CD2 HD23 sing N N 259 
LEU OXT HXT  sing N N 260 
LYS N   CA   sing N N 261 
LYS N   H    sing N N 262 
LYS N   H2   sing N N 263 
LYS CA  C    sing N N 264 
LYS CA  CB   sing N N 265 
LYS CA  HA   sing N N 266 
LYS C   O    doub N N 267 
LYS C   OXT  sing N N 268 
LYS CB  CG   sing N N 269 
LYS CB  HB2  sing N N 270 
LYS CB  HB3  sing N N 271 
LYS CG  CD   sing N N 272 
LYS CG  HG2  sing N N 273 
LYS CG  HG3  sing N N 274 
LYS CD  CE   sing N N 275 
LYS CD  HD2  sing N N 276 
LYS CD  HD3  sing N N 277 
LYS CE  NZ   sing N N 278 
LYS CE  HE2  sing N N 279 
LYS CE  HE3  sing N N 280 
LYS NZ  HZ1  sing N N 281 
LYS NZ  HZ2  sing N N 282 
LYS NZ  HZ3  sing N N 283 
LYS OXT HXT  sing N N 284 
MET N   CA   sing N N 285 
MET N   H    sing N N 286 
MET N   H2   sing N N 287 
MET CA  C    sing N N 288 
MET CA  CB   sing N N 289 
MET CA  HA   sing N N 290 
MET C   O    doub N N 291 
MET C   OXT  sing N N 292 
MET CB  CG   sing N N 293 
MET CB  HB2  sing N N 294 
MET CB  HB3  sing N N 295 
MET CG  SD   sing N N 296 
MET CG  HG2  sing N N 297 
MET CG  HG3  sing N N 298 
MET SD  CE   sing N N 299 
MET CE  HE1  sing N N 300 
MET CE  HE2  sing N N 301 
MET CE  HE3  sing N N 302 
MET OXT HXT  sing N N 303 
PHE N   CA   sing N N 304 
PHE N   H    sing N N 305 
PHE N   H2   sing N N 306 
PHE CA  C    sing N N 307 
PHE CA  CB   sing N N 308 
PHE CA  HA   sing N N 309 
PHE C   O    doub N N 310 
PHE C   OXT  sing N N 311 
PHE CB  CG   sing N N 312 
PHE CB  HB2  sing N N 313 
PHE CB  HB3  sing N N 314 
PHE CG  CD1  doub Y N 315 
PHE CG  CD2  sing Y N 316 
PHE CD1 CE1  sing Y N 317 
PHE CD1 HD1  sing N N 318 
PHE CD2 CE2  doub Y N 319 
PHE CD2 HD2  sing N N 320 
PHE CE1 CZ   doub Y N 321 
PHE CE1 HE1  sing N N 322 
PHE CE2 CZ   sing Y N 323 
PHE CE2 HE2  sing N N 324 
PHE CZ  HZ   sing N N 325 
PHE OXT HXT  sing N N 326 
PRO N   CA   sing N N 327 
PRO N   CD   sing N N 328 
PRO N   H    sing N N 329 
PRO CA  C    sing N N 330 
PRO CA  CB   sing N N 331 
PRO CA  HA   sing N N 332 
PRO C   O    doub N N 333 
PRO C   OXT  sing N N 334 
PRO CB  CG   sing N N 335 
PRO CB  HB2  sing N N 336 
PRO CB  HB3  sing N N 337 
PRO CG  CD   sing N N 338 
PRO CG  HG2  sing N N 339 
PRO CG  HG3  sing N N 340 
PRO CD  HD2  sing N N 341 
PRO CD  HD3  sing N N 342 
PRO OXT HXT  sing N N 343 
SER N   CA   sing N N 344 
SER N   H    sing N N 345 
SER N   H2   sing N N 346 
SER CA  C    sing N N 347 
SER CA  CB   sing N N 348 
SER CA  HA   sing N N 349 
SER C   O    doub N N 350 
SER C   OXT  sing N N 351 
SER CB  OG   sing N N 352 
SER CB  HB2  sing N N 353 
SER CB  HB3  sing N N 354 
SER OG  HG   sing N N 355 
SER OXT HXT  sing N N 356 
THR N   CA   sing N N 357 
THR N   H    sing N N 358 
THR N   H2   sing N N 359 
THR CA  C    sing N N 360 
THR CA  CB   sing N N 361 
THR CA  HA   sing N N 362 
THR C   O    doub N N 363 
THR C   OXT  sing N N 364 
THR CB  OG1  sing N N 365 
THR CB  CG2  sing N N 366 
THR CB  HB   sing N N 367 
THR OG1 HG1  sing N N 368 
THR CG2 HG21 sing N N 369 
THR CG2 HG22 sing N N 370 
THR CG2 HG23 sing N N 371 
THR OXT HXT  sing N N 372 
TRP N   CA   sing N N 373 
TRP N   H    sing N N 374 
TRP N   H2   sing N N 375 
TRP CA  C    sing N N 376 
TRP CA  CB   sing N N 377 
TRP CA  HA   sing N N 378 
TRP C   O    doub N N 379 
TRP C   OXT  sing N N 380 
TRP CB  CG   sing N N 381 
TRP CB  HB2  sing N N 382 
TRP CB  HB3  sing N N 383 
TRP CG  CD1  doub Y N 384 
TRP CG  CD2  sing Y N 385 
TRP CD1 NE1  sing Y N 386 
TRP CD1 HD1  sing N N 387 
TRP CD2 CE2  doub Y N 388 
TRP CD2 CE3  sing Y N 389 
TRP NE1 CE2  sing Y N 390 
TRP NE1 HE1  sing N N 391 
TRP CE2 CZ2  sing Y N 392 
TRP CE3 CZ3  doub Y N 393 
TRP CE3 HE3  sing N N 394 
TRP CZ2 CH2  doub Y N 395 
TRP CZ2 HZ2  sing N N 396 
TRP CZ3 CH2  sing Y N 397 
TRP CZ3 HZ3  sing N N 398 
TRP CH2 HH2  sing N N 399 
TRP OXT HXT  sing N N 400 
TYR N   CA   sing N N 401 
TYR N   H    sing N N 402 
TYR N   H2   sing N N 403 
TYR CA  C    sing N N 404 
TYR CA  CB   sing N N 405 
TYR CA  HA   sing N N 406 
TYR C   O    doub N N 407 
TYR C   OXT  sing N N 408 
TYR CB  CG   sing N N 409 
TYR CB  HB2  sing N N 410 
TYR CB  HB3  sing N N 411 
TYR CG  CD1  doub Y N 412 
TYR CG  CD2  sing Y N 413 
TYR CD1 CE1  sing Y N 414 
TYR CD1 HD1  sing N N 415 
TYR CD2 CE2  doub Y N 416 
TYR CD2 HD2  sing N N 417 
TYR CE1 CZ   doub Y N 418 
TYR CE1 HE1  sing N N 419 
TYR CE2 CZ   sing Y N 420 
TYR CE2 HE2  sing N N 421 
TYR CZ  OH   sing N N 422 
TYR OH  HH   sing N N 423 
TYR OXT HXT  sing N N 424 
VAL N   CA   sing N N 425 
VAL N   H    sing N N 426 
VAL N   H2   sing N N 427 
VAL CA  C    sing N N 428 
VAL CA  CB   sing N N 429 
VAL CA  HA   sing N N 430 
VAL C   O    doub N N 431 
VAL C   OXT  sing N N 432 
VAL CB  CG1  sing N N 433 
VAL CB  CG2  sing N N 434 
VAL CB  HB   sing N N 435 
VAL CG1 HG11 sing N N 436 
VAL CG1 HG12 sing N N 437 
VAL CG1 HG13 sing N N 438 
VAL CG2 HG21 sing N N 439 
VAL CG2 HG22 sing N N 440 
VAL CG2 HG23 sing N N 441 
VAL OXT HXT  sing N N 442 
# 
_atom_sites.entry_id                    1MBS 
_atom_sites.fract_transf_matrix[1][1]   -0.01473149 
_atom_sites.fract_transf_matrix[1][2]   0.00149335 
_atom_sites.fract_transf_matrix[1][3]   0.00966810 
_atom_sites.fract_transf_matrix[2][1]   0.01211133 
_atom_sites.fract_transf_matrix[2][2]   -0.02249659 
_atom_sites.fract_transf_matrix[2][3]   0.02192916 
_atom_sites.fract_transf_matrix[3][1]   0.00229380 
_atom_sites.fract_transf_matrix[3][2]   0.00713675 
_atom_sites.fract_transf_matrix[3][3]   0.00605457 
_atom_sites.fract_transf_vector[1]      0.268672 
_atom_sites.fract_transf_vector[2]      -0.096152 
_atom_sites.fract_transf_vector[3]      0.071271 
# 
loop_
_atom_sites_footnote.id 
_atom_sites_footnote.text 
1 'IN RESIDUE LYS 147 THE ORIENTATION OF THE SIDE CHAIN FROM ATOM CG IS DOUBTFUL.'       
2 'THE ORIENTATION OF THE LAST THREE RESIDUES (PHE 151, HIS 152, GLY 153) IS UNCERTAIN.' 
# 
loop_
_atom_type.symbol 
C  
FE 
N  
O  
S  
# 
loop_
_atom_site.group_PDB 
_atom_site.id 
_atom_site.type_symbol 
_atom_site.label_atom_id 
_atom_site.label_alt_id 
_atom_site.label_comp_id 
_atom_site.label_asym_id 
_atom_site.label_entity_id 
_atom_site.label_seq_id 
_atom_site.pdbx_PDB_ins_code 
_atom_site.Cartn_x 
_atom_site.Cartn_y 
_atom_site.Cartn_z 
_atom_site.occupancy 
_atom_site.B_iso_or_equiv 
_atom_site.pdbx_formal_charge 
_atom_site.auth_seq_id 
_atom_site.auth_comp_id 
_atom_site.auth_asym_id 
_atom_site.auth_atom_id 
_atom_site.pdbx_PDB_model_num 
ATOM   1    N  N   . GLY A 1 1   ? -1.111  -23.671 -2.123  1.00 0.00 ? 1   GLY A N   1 
ATOM   2    C  CA  . GLY A 1 1   ? -0.631  -22.285 -2.065  1.00 0.00 ? 1   GLY A CA  1 
ATOM   3    C  C   . GLY A 1 1   ? -1.798  -21.292 -1.905  1.00 0.00 ? 1   GLY A C   1 
ATOM   4    O  O   . GLY A 1 1   ? -2.930  -21.543 -2.311  1.00 0.00 ? 1   GLY A O   1 
ATOM   5    N  N   . LEU A 1 2   ? -1.432  -20.160 -1.320  1.00 0.00 ? 2   LEU A N   1 
ATOM   6    C  CA  . LEU A 1 2   ? -2.264  -18.963 -1.284  1.00 0.00 ? 2   LEU A CA  1 
ATOM   7    C  C   . LEU A 1 2   ? -3.700  -19.205 -1.787  1.00 0.00 ? 2   LEU A C   1 
ATOM   8    O  O   . LEU A 1 2   ? -4.661  -18.931 -1.063  1.00 0.00 ? 2   LEU A O   1 
ATOM   9    C  CB  . LEU A 1 2   ? -1.605  -17.882 -2.171  1.00 0.00 ? 2   LEU A CB  1 
ATOM   10   C  CG  . LEU A 1 2   ? -0.132  -17.667 -1.808  1.00 0.00 ? 2   LEU A CG  1 
ATOM   11   C  CD1 . LEU A 1 2   ? 0.024   -16.984 -0.440  1.00 0.00 ? 2   LEU A CD1 1 
ATOM   12   C  CD2 . LEU A 1 2   ? 0.688   -18.965 -1.863  1.00 0.00 ? 2   LEU A CD2 1 
ATOM   13   N  N   . SER A 1 3   ? -3.800  -19.691 -3.014  1.00 0.00 ? 3   SER A N   1 
ATOM   14   C  CA  . SER A 1 3   ? -5.061  -20.107 -3.615  1.00 0.00 ? 3   SER A CA  1 
ATOM   15   C  C   . SER A 1 3   ? -6.282  -19.200 -3.423  1.00 0.00 ? 3   SER A C   1 
ATOM   16   O  O   . SER A 1 3   ? -6.334  -18.295 -2.597  1.00 0.00 ? 3   SER A O   1 
ATOM   17   C  CB  . SER A 1 3   ? -5.419  -21.506 -3.050  1.00 0.00 ? 3   SER A CB  1 
ATOM   18   O  OG  . SER A 1 3   ? -5.653  -21.334 -1.647  1.00 0.00 ? 3   SER A OG  1 
ATOM   19   N  N   . ASP A 1 4   ? -7.287  -19.560 -4.222  1.00 0.00 ? 4   ASP A N   1 
ATOM   20   C  CA  . ASP A 1 4   ? -8.588  -18.897 -4.189  1.00 0.00 ? 4   ASP A CA  1 
ATOM   21   C  C   . ASP A 1 4   ? -9.007  -18.522 -2.756  1.00 0.00 ? 4   ASP A C   1 
ATOM   22   O  O   . ASP A 1 4   ? -9.069  -17.340 -2.412  1.00 0.00 ? 4   ASP A O   1 
ATOM   23   C  CB  . ASP A 1 4   ? -9.670  -19.801 -4.800  1.00 0.00 ? 4   ASP A CB  1 
ATOM   24   C  CG  . ASP A 1 4   ? -9.155  -20.632 -5.985  1.00 0.00 ? 4   ASP A CG  1 
ATOM   25   O  OD1 . ASP A 1 4   ? -8.743  -21.793 -5.715  1.00 0.00 ? 4   ASP A OD1 1 
ATOM   26   O  OD2 . ASP A 1 4   ? -9.209  -20.078 -7.116  1.00 0.00 ? 4   ASP A OD2 1 
ATOM   27   N  N   . GLY A 1 5   ? -9.304  -19.547 -1.964  1.00 0.00 ? 5   GLY A N   1 
ATOM   28   C  CA  . GLY A 1 5   ? -9.744  -19.315 -0.582  1.00 0.00 ? 5   GLY A CA  1 
ATOM   29   C  C   . GLY A 1 5   ? -8.877  -18.245 0.106   1.00 0.00 ? 5   GLY A C   1 
ATOM   30   O  O   . GLY A 1 5   ? -9.373  -17.185 0.488   1.00 0.00 ? 5   GLY A O   1 
ATOM   31   N  N   . GLU A 1 6   ? -7.599  -18.581 0.217   1.00 0.00 ? 6   GLU A N   1 
ATOM   32   C  CA  . GLU A 1 6   ? -6.630  -17.655 0.821   1.00 0.00 ? 6   GLU A CA  1 
ATOM   33   C  C   . GLU A 1 6   ? -6.866  -16.241 0.260   1.00 0.00 ? 6   GLU A C   1 
ATOM   34   O  O   . GLU A 1 6   ? -7.126  -15.293 1.002   1.00 0.00 ? 6   GLU A O   1 
ATOM   35   C  CB  . GLU A 1 6   ? -5.201  -18.146 0.518   1.00 0.00 ? 6   GLU A CB  1 
ATOM   36   C  CG  . GLU A 1 6   ? -4.143  -17.372 1.319   1.00 0.00 ? 6   GLU A CG  1 
ATOM   37   C  CD  . GLU A 1 6   ? -2.903  -18.243 1.595   1.00 0.00 ? 6   GLU A CD  1 
ATOM   38   O  OE1 . GLU A 1 6   ? -1.895  -17.633 2.049   1.00 0.00 ? 6   GLU A OE1 1 
ATOM   39   O  OE2 . GLU A 1 6   ? -3.007  -19.476 1.357   1.00 0.00 ? 6   GLU A OE2 1 
ATOM   40   N  N   . TRP A 1 7   ? -6.691  -16.137 -1.055  1.00 0.00 ? 7   TRP A N   1 
ATOM   41   C  CA  . TRP A 1 7   ? -6.840  -14.835 -1.718  1.00 0.00 ? 7   TRP A CA  1 
ATOM   42   C  C   . TRP A 1 7   ? -8.114  -14.111 -1.239  1.00 0.00 ? 7   TRP A C   1 
ATOM   43   O  O   . TRP A 1 7   ? -8.040  -12.989 -0.734  1.00 0.00 ? 7   TRP A O   1 
ATOM   44   C  CB  . TRP A 1 7   ? -6.909  -15.012 -3.248  1.00 0.00 ? 7   TRP A CB  1 
ATOM   45   C  CG  . TRP A 1 7   ? -5.662  -15.682 -3.746  1.00 0.00 ? 7   TRP A CG  1 
ATOM   46   C  CD1 . TRP A 1 7   ? -5.585  -16.888 -4.325  1.00 0.00 ? 7   TRP A CD1 1 
ATOM   47   C  CD2 . TRP A 1 7   ? -4.337  -15.155 -3.662  1.00 0.00 ? 7   TRP A CD2 1 
ATOM   48   N  NE1 . TRP A 1 7   ? -4.271  -17.146 -4.658  1.00 0.00 ? 7   TRP A NE1 1 
ATOM   49   C  CE2 . TRP A 1 7   ? -3.519  -16.131 -4.244  1.00 0.00 ? 7   TRP A CE2 1 
ATOM   50   C  CE3 . TRP A 1 7   ? -3.763  -13.982 -3.159  1.00 0.00 ? 7   TRP A CE3 1 
ATOM   51   C  CZ2 . TRP A 1 7   ? -2.137  -15.932 -4.329  1.00 0.00 ? 7   TRP A CZ2 1 
ATOM   52   C  CZ3 . TRP A 1 7   ? -2.379  -13.783 -3.234  1.00 0.00 ? 7   TRP A CZ3 1 
ATOM   53   C  CH2 . TRP A 1 7   ? -1.565  -14.767 -3.809  1.00 0.00 ? 7   TRP A CH2 1 
ATOM   54   N  N   . HIS A 1 8   ? -9.250  -14.774 -1.457  1.00 0.00 ? 8   HIS A N   1 
ATOM   55   C  CA  . HIS A 1 8   ? -10.536 -14.167 -1.076  1.00 0.00 ? 8   HIS A CA  1 
ATOM   56   C  C   . HIS A 1 8   ? -10.396 -13.617 0.359   1.00 0.00 ? 8   HIS A C   1 
ATOM   57   O  O   . HIS A 1 8   ? -10.569 -12.429 0.608   1.00 0.00 ? 8   HIS A O   1 
ATOM   58   C  CB  . HIS A 1 8   ? -11.697 -15.171 -1.106  1.00 0.00 ? 8   HIS A CB  1 
ATOM   59   C  CG  . HIS A 1 8   ? -12.118 -15.599 0.266   1.00 0.00 ? 8   HIS A CG  1 
ATOM   60   N  ND1 . HIS A 1 8   ? -13.064 -14.903 0.991   1.00 0.00 ? 8   HIS A ND1 1 
ATOM   61   C  CD2 . HIS A 1 8   ? -11.677 -16.662 1.014   1.00 0.00 ? 8   HIS A CD2 1 
ATOM   62   C  CE1 . HIS A 1 8   ? -13.185 -15.560 2.143   1.00 0.00 ? 8   HIS A CE1 1 
ATOM   63   N  NE2 . HIS A 1 8   ? -12.373 -16.614 2.195   1.00 0.00 ? 8   HIS A NE2 1 
ATOM   64   N  N   . LEU A 1 9   ? -10.084 -14.561 1.242   1.00 0.00 ? 9   LEU A N   1 
ATOM   65   C  CA  . LEU A 1 9   ? -9.939  -14.212 2.657   1.00 0.00 ? 9   LEU A CA  1 
ATOM   66   C  C   . LEU A 1 9   ? -9.179  -12.883 2.805   1.00 0.00 ? 9   LEU A C   1 
ATOM   67   O  O   . LEU A 1 9   ? -9.746  -11.898 3.281   1.00 0.00 ? 9   LEU A O   1 
ATOM   68   C  CB  . LEU A 1 9   ? -9.274  -15.353 3.440   1.00 0.00 ? 9   LEU A CB  1 
ATOM   69   C  CG  . LEU A 1 9   ? -7.934  -14.863 4.021   1.00 0.00 ? 9   LEU A CG  1 
ATOM   70   C  CD1 . LEU A 1 9   ? -8.206  -13.803 5.104   1.00 0.00 ? 9   LEU A CD1 1 
ATOM   71   C  CD2 . LEU A 1 9   ? -7.146  -16.059 4.585   1.00 0.00 ? 9   LEU A CD2 1 
ATOM   72   N  N   . VAL A 1 10  ? -7.918  -12.912 2.393   1.00 0.00 ? 10  VAL A N   1 
ATOM   73   C  CA  . VAL A 1 10  ? -7.062  -11.718 2.466   1.00 0.00 ? 10  VAL A CA  1 
ATOM   74   C  C   . VAL A 1 10  ? -7.833  -10.487 1.951   1.00 0.00 ? 10  VAL A C   1 
ATOM   75   O  O   . VAL A 1 10  ? -8.081  -9.534  2.686   1.00 0.00 ? 10  VAL A O   1 
ATOM   76   C  CB  . VAL A 1 10  ? -5.811  -11.933 1.588   1.00 0.00 ? 10  VAL A CB  1 
ATOM   77   C  CG1 . VAL A 1 10  ? -5.611  -10.712 0.669   1.00 0.00 ? 10  VAL A CG1 1 
ATOM   78   C  CG2 . VAL A 1 10  ? -4.571  -12.102 2.491   1.00 0.00 ? 10  VAL A CG2 1 
ATOM   79   N  N   . LEU A 1 11  ? -8.199  -10.580 0.677   1.00 0.00 ? 11  LEU A N   1 
ATOM   80   C  CA  . LEU A 1 11  ? -8.971  -9.507  0.037   1.00 0.00 ? 11  LEU A CA  1 
ATOM   81   C  C   . LEU A 1 11  ? -10.060 -8.978  0.986   1.00 0.00 ? 11  LEU A C   1 
ATOM   82   O  O   . LEU A 1 11  ? -9.997  -7.820  1.412   1.00 0.00 ? 11  LEU A O   1 
ATOM   83   C  CB  . LEU A 1 11  ? -9.552  -10.016 -1.293  1.00 0.00 ? 11  LEU A CB  1 
ATOM   84   C  CG  . LEU A 1 11  ? -10.420 -8.913  -1.934  1.00 0.00 ? 11  LEU A CG  1 
ATOM   85   C  CD1 . LEU A 1 11  ? -11.481 -8.474  -0.906  1.00 0.00 ? 11  LEU A CD1 1 
ATOM   86   C  CD2 . LEU A 1 11  ? -9.531  -7.717  -2.324  1.00 0.00 ? 11  LEU A CD2 1 
ATOM   87   N  N   . ASN A 1 12  ? -11.016 -9.842  1.322   1.00 0.00 ? 12  ASN A N   1 
ATOM   88   C  CA  . ASN A 1 12  ? -12.113 -9.446  2.208   1.00 0.00 ? 12  ASN A CA  1 
ATOM   89   C  C   . ASN A 1 12  ? -11.606 -8.735  3.475   1.00 0.00 ? 12  ASN A C   1 
ATOM   90   O  O   . ASN A 1 12  ? -11.961 -7.585  3.733   1.00 0.00 ? 12  ASN A O   1 
ATOM   91   C  CB  . ASN A 1 12  ? -12.999 -10.629 2.633   1.00 0.00 ? 12  ASN A CB  1 
ATOM   92   C  CG  . ASN A 1 12  ? -13.602 -11.324 1.400   1.00 0.00 ? 12  ASN A CG  1 
ATOM   93   O  OD1 . ASN A 1 12  ? -13.979 -12.495 1.469   1.00 0.00 ? 12  ASN A OD1 1 
ATOM   94   N  ND2 . ASN A 1 12  ? -13.695 -10.547 0.327   1.00 0.00 ? 12  ASN A ND2 1 
ATOM   95   N  N   . VAL A 1 13  ? -10.809 -9.475  4.242   1.00 0.00 ? 13  VAL A N   1 
ATOM   96   C  CA  . VAL A 1 13  ? -10.280 -8.912  5.491   1.00 0.00 ? 13  VAL A CA  1 
ATOM   97   C  C   . VAL A 1 13  ? -9.777  -7.477  5.253   1.00 0.00 ? 13  VAL A C   1 
ATOM   98   O  O   . VAL A 1 13  ? -10.242 -6.543  5.907   1.00 0.00 ? 13  VAL A O   1 
ATOM   99   C  CB  . VAL A 1 13  ? -9.170  -9.804  6.070   1.00 0.00 ? 13  VAL A CB  1 
ATOM   100  C  CG1 . VAL A 1 13  ? -7.787  -9.248  5.686   1.00 0.00 ? 13  VAL A CG1 1 
ATOM   101  C  CG2 . VAL A 1 13  ? -9.307  -9.897  7.603   1.00 0.00 ? 13  VAL A CG2 1 
ATOM   102  N  N   . TRP A 1 14  ? -8.862  -7.378  4.295   1.00 0.00 ? 14  TRP A N   1 
ATOM   103  C  CA  . TRP A 1 14  ? -8.345  -6.078  3.857   1.00 0.00 ? 14  TRP A CA  1 
ATOM   104  C  C   . TRP A 1 14  ? -9.509  -5.074  3.721   1.00 0.00 ? 14  TRP A C   1 
ATOM   105  O  O   . TRP A 1 14  ? -9.566  -4.092  4.460   1.00 0.00 ? 14  TRP A O   1 
ATOM   106  C  CB  . TRP A 1 14  ? -7.570  -6.199  2.528   1.00 0.00 ? 14  TRP A CB  1 
ATOM   107  C  CG  . TRP A 1 14  ? -7.388  -4.828  1.939   1.00 0.00 ? 14  TRP A CG  1 
ATOM   108  C  CD1 . TRP A 1 14  ? -6.365  -3.988  2.140   1.00 0.00 ? 14  TRP A CD1 1 
ATOM   109  C  CD2 . TRP A 1 14  ? -8.316  -4.172  1.068   1.00 0.00 ? 14  TRP A CD2 1 
ATOM   110  N  NE1 . TRP A 1 14  ? -6.569  -2.832  1.413   1.00 0.00 ? 14  TRP A NE1 1 
ATOM   111  C  CE2 . TRP A 1 14  ? -7.742  -2.925  0.794   1.00 0.00 ? 14  TRP A CE2 1 
ATOM   112  C  CE3 . TRP A 1 14  ? -9.558  -4.504  0.515   1.00 0.00 ? 14  TRP A CE3 1 
ATOM   113  C  CZ2 . TRP A 1 14  ? -8.402  -2.017  -0.041  1.00 0.00 ? 14  TRP A CZ2 1 
ATOM   114  C  CZ3 . TRP A 1 14  ? -10.226 -3.594  -0.314  1.00 0.00 ? 14  TRP A CZ3 1 
ATOM   115  C  CH2 . TRP A 1 14  ? -9.650  -2.346  -0.583  1.00 0.00 ? 14  TRP A CH2 1 
ATOM   116  N  N   . GLY A 1 15  ? -10.387 -5.391  2.782   1.00 0.00 ? 15  GLY A N   1 
ATOM   117  C  CA  . GLY A 1 15  ? -11.556 -4.580  2.450   1.00 0.00 ? 15  GLY A CA  1 
ATOM   118  C  C   . GLY A 1 15  ? -12.312 -4.089  3.700   1.00 0.00 ? 15  GLY A C   1 
ATOM   119  O  O   . GLY A 1 15  ? -12.630 -2.904  3.801   1.00 0.00 ? 15  GLY A O   1 
ATOM   120  N  N   . LYS A 1 16  ? -12.548 -5.031  4.598   1.00 0.00 ? 16  LYS A N   1 
ATOM   121  C  CA  . LYS A 1 16  ? -13.260 -4.790  5.861   1.00 0.00 ? 16  LYS A CA  1 
ATOM   122  C  C   . LYS A 1 16  ? -12.465 -3.773  6.707   1.00 0.00 ? 16  LYS A C   1 
ATOM   123  O  O   . LYS A 1 16  ? -12.953 -2.707  7.069   1.00 0.00 ? 16  LYS A O   1 
ATOM   124  C  CB  . LYS A 1 16  ? -13.294 -6.132  6.630   1.00 0.00 ? 16  LYS A CB  1 
ATOM   125  C  CG  . LYS A 1 16  ? -14.453 -6.160  7.638   1.00 0.00 ? 16  LYS A CG  1 
ATOM   126  C  CD  . LYS A 1 16  ? -13.912 -6.049  9.075   1.00 0.00 ? 16  LYS A CD  1 
ATOM   127  C  CE  . LYS A 1 16  ? -15.059 -5.718  10.048  1.00 0.00 ? 16  LYS A CE  1 
ATOM   128  N  NZ  . LYS A 1 16  ? -15.547 -4.355  9.792   1.00 0.00 ? 16  LYS A NZ  1 
ATOM   129  N  N   . VAL A 1 17  ? -11.228 -4.178  6.996   1.00 0.00 ? 17  VAL A N   1 
ATOM   130  C  CA  . VAL A 1 17  ? -10.376 -3.340  7.856   1.00 0.00 ? 17  VAL A CA  1 
ATOM   131  C  C   . VAL A 1 17  ? -10.278 -1.921  7.267   1.00 0.00 ? 17  VAL A C   1 
ATOM   132  O  O   . VAL A 1 17  ? -10.231 -0.931  7.994   1.00 0.00 ? 17  VAL A O   1 
ATOM   133  C  CB  . VAL A 1 17  ? -8.981  -3.970  8.005   1.00 0.00 ? 17  VAL A CB  1 
ATOM   134  C  CG1 . VAL A 1 17  ? -7.938  -2.892  8.362   1.00 0.00 ? 17  VAL A CG1 1 
ATOM   135  C  CG2 . VAL A 1 17  ? -9.021  -5.044  9.110   1.00 0.00 ? 17  VAL A CG2 1 
ATOM   136  N  N   . GLU A 1 18  ? -10.270 -1.917  5.943   1.00 0.00 ? 18  GLU A N   1 
ATOM   137  C  CA  . GLU A 1 18  ? -10.132 -0.692  5.159   1.00 0.00 ? 18  GLU A CA  1 
ATOM   138  C  C   . GLU A 1 18  ? -11.391 0.183   5.143   1.00 0.00 ? 18  GLU A C   1 
ATOM   139  O  O   . GLU A 1 18  ? -11.364 1.339   5.580   1.00 0.00 ? 18  GLU A O   1 
ATOM   140  C  CB  . GLU A 1 18  ? -9.663  -1.116  3.757   1.00 0.00 ? 18  GLU A CB  1 
ATOM   141  C  CG  . GLU A 1 18  ? -10.109 -0.112  2.698   1.00 0.00 ? 18  GLU A CG  1 
ATOM   142  C  CD  . GLU A 1 18  ? -11.616 0.180   2.717   1.00 0.00 ? 18  GLU A CD  1 
ATOM   143  O  OE1 . GLU A 1 18  ? -11.926 1.346   3.088   1.00 0.00 ? 18  GLU A OE1 1 
ATOM   144  O  OE2 . GLU A 1 18  ? -12.385 -0.746  2.351   1.00 0.00 ? 18  GLU A OE2 1 
ATOM   145  N  N   . THR A 1 19  ? -12.464 -0.369  4.595   1.00 0.00 ? 19  THR A N   1 
ATOM   146  C  CA  . THR A 1 19  ? -13.758 0.309   4.520   1.00 0.00 ? 19  THR A CA  1 
ATOM   147  C  C   . THR A 1 19  ? -13.710 1.841   4.559   1.00 0.00 ? 19  THR A C   1 
ATOM   148  O  O   . THR A 1 19  ? -14.269 2.513   3.684   1.00 0.00 ? 19  THR A O   1 
ATOM   149  C  CB  . THR A 1 19  ? -14.666 -0.237  5.641   1.00 0.00 ? 19  THR A CB  1 
ATOM   150  O  OG1 . THR A 1 19  ? -16.019 0.120   5.363   1.00 0.00 ? 19  THR A OG1 1 
ATOM   151  C  CG2 . THR A 1 19  ? -14.261 0.391   6.987   1.00 0.00 ? 19  THR A CG2 1 
ATOM   152  N  N   . ASP A 1 20  ? -13.072 2.382   5.592   1.00 0.00 ? 20  ASP A N   1 
ATOM   153  C  CA  . ASP A 1 20  ? -13.036 3.833   5.802   1.00 0.00 ? 20  ASP A CA  1 
ATOM   154  C  C   . ASP A 1 20  ? -12.039 4.575   4.890   1.00 0.00 ? 20  ASP A C   1 
ATOM   155  O  O   . ASP A 1 20  ? -11.008 5.049   5.375   1.00 0.00 ? 20  ASP A O   1 
ATOM   156  C  CB  . ASP A 1 20  ? -12.627 4.090   7.272   1.00 0.00 ? 20  ASP A CB  1 
ATOM   157  C  CG  . ASP A 1 20  ? -12.187 5.557   7.436   1.00 0.00 ? 20  ASP A CG  1 
ATOM   158  O  OD1 . ASP A 1 20  ? -12.694 6.386   6.635   1.00 0.00 ? 20  ASP A OD1 1 
ATOM   159  O  OD2 . ASP A 1 20  ? -11.367 5.772   8.369   1.00 0.00 ? 20  ASP A OD2 1 
ATOM   160  N  N   . LEU A 1 21  ? -12.384 4.658   3.615   1.00 0.00 ? 21  LEU A N   1 
ATOM   161  C  CA  . LEU A 1 21  ? -11.576 5.308   2.586   1.00 0.00 ? 21  LEU A CA  1 
ATOM   162  C  C   . LEU A 1 21  ? -10.595 6.370   3.118   1.00 0.00 ? 21  LEU A C   1 
ATOM   163  O  O   . LEU A 1 21  ? -9.406  6.106   3.290   1.00 0.00 ? 21  LEU A O   1 
ATOM   164  C  CB  . LEU A 1 21  ? -12.495 6.007   1.557   1.00 0.00 ? 21  LEU A CB  1 
ATOM   165  C  CG  . LEU A 1 21  ? -12.429 5.253   0.215   1.00 0.00 ? 21  LEU A CG  1 
ATOM   166  C  CD1 . LEU A 1 21  ? -11.776 6.153   -0.852  1.00 0.00 ? 21  LEU A CD1 1 
ATOM   167  C  CD2 . LEU A 1 21  ? -11.603 3.963   0.381   1.00 0.00 ? 21  LEU A CD2 1 
ATOM   168  N  N   . ALA A 1 22  ? -11.150 7.559   3.313   1.00 0.00 ? 22  ALA A N   1 
ATOM   169  C  CA  . ALA A 1 22  ? -10.395 8.727   3.773   1.00 0.00 ? 22  ALA A CA  1 
ATOM   170  C  C   . ALA A 1 22  ? -9.413  8.349   4.897   1.00 0.00 ? 22  ALA A C   1 
ATOM   171  O  O   . ALA A 1 22  ? -8.197  8.345   4.707   1.00 0.00 ? 22  ALA A O   1 
ATOM   172  C  CB  . ALA A 1 22  ? -11.379 9.797   4.293   1.00 0.00 ? 22  ALA A CB  1 
ATOM   173  N  N   . GLY A 1 23  ? -10.002 8.037   6.047   1.00 0.00 ? 23  GLY A N   1 
ATOM   174  C  CA  . GLY A 1 23  ? -9.190  7.674   7.217   1.00 0.00 ? 23  GLY A CA  1 
ATOM   175  C  C   . GLY A 1 23  ? -8.055  6.721   6.795   1.00 0.00 ? 23  GLY A C   1 
ATOM   176  O  O   . GLY A 1 23  ? -6.877  7.038   6.936   1.00 0.00 ? 23  GLY A O   1 
ATOM   177  N  N   . HIS A 1 24  ? -8.502  5.580   6.286   1.00 0.00 ? 24  HIS A N   1 
ATOM   178  C  CA  . HIS A 1 24  ? -7.590  4.520   5.864   1.00 0.00 ? 24  HIS A CA  1 
ATOM   179  C  C   . HIS A 1 24  ? -6.370  5.092   5.127   1.00 0.00 ? 24  HIS A C   1 
ATOM   180  O  O   . HIS A 1 24  ? -5.239  4.963   5.599   1.00 0.00 ? 24  HIS A O   1 
ATOM   181  C  CB  . HIS A 1 24  ? -8.320  3.475   5.015   1.00 0.00 ? 24  HIS A CB  1 
ATOM   182  C  CG  . HIS A 1 24  ? -9.364  2.734   5.788   1.00 0.00 ? 24  HIS A CG  1 
ATOM   183  N  ND1 . HIS A 1 24  ? -10.680 3.157   5.775   1.00 0.00 ? 24  HIS A ND1 1 
ATOM   184  C  CD2 . HIS A 1 24  ? -9.259  1.626   6.586   1.00 0.00 ? 24  HIS A CD2 1 
ATOM   185  C  CE1 . HIS A 1 24  ? -11.334 2.294   6.544   1.00 0.00 ? 24  HIS A CE1 1 
ATOM   186  N  NE2 . HIS A 1 24  ? -10.525 1.366   7.047   1.00 0.00 ? 24  HIS A NE2 1 
ATOM   187  N  N   . GLY A 1 25  ? -6.636  5.658   3.953   1.00 0.00 ? 25  GLY A N   1 
ATOM   188  C  CA  . GLY A 1 25  ? -5.534  6.178   3.130   1.00 0.00 ? 25  GLY A CA  1 
ATOM   189  C  C   . GLY A 1 25  ? -4.579  7.065   3.948   1.00 0.00 ? 25  GLY A C   1 
ATOM   190  O  O   . GLY A 1 25  ? -3.366  6.852   3.969   1.00 0.00 ? 25  GLY A O   1 
ATOM   191  N  N   . GLN A 1 26  ? -5.179  8.070   4.575   1.00 0.00 ? 26  GLN A N   1 
ATOM   192  C  CA  . GLN A 1 26  ? -4.418  9.074   5.330   1.00 0.00 ? 26  GLN A CA  1 
ATOM   193  C  C   . GLN A 1 26  ? -3.481  8.407   6.349   1.00 0.00 ? 26  GLN A C   1 
ATOM   194  O  O   . GLN A 1 26  ? -2.268  8.622   6.323   1.00 0.00 ? 26  GLN A O   1 
ATOM   195  C  CB  . GLN A 1 26  ? -5.413  10.041  5.992   1.00 0.00 ? 26  GLN A CB  1 
ATOM   196  C  CG  . GLN A 1 26  ? -4.793  10.896  7.107   1.00 0.00 ? 26  GLN A CG  1 
ATOM   197  C  CD  . GLN A 1 26  ? -5.696  10.818  8.356   1.00 0.00 ? 26  GLN A CD  1 
ATOM   198  O  OE1 . GLN A 1 26  ? -5.243  10.957  9.488   1.00 0.00 ? 26  GLN A OE1 1 
ATOM   199  N  NE2 . GLN A 1 26  ? -6.968  10.545  8.071   1.00 0.00 ? 26  GLN A NE2 1 
ATOM   200  N  N   . GLU A 1 27  ? -4.092  7.627   7.232   1.00 0.00 ? 27  GLU A N   1 
ATOM   201  C  CA  . GLU A 1 27  ? -3.329  6.878   8.244   1.00 0.00 ? 27  GLU A CA  1 
ATOM   202  C  C   . GLU A 1 27  ? -2.145  6.150   7.589   1.00 0.00 ? 27  GLU A C   1 
ATOM   203  O  O   . GLU A 1 27  ? -0.984  6.363   7.943   1.00 0.00 ? 27  GLU A O   1 
ATOM   204  C  CB  . GLU A 1 27  ? -4.267  5.872   8.936   1.00 0.00 ? 27  GLU A CB  1 
ATOM   205  C  CG  . GLU A 1 27  ? -3.653  5.260   10.205  1.00 0.00 ? 27  GLU A CG  1 
ATOM   206  C  CD  . GLU A 1 27  ? -3.763  6.238   11.389  1.00 0.00 ? 27  GLU A CD  1 
ATOM   207  O  OE1 . GLU A 1 27  ? -4.787  6.970   11.432  1.00 0.00 ? 27  GLU A OE1 1 
ATOM   208  O  OE2 . GLU A 1 27  ? -2.803  6.202   12.207  1.00 0.00 ? 27  GLU A OE2 1 
ATOM   209  N  N   . VAL A 1 28  ? -2.472  5.271   6.640   1.00 0.00 ? 28  VAL A N   1 
ATOM   210  C  CA  . VAL A 1 28  ? -1.380  4.544   5.969   1.00 0.00 ? 28  VAL A CA  1 
ATOM   211  C  C   . VAL A 1 28  ? -0.265  5.520   5.548   1.00 0.00 ? 28  VAL A C   1 
ATOM   212  O  O   . VAL A 1 28  ? 0.903   5.333   5.888   1.00 0.00 ? 28  VAL A O   1 
ATOM   213  C  CB  . VAL A 1 28  ? -1.933  3.799   4.736   1.00 0.00 ? 28  VAL A CB  1 
ATOM   214  C  CG1 . VAL A 1 28  ? -0.804  3.617   3.702   1.00 0.00 ? 28  VAL A CG1 1 
ATOM   215  C  CG2 . VAL A 1 28  ? -2.480  2.417   5.150   1.00 0.00 ? 28  VAL A CG2 1 
ATOM   216  N  N   . LEU A 1 29  ? -0.668  6.503   4.748   1.00 0.00 ? 29  LEU A N   1 
ATOM   217  C  CA  . LEU A 1 29  ? 0.316   7.447   4.198   1.00 0.00 ? 29  LEU A CA  1 
ATOM   218  C  C   . LEU A 1 29  ? 1.192   8.013   5.329   1.00 0.00 ? 29  LEU A C   1 
ATOM   219  O  O   . LEU A 1 29  ? 2.419   7.891   5.303   1.00 0.00 ? 29  LEU A O   1 
ATOM   220  C  CB  . LEU A 1 29  ? -0.398  8.559   3.409   1.00 0.00 ? 29  LEU A CB  1 
ATOM   221  C  CG  . LEU A 1 29  ? -0.399  8.223   1.907   1.00 0.00 ? 29  LEU A CG  1 
ATOM   222  C  CD1 . LEU A 1 29  ? 0.561   9.167   1.159   1.00 0.00 ? 29  LEU A CD1 1 
ATOM   223  C  CD2 . LEU A 1 29  ? 0.003   6.755   1.679   1.00 0.00 ? 29  LEU A CD2 1 
ATOM   224  N  N   . ILE A 1 30  ? 0.535   8.623   6.312   1.00 0.00 ? 30  ILE A N   1 
ATOM   225  C  CA  . ILE A 1 30  ? 1.257   9.212   7.451   1.00 0.00 ? 30  ILE A CA  1 
ATOM   226  C  C   . ILE A 1 30  ? 2.321   8.238   7.992   1.00 0.00 ? 30  ILE A C   1 
ATOM   227  O  O   . ILE A 1 30  ? 3.520   8.524   7.918   1.00 0.00 ? 30  ILE A O   1 
ATOM   228  C  CB  . ILE A 1 30  ? 0.261   9.608   8.555   1.00 0.00 ? 30  ILE A CB  1 
ATOM   229  C  CG1 . ILE A 1 30  ? 0.878   9.449   9.954   1.00 0.00 ? 30  ILE A CG1 1 
ATOM   230  C  CG2 . ILE A 1 30  ? -1.021  8.769   8.408   1.00 0.00 ? 30  ILE A CG2 1 
ATOM   231  C  CD1 . ILE A 1 30  ? -0.236  9.515   11.018  1.00 0.00 ? 30  ILE A CD1 1 
ATOM   232  N  N   . ARG A 1 31  ? 1.845   7.091   8.461   1.00 0.00 ? 31  ARG A N   1 
ATOM   233  C  CA  . ARG A 1 31  ? 2.749   6.078   9.038   1.00 0.00 ? 31  ARG A CA  1 
ATOM   234  C  C   . ARG A 1 31  ? 3.969   5.905   8.111   1.00 0.00 ? 31  ARG A C   1 
ATOM   235  O  O   . ARG A 1 31  ? 5.120   6.113   8.475   1.00 0.00 ? 31  ARG A O   1 
ATOM   236  C  CB  . ARG A 1 31  ? 1.996   4.725   9.024   1.00 0.00 ? 31  ARG A CB  1 
ATOM   237  C  CG  . ARG A 1 31  ? 2.464   3.807   10.160  1.00 0.00 ? 31  ARG A CG  1 
ATOM   238  C  CD  . ARG A 1 31  ? 3.976   3.955   10.421  1.00 0.00 ? 31  ARG A CD  1 
ATOM   239  N  NE  . ARG A 1 31  ? 4.277   3.496   11.787  1.00 0.00 ? 31  ARG A NE  1 
ATOM   240  C  CZ  . ARG A 1 31  ? 3.942   2.076   11.947  1.00 0.00 ? 31  ARG A CZ  1 
ATOM   241  N  NH1 . ARG A 1 31  ? 4.159   1.459   13.109  1.00 0.00 ? 31  ARG A NH1 1 
ATOM   242  N  NH2 . ARG A 1 31  ? 3.418   1.383   10.938  1.00 0.00 ? 31  ARG A NH2 1 
ATOM   243  N  N   . LEU A 1 32  ? 3.611   5.413   6.923   1.00 0.00 ? 32  LEU A N   1 
ATOM   244  C  CA  . LEU A 1 32  ? 4.696   5.134   5.962   1.00 0.00 ? 32  LEU A CA  1 
ATOM   245  C  C   . LEU A 1 32  ? 5.772   6.237   6.086   1.00 0.00 ? 32  LEU A C   1 
ATOM   246  O  O   . LEU A 1 32  ? 6.938   5.945   6.354   1.00 0.00 ? 32  LEU A O   1 
ATOM   247  C  CB  . LEU A 1 32  ? 4.095   5.107   4.545   1.00 0.00 ? 32  LEU A CB  1 
ATOM   248  C  CG  . LEU A 1 32  ? 5.068   5.741   3.539   1.00 0.00 ? 32  LEU A CG  1 
ATOM   249  C  CD1 . LEU A 1 32  ? 6.144   4.715   3.142   1.00 0.00 ? 32  LEU A CD1 1 
ATOM   250  C  CD2 . LEU A 1 32  ? 4.308   6.241   2.298   1.00 0.00 ? 32  LEU A CD2 1 
ATOM   251  N  N   . PHE A 1 33  ? 5.310   7.450   5.842   1.00 0.00 ? 33  PHE A N   1 
ATOM   252  C  CA  . PHE A 1 33  ? 6.096   8.681   5.853   1.00 0.00 ? 33  PHE A CA  1 
ATOM   253  C  C   . PHE A 1 33  ? 6.960   8.803   7.127   1.00 0.00 ? 33  PHE A C   1 
ATOM   254  O  O   . PHE A 1 33  ? 8.168   9.020   7.044   1.00 0.00 ? 33  PHE A O   1 
ATOM   255  C  CB  . PHE A 1 33  ? 5.123   9.884   5.928   1.00 0.00 ? 33  PHE A CB  1 
ATOM   256  C  CG  . PHE A 1 33  ? 4.786   10.405  4.523   1.00 0.00 ? 33  PHE A CG  1 
ATOM   257  C  CD1 . PHE A 1 33  ? 5.002   9.626   3.383   1.00 0.00 ? 33  PHE A CD1 1 
ATOM   258  C  CD2 . PHE A 1 33  ? 4.179   11.664  4.418   1.00 0.00 ? 33  PHE A CD2 1 
ATOM   259  C  CE1 . PHE A 1 33  ? 4.621   10.117  2.127   1.00 0.00 ? 33  PHE A CE1 1 
ATOM   260  C  CE2 . PHE A 1 33  ? 3.796   12.154  3.167   1.00 0.00 ? 33  PHE A CE2 1 
ATOM   261  C  CZ  . PHE A 1 33  ? 4.026   11.379  2.025   1.00 0.00 ? 33  PHE A CZ  1 
ATOM   262  N  N   . LYS A 1 34  ? 6.272   8.768   8.269   1.00 0.00 ? 34  LYS A N   1 
ATOM   263  C  CA  . LYS A 1 34  ? 7.007   8.958   9.536   1.00 0.00 ? 34  LYS A CA  1 
ATOM   264  C  C   . LYS A 1 34  ? 7.901   7.719   9.736   1.00 0.00 ? 34  LYS A C   1 
ATOM   265  O  O   . LYS A 1 34  ? 9.062   7.822   10.121  1.00 0.00 ? 34  LYS A O   1 
ATOM   266  C  CB  . LYS A 1 34  ? 6.041   9.155   10.712  1.00 0.00 ? 34  LYS A CB  1 
ATOM   267  C  CG  . LYS A 1 34  ? 6.722   8.778   12.042  1.00 0.00 ? 34  LYS A CG  1 
ATOM   268  C  CD  . LYS A 1 34  ? 5.681   8.702   13.172  1.00 0.00 ? 34  LYS A CD  1 
ATOM   269  C  CE  . LYS A 1 34  ? 6.338   8.303   14.507  1.00 0.00 ? 34  LYS A CE  1 
ATOM   270  N  NZ  . LYS A 1 34  ? 5.377   7.511   15.294  1.00 0.00 ? 34  LYS A NZ  1 
ATOM   271  N  N   . SER A 1 35  ? 7.302   6.585   9.375   1.00 0.00 ? 35  SER A N   1 
ATOM   272  C  CA  . SER A 1 35  ? 8.050   5.319   9.425   1.00 0.00 ? 35  SER A CA  1 
ATOM   273  C  C   . SER A 1 35  ? 9.347   5.495   8.612   1.00 0.00 ? 35  SER A C   1 
ATOM   274  O  O   . SER A 1 35  ? 10.444  5.348   9.145   1.00 0.00 ? 35  SER A O   1 
ATOM   275  C  CB  . SER A 1 35  ? 7.208   4.162   8.860   1.00 0.00 ? 35  SER A CB  1 
ATOM   276  O  OG  . SER A 1 35  ? 5.894   4.671   8.609   1.00 0.00 ? 35  SER A OG  1 
ATOM   277  N  N   . HIS A 1 36  ? 9.140   5.818   7.338   1.00 0.00 ? 36  HIS A N   1 
ATOM   278  C  CA  . HIS A 1 36  ? 10.288  5.986   6.437   1.00 0.00 ? 36  HIS A CA  1 
ATOM   279  C  C   . HIS A 1 36  ? 10.354  7.420   5.887   1.00 0.00 ? 36  HIS A C   1 
ATOM   280  O  O   . HIS A 1 36  ? 10.154  7.644   4.688   1.00 0.00 ? 36  HIS A O   1 
ATOM   281  C  CB  . HIS A 1 36  ? 10.230  4.932   5.320   1.00 0.00 ? 36  HIS A CB  1 
ATOM   282  C  CG  . HIS A 1 36  ? 10.391  3.539   5.847   1.00 0.00 ? 36  HIS A CG  1 
ATOM   283  N  ND1 . HIS A 1 36  ? 11.596  2.872   5.732   1.00 0.00 ? 36  HIS A ND1 1 
ATOM   284  C  CD2 . HIS A 1 36  ? 9.498   2.724   6.493   1.00 0.00 ? 36  HIS A CD2 1 
ATOM   285  C  CE1 . HIS A 1 36  ? 11.404  1.680   6.291   1.00 0.00 ? 36  HIS A CE1 1 
ATOM   286  N  NE2 . HIS A 1 36  ? 10.164  1.553   6.759   1.00 0.00 ? 36  HIS A NE2 1 
ATOM   287  N  N   . PRO A 1 37  ? 10.675  8.374   6.760   1.00 0.00 ? 37  PRO A N   1 
ATOM   288  C  CA  . PRO A 1 37  ? 10.796  9.768   6.324   1.00 0.00 ? 37  PRO A CA  1 
ATOM   289  C  C   . PRO A 1 37  ? 11.418  9.936   4.932   1.00 0.00 ? 37  PRO A C   1 
ATOM   290  O  O   . PRO A 1 37  ? 11.166  10.944  4.263   1.00 0.00 ? 37  PRO A O   1 
ATOM   291  C  CB  . PRO A 1 37  ? 11.615  10.488  7.401   1.00 0.00 ? 37  PRO A CB  1 
ATOM   292  C  CG  . PRO A 1 37  ? 11.511  9.606   8.654   1.00 0.00 ? 37  PRO A CG  1 
ATOM   293  C  CD  . PRO A 1 37  ? 10.959  8.245   8.195   1.00 0.00 ? 37  PRO A CD  1 
ATOM   294  N  N   . GLU A 1 38  ? 12.163  8.918   4.511   1.00 0.00 ? 38  GLU A N   1 
ATOM   295  C  CA  . GLU A 1 38  ? 12.662  8.904   3.115   1.00 0.00 ? 38  GLU A CA  1 
ATOM   296  C  C   . GLU A 1 38  ? 11.437  9.316   2.254   1.00 0.00 ? 38  GLU A C   1 
ATOM   297  O  O   . GLU A 1 38  ? 11.519  10.035  1.270   1.00 0.00 ? 38  GLU A O   1 
ATOM   298  C  CB  . GLU A 1 38  ? 12.993  7.442   2.726   1.00 0.00 ? 38  GLU A CB  1 
ATOM   299  C  CG  . GLU A 1 38  ? 13.806  6.769   3.842   1.00 0.00 ? 38  GLU A CG  1 
ATOM   300  C  CD  . GLU A 1 38  ? 13.063  5.569   4.455   1.00 0.00 ? 38  GLU A CD  1 
ATOM   301  O  OE1 . GLU A 1 38  ? 11.854  5.423   4.135   1.00 0.00 ? 38  GLU A OE1 1 
ATOM   302  O  OE2 . GLU A 1 38  ? 13.744  4.845   5.234   1.00 0.00 ? 38  GLU A OE2 1 
ATOM   303  N  N   . THR A 1 39  ? 10.330  8.788   2.763   1.00 0.00 ? 39  THR A N   1 
ATOM   304  C  CA  . THR A 1 39  ? 9.024   9.033   2.124   1.00 0.00 ? 39  THR A CA  1 
ATOM   305  C  C   . THR A 1 39  ? 8.808   10.555  2.153   1.00 0.00 ? 39  THR A C   1 
ATOM   306  O  O   . THR A 1 39  ? 8.706   11.192  1.104   1.00 0.00 ? 39  THR A O   1 
ATOM   307  C  CB  . THR A 1 39  ? 8.002   8.223   2.942   1.00 0.00 ? 39  THR A CB  1 
ATOM   308  O  OG1 . THR A 1 39  ? 8.452   6.862   2.853   1.00 0.00 ? 39  THR A OG1 1 
ATOM   309  C  CG2 . THR A 1 39  ? 6.578   8.316   2.389   1.00 0.00 ? 39  THR A CG2 1 
ATOM   310  N  N   . LEU A 1 40  ? 8.810   11.099  3.368   1.00 0.00 ? 40  LEU A N   1 
ATOM   311  C  CA  . LEU A 1 40  ? 8.661   12.551  3.512   1.00 0.00 ? 40  LEU A CA  1 
ATOM   312  C  C   . LEU A 1 40  ? 9.475   13.312  2.449   1.00 0.00 ? 40  LEU A C   1 
ATOM   313  O  O   . LEU A 1 40  ? 8.936   14.180  1.761   1.00 0.00 ? 40  LEU A O   1 
ATOM   314  C  CB  . LEU A 1 40  ? 9.051   13.014  4.928   1.00 0.00 ? 40  LEU A CB  1 
ATOM   315  C  CG  . LEU A 1 40  ? 8.107   14.150  5.368   1.00 0.00 ? 40  LEU A CG  1 
ATOM   316  C  CD1 . LEU A 1 40  ? 7.756   14.031  6.859   1.00 0.00 ? 40  LEU A CD1 1 
ATOM   317  C  CD2 . LEU A 1 40  ? 8.745   15.515  5.055   1.00 0.00 ? 40  LEU A CD2 1 
ATOM   318  N  N   . GLU A 1 41  ? 10.748  12.950  2.378   1.00 0.00 ? 41  GLU A N   1 
ATOM   319  C  CA  . GLU A 1 41  ? 11.676  13.530  1.409   1.00 0.00 ? 41  GLU A CA  1 
ATOM   320  C  C   . GLU A 1 41  ? 11.117  13.458  -0.021  1.00 0.00 ? 41  GLU A C   1 
ATOM   321  O  O   . GLU A 1 41  ? 10.899  14.495  -0.654  1.00 0.00 ? 41  GLU A O   1 
ATOM   322  C  CB  . GLU A 1 41  ? 13.065  12.876  1.511   1.00 0.00 ? 41  GLU A CB  1 
ATOM   323  C  CG  . GLU A 1 41  ? 13.633  13.023  2.936   1.00 0.00 ? 41  GLU A CG  1 
ATOM   324  C  CD  . GLU A 1 41  ? 15.137  13.351  2.867   1.00 0.00 ? 41  GLU A CD  1 
ATOM   325  O  OE1 . GLU A 1 41  ? 15.506  14.036  1.875   1.00 0.00 ? 41  GLU A OE1 1 
ATOM   326  O  OE2 . GLU A 1 41  ? 15.845  12.906  3.810   1.00 0.00 ? 41  GLU A OE2 1 
ATOM   327  N  N   . LYS A 1 42  ? 10.920  12.237  -0.507  1.00 0.00 ? 42  LYS A N   1 
ATOM   328  C  CA  . LYS A 1 42  ? 10.377  12.051  -1.863  1.00 0.00 ? 42  LYS A CA  1 
ATOM   329  C  C   . LYS A 1 42  ? 9.142   12.946  -2.079  1.00 0.00 ? 42  LYS A C   1 
ATOM   330  O  O   . LYS A 1 42  ? 8.968   13.555  -3.134  1.00 0.00 ? 42  LYS A O   1 
ATOM   331  C  CB  . LYS A 1 42  ? 9.965   10.575  -2.056  1.00 0.00 ? 42  LYS A CB  1 
ATOM   332  C  CG  . LYS A 1 42  ? 10.944  9.878   -3.021  1.00 0.00 ? 42  LYS A CG  1 
ATOM   333  C  CD  . LYS A 1 42  ? 10.799  10.501  -4.425  1.00 0.00 ? 42  LYS A CD  1 
ATOM   334  C  CE  . LYS A 1 42  ? 11.995  10.074  -5.299  1.00 0.00 ? 42  LYS A CE  1 
ATOM   335  N  NZ  . LYS A 1 42  ? 12.724  8.990   -4.622  1.00 0.00 ? 42  LYS A NZ  1 
ATOM   336  N  N   . PHE A 1 43  ? 8.316   12.997  -1.034  1.00 0.00 ? 43  PHE A N   1 
ATOM   337  C  CA  . PHE A 1 43  ? 7.138   13.865  -1.097  1.00 0.00 ? 43  PHE A CA  1 
ATOM   338  C  C   . PHE A 1 43  ? 7.484   15.350  -1.270  1.00 0.00 ? 43  PHE A C   1 
ATOM   339  O  O   . PHE A 1 43  ? 7.770   16.052  -0.299  1.00 0.00 ? 43  PHE A O   1 
ATOM   340  C  CB  . PHE A 1 43  ? 6.245   13.658  0.155   1.00 0.00 ? 43  PHE A CB  1 
ATOM   341  C  CG  . PHE A 1 43  ? 5.260   12.547  -0.274  1.00 0.00 ? 43  PHE A CG  1 
ATOM   342  C  CD1 . PHE A 1 43  ? 4.005   12.893  -0.778  1.00 0.00 ? 43  PHE A CD1 1 
ATOM   343  C  CD2 . PHE A 1 43  ? 5.627   11.206  -0.122  1.00 0.00 ? 43  PHE A CD2 1 
ATOM   344  C  CE1 . PHE A 1 43  ? 3.095   11.889  -1.127  1.00 0.00 ? 43  PHE A CE1 1 
ATOM   345  C  CE2 . PHE A 1 43  ? 4.721   10.196  -0.470  1.00 0.00 ? 43  PHE A CE2 1 
ATOM   346  C  CZ  . PHE A 1 43  ? 3.465   10.547  -0.976  1.00 0.00 ? 43  PHE A CZ  1 
ATOM   347  N  N   . ASP A 1 44  ? 7.348   15.805  -2.513  1.00 0.00 ? 44  ASP A N   1 
ATOM   348  C  CA  . ASP A 1 44  ? 7.411   17.259  -2.787  1.00 0.00 ? 44  ASP A CA  1 
ATOM   349  C  C   . ASP A 1 44  ? 5.929   17.694  -2.647  1.00 0.00 ? 44  ASP A C   1 
ATOM   350  O  O   . ASP A 1 44  ? 5.565   18.858  -2.669  1.00 0.00 ? 44  ASP A O   1 
ATOM   351  C  CB  . ASP A 1 44  ? 7.861   17.501  -4.234  1.00 0.00 ? 44  ASP A CB  1 
ATOM   352  C  CG  . ASP A 1 44  ? 7.848   18.985  -4.628  1.00 0.00 ? 44  ASP A CG  1 
ATOM   353  O  OD1 . ASP A 1 44  ? 8.856   19.662  -4.281  1.00 0.00 ? 44  ASP A OD1 1 
ATOM   354  O  OD2 . ASP A 1 44  ? 6.840   19.391  -5.267  1.00 0.00 ? 44  ASP A OD2 1 
ATOM   355  N  N   . LYS A 1 45  ? 5.142   16.626  -2.502  1.00 0.00 ? 45  LYS A N   1 
ATOM   356  C  CA  . LYS A 1 45  ? 3.696   16.828  -2.312  1.00 0.00 ? 45  LYS A CA  1 
ATOM   357  C  C   . LYS A 1 45  ? 3.502   17.779  -1.112  1.00 0.00 ? 45  LYS A C   1 
ATOM   358  O  O   . LYS A 1 45  ? 3.117   18.934  -1.286  1.00 0.00 ? 45  LYS A O   1 
ATOM   359  C  CB  . LYS A 1 45  ? 3.010   15.474  -2.064  1.00 0.00 ? 45  LYS A CB  1 
ATOM   360  C  CG  . LYS A 1 45  ? 1.480   15.624  -2.156  1.00 0.00 ? 45  LYS A CG  1 
ATOM   361  C  CD  . LYS A 1 45  ? 0.872   14.470  -2.972  1.00 0.00 ? 45  LYS A CD  1 
ATOM   362  C  CE  . LYS A 1 45  ? -0.609  14.759  -3.281  1.00 0.00 ? 45  LYS A CE  1 
ATOM   363  N  NZ  . LYS A 1 45  ? -0.722  16.045  -3.984  1.00 0.00 ? 45  LYS A NZ  1 
ATOM   364  N  N   . PHE A 1 46  ? 3.813   17.246  0.063   1.00 0.00 ? 46  PHE A N   1 
ATOM   365  C  CA  . PHE A 1 46  ? 3.708   18.030  1.307   1.00 0.00 ? 46  PHE A CA  1 
ATOM   366  C  C   . PHE A 1 46  ? 5.032   17.903  2.083   1.00 0.00 ? 46  PHE A C   1 
ATOM   367  O  O   . PHE A 1 46  ? 5.690   16.862  2.053   1.00 0.00 ? 46  PHE A O   1 
ATOM   368  C  CB  . PHE A 1 46  ? 2.511   17.492  2.131   1.00 0.00 ? 46  PHE A CB  1 
ATOM   369  C  CG  . PHE A 1 46  ? 2.251   16.037  1.689   1.00 0.00 ? 46  PHE A CG  1 
ATOM   370  C  CD1 . PHE A 1 46  ? 1.336   15.767  0.664   1.00 0.00 ? 46  PHE A CD1 1 
ATOM   371  C  CD2 . PHE A 1 46  ? 2.886   14.981  2.354   1.00 0.00 ? 46  PHE A CD2 1 
ATOM   372  C  CE1 . PHE A 1 46  ? 1.063   14.442  0.299   1.00 0.00 ? 46  PHE A CE1 1 
ATOM   373  C  CE2 . PHE A 1 46  ? 2.610   13.659  1.990   1.00 0.00 ? 46  PHE A CE2 1 
ATOM   374  C  CZ  . PHE A 1 46  ? 1.703   13.385  0.959   1.00 0.00 ? 46  PHE A CZ  1 
ATOM   375  N  N   . LYS A 1 47  ? 5.406   18.995  2.744   1.00 0.00 ? 47  LYS A N   1 
ATOM   376  C  CA  . LYS A 1 47  ? 6.673   18.992  3.491   1.00 0.00 ? 47  LYS A CA  1 
ATOM   377  C  C   . LYS A 1 47  ? 6.774   20.280  4.319   1.00 0.00 ? 47  LYS A C   1 
ATOM   378  O  O   . LYS A 1 47  ? 7.665   20.468  5.143   1.00 0.00 ? 47  LYS A O   1 
ATOM   379  C  CB  . LYS A 1 47  ? 7.909   18.883  2.583   1.00 0.00 ? 47  LYS A CB  1 
ATOM   380  C  CG  . LYS A 1 47  ? 8.900   17.876  3.201   1.00 0.00 ? 47  LYS A CG  1 
ATOM   381  C  CD  . LYS A 1 47  ? 9.317   18.312  4.617   1.00 0.00 ? 47  LYS A CD  1 
ATOM   382  C  CE  . LYS A 1 47  ? 10.380  19.424  4.532   1.00 0.00 ? 47  LYS A CE  1 
ATOM   383  N  NZ  . LYS A 1 47  ? 11.459  19.171  5.498   1.00 0.00 ? 47  LYS A NZ  1 
ATOM   384  N  N   . HIS A 1 48  ? 5.788   21.151  4.068   1.00 0.00 ? 48  HIS A N   1 
ATOM   385  C  CA  . HIS A 1 48  ? 5.823   22.360  4.940   1.00 0.00 ? 48  HIS A CA  1 
ATOM   386  C  C   . HIS A 1 48  ? 5.710   21.722  6.348   1.00 0.00 ? 48  HIS A C   1 
ATOM   387  O  O   . HIS A 1 48  ? 6.429   22.072  7.274   1.00 0.00 ? 48  HIS A O   1 
ATOM   388  C  CB  . HIS A 1 48  ? 4.607   23.239  4.603   1.00 0.00 ? 48  HIS A CB  1 
ATOM   389  C  CG  . HIS A 1 48  ? 3.527   22.393  3.996   1.00 0.00 ? 48  HIS A CG  1 
ATOM   390  N  ND1 . HIS A 1 48  ? 2.475   22.945  3.295   1.00 0.00 ? 48  HIS A ND1 1 
ATOM   391  C  CD2 . HIS A 1 48  ? 3.376   21.030  4.046   1.00 0.00 ? 48  HIS A CD2 1 
ATOM   392  C  CE1 . HIS A 1 48  ? 1.726   21.910  2.922   1.00 0.00 ? 48  HIS A CE1 1 
ATOM   393  N  NE2 . HIS A 1 48  ? 2.226   20.752  3.352   1.00 0.00 ? 48  HIS A NE2 1 
ATOM   394  N  N   . LEU A 1 49  ? 4.825   20.732  6.372   1.00 0.00 ? 49  LEU A N   1 
ATOM   395  C  CA  . LEU A 1 49  ? 4.585   19.928  7.566   1.00 0.00 ? 49  LEU A CA  1 
ATOM   396  C  C   . LEU A 1 49  ? 5.610   18.800  7.755   1.00 0.00 ? 49  LEU A C   1 
ATOM   397  O  O   . LEU A 1 49  ? 6.188   18.280  6.803   1.00 0.00 ? 49  LEU A O   1 
ATOM   398  C  CB  . LEU A 1 49  ? 3.137   19.419  7.610   1.00 0.00 ? 49  LEU A CB  1 
ATOM   399  C  CG  . LEU A 1 49  ? 2.884   18.390  6.491   1.00 0.00 ? 49  LEU A CG  1 
ATOM   400  C  CD1 . LEU A 1 49  ? 3.234   16.985  7.020   1.00 0.00 ? 49  LEU A CD1 1 
ATOM   401  C  CD2 . LEU A 1 49  ? 1.408   18.450  6.054   1.00 0.00 ? 49  LEU A CD2 1 
ATOM   402  N  N   . LYS A 1 50  ? 5.801   18.483  9.032   1.00 0.00 ? 50  LYS A N   1 
ATOM   403  C  CA  . LYS A 1 50  ? 6.752   17.464  9.466   1.00 0.00 ? 50  LYS A CA  1 
ATOM   404  C  C   . LYS A 1 50  ? 6.593   17.174  10.968  1.00 0.00 ? 50  LYS A C   1 
ATOM   405  O  O   . LYS A 1 50  ? 7.565   16.828  11.643  1.00 0.00 ? 50  LYS A O   1 
ATOM   406  C  CB  . LYS A 1 50  ? 8.212   17.873  9.186   1.00 0.00 ? 50  LYS A CB  1 
ATOM   407  C  CG  . LYS A 1 50  ? 9.132   17.387  10.323  1.00 0.00 ? 50  LYS A CG  1 
ATOM   408  C  CD  . LYS A 1 50  ? 9.887   16.110  9.895   1.00 0.00 ? 50  LYS A CD  1 
ATOM   409  C  CE  . LYS A 1 50  ? 11.333  16.486  9.504   1.00 0.00 ? 50  LYS A CE  1 
ATOM   410  N  NZ  . LYS A 1 50  ? 11.399  16.745  8.057   1.00 0.00 ? 50  LYS A NZ  1 
ATOM   411  N  N   . SER A 1 51  ? 5.352   17.269  11.455  1.00 0.00 ? 51  SER A N   1 
ATOM   412  C  CA  . SER A 1 51  ? 5.185   16.952  12.879  1.00 0.00 ? 51  SER A CA  1 
ATOM   413  C  C   . SER A 1 51  ? 3.979   16.071  13.211  1.00 0.00 ? 51  SER A C   1 
ATOM   414  O  O   . SER A 1 51  ? 3.092   15.804  12.405  1.00 0.00 ? 51  SER A O   1 
ATOM   415  C  CB  . SER A 1 51  ? 5.230   18.216  13.748  1.00 0.00 ? 51  SER A CB  1 
ATOM   416  O  OG  . SER A 1 51  ? 4.055   18.246  14.562  1.00 0.00 ? 51  SER A OG  1 
ATOM   417  N  N   . GLU A 1 52  ? 4.009   15.641  14.472  1.00 0.00 ? 52  GLU A N   1 
ATOM   418  C  CA  . GLU A 1 52  ? 2.957   14.791  15.016  1.00 0.00 ? 52  GLU A CA  1 
ATOM   419  C  C   . GLU A 1 52  ? 1.570   15.143  14.466  1.00 0.00 ? 52  GLU A C   1 
ATOM   420  O  O   . GLU A 1 52  ? 1.037   14.425  13.612  1.00 0.00 ? 52  GLU A O   1 
ATOM   421  C  CB  . GLU A 1 52  ? 2.975   14.747  16.548  1.00 0.00 ? 52  GLU A CB  1 
ATOM   422  C  CG  . GLU A 1 52  ? 3.336   16.113  17.153  1.00 0.00 ? 52  GLU A CG  1 
ATOM   423  C  CD  . GLU A 1 52  ? 4.563   15.980  18.074  1.00 0.00 ? 52  GLU A CD  1 
ATOM   424  O  OE1 . GLU A 1 52  ? 5.290   14.968  17.881  1.00 0.00 ? 52  GLU A OE1 1 
ATOM   425  O  OE2 . GLU A 1 52  ? 4.721   16.891  18.930  1.00 0.00 ? 52  GLU A OE2 1 
ATOM   426  N  N   . ASP A 1 53  ? 0.993   16.222  14.990  1.00 0.00 ? 53  ASP A N   1 
ATOM   427  C  CA  . ASP A 1 53  ? -0.357  16.608  14.569  1.00 0.00 ? 53  ASP A CA  1 
ATOM   428  C  C   . ASP A 1 53  ? -0.465  16.703  13.034  1.00 0.00 ? 53  ASP A C   1 
ATOM   429  O  O   . ASP A 1 53  ? -1.444  16.240  12.446  1.00 0.00 ? 53  ASP A O   1 
ATOM   430  C  CB  . ASP A 1 53  ? -0.751  17.976  15.172  1.00 0.00 ? 53  ASP A CB  1 
ATOM   431  C  CG  . ASP A 1 53  ? -1.503  18.750  14.066  1.00 0.00 ? 53  ASP A CG  1 
ATOM   432  O  OD1 . ASP A 1 53  ? -1.329  18.325  12.892  1.00 0.00 ? 53  ASP A OD1 1 
ATOM   433  O  OD2 . ASP A 1 53  ? -2.216  19.708  14.458  1.00 0.00 ? 53  ASP A OD2 1 
ATOM   434  N  N   . ASP A 1 54  ? 0.536   17.358  12.453  1.00 0.00 ? 54  ASP A N   1 
ATOM   435  C  CA  . ASP A 1 54  ? 0.532   17.616  11.007  1.00 0.00 ? 54  ASP A CA  1 
ATOM   436  C  C   . ASP A 1 54  ? 0.243   16.319  10.231  1.00 0.00 ? 54  ASP A C   1 
ATOM   437  O  O   . ASP A 1 54  ? -0.683  16.243  9.423   1.00 0.00 ? 54  ASP A O   1 
ATOM   438  C  CB  . ASP A 1 54  ? 1.863   18.225  10.546  1.00 0.00 ? 54  ASP A CB  1 
ATOM   439  C  CG  . ASP A 1 54  ? 2.314   19.367  11.471  1.00 0.00 ? 54  ASP A CG  1 
ATOM   440  O  OD1 . ASP A 1 54  ? 3.158   20.170  10.983  1.00 0.00 ? 54  ASP A OD1 1 
ATOM   441  O  OD2 . ASP A 1 54  ? 1.812   19.392  12.627  1.00 0.00 ? 54  ASP A OD2 1 
ATOM   442  N  N   . MET A 1 55  ? 1.047   15.300  10.536  1.00 0.00 ? 55  MET A N   1 
ATOM   443  C  CA  . MET A 1 55  ? 0.855   14.012  9.843   1.00 0.00 ? 55  MET A CA  1 
ATOM   444  C  C   . MET A 1 55  ? -0.476  13.382  10.313  1.00 0.00 ? 55  MET A C   1 
ATOM   445  O  O   . MET A 1 55  ? -1.256  12.868  9.518   1.00 0.00 ? 55  MET A O   1 
ATOM   446  C  CB  . MET A 1 55  ? 1.981   13.042  10.262  1.00 0.00 ? 55  MET A CB  1 
ATOM   447  C  CG  . MET A 1 55  ? 3.279   13.370  9.501   1.00 0.00 ? 55  MET A CG  1 
ATOM   448  S  SD  . MET A 1 55  ? 4.687   12.386  10.080  1.00 0.00 ? 55  MET A SD  1 
ATOM   449  C  CE  . MET A 1 55  ? 4.606   10.858  9.112   1.00 0.00 ? 55  MET A CE  1 
ATOM   450  N  N   . ARG A 1 56  ? -0.622  13.431  11.628  1.00 0.00 ? 56  ARG A N   1 
ATOM   451  C  CA  . ARG A 1 56  ? -1.768  12.846  12.318  1.00 0.00 ? 56  ARG A CA  1 
ATOM   452  C  C   . ARG A 1 56  ? -3.084  13.053  11.562  1.00 0.00 ? 56  ARG A C   1 
ATOM   453  O  O   . ARG A 1 56  ? -3.780  12.088  11.241  1.00 0.00 ? 56  ARG A O   1 
ATOM   454  C  CB  . ARG A 1 56  ? -1.837  13.420  13.749  1.00 0.00 ? 56  ARG A CB  1 
ATOM   455  C  CG  . ARG A 1 56  ? -0.757  12.684  14.578  1.00 0.00 ? 56  ARG A CG  1 
ATOM   456  C  CD  . ARG A 1 56  ? -1.466  11.750  15.564  1.00 0.00 ? 56  ARG A CD  1 
ATOM   457  N  NE  . ARG A 1 56  ? -1.439  10.342  15.176  1.00 0.00 ? 56  ARG A NE  1 
ATOM   458  C  CZ  . ARG A 1 56  ? -0.082  9.784   15.208  1.00 0.00 ? 56  ARG A CZ  1 
ATOM   459  N  NH1 . ARG A 1 56  ? 0.119   8.514   14.866  1.00 0.00 ? 56  ARG A NH1 1 
ATOM   460  N  NH2 . ARG A 1 56  ? 0.949   10.542  15.568  1.00 0.00 ? 56  ARG A NH2 1 
ATOM   461  N  N   . ARG A 1 57  ? -3.398  14.324  11.326  1.00 0.00 ? 57  ARG A N   1 
ATOM   462  C  CA  . ARG A 1 57  ? -4.668  14.647  10.655  1.00 0.00 ? 57  ARG A CA  1 
ATOM   463  C  C   . ARG A 1 57  ? -4.497  15.828  9.682   1.00 0.00 ? 57  ARG A C   1 
ATOM   464  O  O   . ARG A 1 57  ? -4.923  16.946  9.977   1.00 0.00 ? 57  ARG A O   1 
ATOM   465  C  CB  . ARG A 1 57  ? -5.716  15.019  11.726  1.00 0.00 ? 57  ARG A CB  1 
ATOM   466  C  CG  . ARG A 1 57  ? -7.129  14.933  11.120  1.00 0.00 ? 57  ARG A CG  1 
ATOM   467  C  CD  . ARG A 1 57  ? -8.183  15.365  12.154  1.00 0.00 ? 57  ARG A CD  1 
ATOM   468  N  NE  . ARG A 1 57  ? -9.402  14.561  12.012  1.00 0.00 ? 57  ARG A NE  1 
ATOM   469  C  CZ  . ARG A 1 57  ? -10.141 14.933  10.798  1.00 0.00 ? 57  ARG A CZ  1 
ATOM   470  N  NH1 . ARG A 1 57  ? -11.265 14.292  10.487  1.00 0.00 ? 57  ARG A NH1 1 
ATOM   471  N  NH2 . ARG A 1 57  ? -9.693  15.903  10.007  1.00 0.00 ? 57  ARG A NH2 1 
ATOM   472  N  N   . SER A 1 58  ? -3.871  15.532  8.548   1.00 0.00 ? 58  SER A N   1 
ATOM   473  C  CA  . SER A 1 58  ? -3.589  16.566  7.551   1.00 0.00 ? 58  SER A CA  1 
ATOM   474  C  C   . SER A 1 58  ? -4.403  16.409  6.259   1.00 0.00 ? 58  SER A C   1 
ATOM   475  O  O   . SER A 1 58  ? -4.474  15.339  5.659   1.00 0.00 ? 58  SER A O   1 
ATOM   476  C  CB  . SER A 1 58  ? -2.087  16.646  7.232   1.00 0.00 ? 58  SER A CB  1 
ATOM   477  O  OG  . SER A 1 58  ? -1.934  16.570  5.811   1.00 0.00 ? 58  SER A OG  1 
ATOM   478  N  N   . GLU A 1 59  ? -4.964  17.548  5.865   1.00 0.00 ? 59  GLU A N   1 
ATOM   479  C  CA  . GLU A 1 59  ? -5.703  17.725  4.621   1.00 0.00 ? 59  GLU A CA  1 
ATOM   480  C  C   . GLU A 1 59  ? -5.161  16.839  3.486   1.00 0.00 ? 59  GLU A C   1 
ATOM   481  O  O   . GLU A 1 59  ? -5.713  15.768  3.229   1.00 0.00 ? 59  GLU A O   1 
ATOM   482  C  CB  . GLU A 1 59  ? -5.737  19.198  4.180   1.00 0.00 ? 59  GLU A CB  1 
ATOM   483  C  CG  . GLU A 1 59  ? -5.071  20.096  5.237   1.00 0.00 ? 59  GLU A CG  1 
ATOM   484  C  CD  . GLU A 1 59  ? -5.904  21.376  5.438   1.00 0.00 ? 59  GLU A CD  1 
ATOM   485  O  OE1 . GLU A 1 59  ? -7.143  21.216  5.593   1.00 0.00 ? 59  GLU A OE1 1 
ATOM   486  O  OE2 . GLU A 1 59  ? -5.250  22.455  5.434   1.00 0.00 ? 59  GLU A OE2 1 
ATOM   487  N  N   . ASP A 1 60  ? -4.075  17.302  2.876   1.00 0.00 ? 60  ASP A N   1 
ATOM   488  C  CA  . ASP A 1 60  ? -3.430  16.533  1.802   1.00 0.00 ? 60  ASP A CA  1 
ATOM   489  C  C   . ASP A 1 60  ? -3.299  15.055  2.205   1.00 0.00 ? 60  ASP A C   1 
ATOM   490  O  O   . ASP A 1 60  ? -3.677  14.151  1.459   1.00 0.00 ? 60  ASP A O   1 
ATOM   491  C  CB  . ASP A 1 60  ? -2.026  17.120  1.534   1.00 0.00 ? 60  ASP A CB  1 
ATOM   492  C  CG  . ASP A 1 60  ? -2.187  18.584  1.079   1.00 0.00 ? 60  ASP A CG  1 
ATOM   493  O  OD1 . ASP A 1 60  ? -3.272  18.854  0.499   1.00 0.00 ? 60  ASP A OD1 1 
ATOM   494  O  OD2 . ASP A 1 60  ? -1.227  19.355  1.343   1.00 0.00 ? 60  ASP A OD2 1 
ATOM   495  N  N   . LEU A 1 61  ? -2.736  14.846  3.397   1.00 0.00 ? 61  LEU A N   1 
ATOM   496  C  CA  . LEU A 1 61  ? -2.522  13.456  3.837   1.00 0.00 ? 61  LEU A CA  1 
ATOM   497  C  C   . LEU A 1 61  ? -3.764  12.610  3.491   1.00 0.00 ? 61  LEU A C   1 
ATOM   498  O  O   . LEU A 1 61  ? -3.701  11.729  2.634   1.00 0.00 ? 61  LEU A O   1 
ATOM   499  C  CB  . LEU A 1 61  ? -2.206  13.391  5.339   1.00 0.00 ? 61  LEU A CB  1 
ATOM   500  C  CG  . LEU A 1 61  ? -0.914  12.591  5.583   1.00 0.00 ? 61  LEU A CG  1 
ATOM   501  C  CD1 . LEU A 1 61  ? 0.307   13.529  5.610   1.00 0.00 ? 61  LEU A CD1 1 
ATOM   502  C  CD2 . LEU A 1 61  ? -0.998  11.792  6.896   1.00 0.00 ? 61  LEU A CD2 1 
ATOM   503  N  N   . ARG A 1 62  ? -4.845  12.944  4.181   1.00 0.00 ? 62  ARG A N   1 
ATOM   504  C  CA  . ARG A 1 62  ? -6.141  12.291  4.012   1.00 0.00 ? 62  ARG A CA  1 
ATOM   505  C  C   . ARG A 1 62  ? -6.496  12.082  2.530   1.00 0.00 ? 62  ARG A C   1 
ATOM   506  O  O   . ARG A 1 62  ? -6.864  10.975  2.125   1.00 0.00 ? 62  ARG A O   1 
ATOM   507  C  CB  . ARG A 1 62  ? -7.237  13.068  4.765   1.00 0.00 ? 62  ARG A CB  1 
ATOM   508  C  CG  . ARG A 1 62  ? -7.627  12.331  6.061   1.00 0.00 ? 62  ARG A CG  1 
ATOM   509  C  CD  . ARG A 1 62  ? -7.727  13.300  7.254   1.00 0.00 ? 62  ARG A CD  1 
ATOM   510  N  NE  . ARG A 1 62  ? -8.335  12.614  8.406   1.00 0.00 ? 62  ARG A NE  1 
ATOM   511  C  CZ  . ARG A 1 62  ? -9.619  12.021  7.999   1.00 0.00 ? 62  ARG A CZ  1 
ATOM   512  N  NH1 . ARG A 1 62  ? -10.070 12.232  6.765   1.00 0.00 ? 62  ARG A NH1 1 
ATOM   513  N  NH2 . ARG A 1 62  ? -10.315 11.279  8.854   1.00 0.00 ? 62  ARG A NH2 1 
ATOM   514  N  N   . LYS A 1 63  ? -6.377  13.160  1.766   1.00 0.00 ? 63  LYS A N   1 
ATOM   515  C  CA  . LYS A 1 63  ? -6.600  13.135  0.316   1.00 0.00 ? 63  LYS A CA  1 
ATOM   516  C  C   . LYS A 1 63  ? -5.851  11.954  -0.336  1.00 0.00 ? 63  LYS A C   1 
ATOM   517  O  O   . LYS A 1 63  ? -6.446  11.160  -1.066  1.00 0.00 ? 63  LYS A O   1 
ATOM   518  C  CB  . LYS A 1 63  ? -6.077  14.432  -0.333  1.00 0.00 ? 63  LYS A CB  1 
ATOM   519  C  CG  . LYS A 1 63  ? -7.148  15.528  -0.402  1.00 0.00 ? 63  LYS A CG  1 
ATOM   520  C  CD  . LYS A 1 63  ? -8.261  15.165  -1.399  1.00 0.00 ? 63  LYS A CD  1 
ATOM   521  C  CE  . LYS A 1 63  ? -8.839  16.421  -2.073  1.00 0.00 ? 63  LYS A CE  1 
ATOM   522  N  NZ  . LYS A 1 63  ? -9.597  17.232  -1.110  1.00 0.00 ? 63  LYS A NZ  1 
ATOM   523  N  N   . HIS A 1 64  ? -4.551  11.886  -0.048  1.00 0.00 ? 64  HIS A N   1 
ATOM   524  C  CA  . HIS A 1 64  ? -3.735  10.805  -0.614  1.00 0.00 ? 64  HIS A CA  1 
ATOM   525  C  C   . HIS A 1 64  ? -4.200  9.444   -0.061  1.00 0.00 ? 64  HIS A C   1 
ATOM   526  O  O   . HIS A 1 64  ? -4.238  8.442   -0.772  1.00 0.00 ? 64  HIS A O   1 
ATOM   527  C  CB  . HIS A 1 64  ? -2.235  10.979  -0.267  1.00 0.00 ? 64  HIS A CB  1 
ATOM   528  C  CG  . HIS A 1 64  ? -1.448  10.243  -1.313  1.00 0.00 ? 64  HIS A CG  1 
ATOM   529  N  ND1 . HIS A 1 64  ? -0.965  10.901  -2.426  1.00 0.00 ? 64  HIS A ND1 1 
ATOM   530  C  CD2 . HIS A 1 64  ? -1.085  8.924   -1.370  1.00 0.00 ? 64  HIS A CD2 1 
ATOM   531  C  CE1 . HIS A 1 64  ? -0.336  9.967   -3.135  1.00 0.00 ? 64  HIS A CE1 1 
ATOM   532  N  NE2 . HIS A 1 64  ? -0.382  8.777   -2.540  1.00 0.00 ? 64  HIS A NE2 1 
ATOM   533  N  N   . GLY A 1 65  ? -4.471  9.460   1.243   1.00 0.00 ? 65  GLY A N   1 
ATOM   534  C  CA  . GLY A 1 65  ? -4.917  8.216   1.893   1.00 0.00 ? 65  GLY A CA  1 
ATOM   535  C  C   . GLY A 1 65  ? -5.975  7.530   1.008   1.00 0.00 ? 65  GLY A C   1 
ATOM   536  O  O   . GLY A 1 65  ? -5.847  6.346   0.691   1.00 0.00 ? 65  GLY A O   1 
ATOM   537  N  N   . ASN A 1 66  ? -7.001  8.295   0.633   1.00 0.00 ? 66  ASN A N   1 
ATOM   538  C  CA  . ASN A 1 66  ? -8.060  7.723   -0.204  1.00 0.00 ? 66  ASN A CA  1 
ATOM   539  C  C   . ASN A 1 66  ? -7.509  7.074   -1.484  1.00 0.00 ? 66  ASN A C   1 
ATOM   540  O  O   . ASN A 1 66  ? -7.769  5.901   -1.753  1.00 0.00 ? 66  ASN A O   1 
ATOM   541  C  CB  . ASN A 1 66  ? -9.166  8.724   -0.563  1.00 0.00 ? 66  ASN A CB  1 
ATOM   542  C  CG  . ASN A 1 66  ? -10.440 8.487   0.268   1.00 0.00 ? 66  ASN A CG  1 
ATOM   543  O  OD1 . ASN A 1 66  ? -11.509 9.013   -0.045  1.00 0.00 ? 66  ASN A OD1 1 
ATOM   544  N  ND2 . ASN A 1 66  ? -10.264 7.721   1.341   1.00 0.00 ? 66  ASN A ND2 1 
ATOM   545  N  N   . THR A 1 67  ? -6.822  7.898   -2.271  1.00 0.00 ? 67  THR A N   1 
ATOM   546  C  CA  . THR A 1 67  ? -6.281  7.411   -3.549  1.00 0.00 ? 67  THR A CA  1 
ATOM   547  C  C   . THR A 1 67  ? -5.542  6.078   -3.316  1.00 0.00 ? 67  THR A C   1 
ATOM   548  O  O   . THR A 1 67  ? -5.804  5.104   -4.025  1.00 0.00 ? 67  THR A O   1 
ATOM   549  C  CB  . THR A 1 67  ? -5.381  8.480   -4.187  1.00 0.00 ? 67  THR A CB  1 
ATOM   550  O  OG1 . THR A 1 67  ? -6.225  9.596   -4.500  1.00 0.00 ? 67  THR A OG1 1 
ATOM   551  C  CG2 . THR A 1 67  ? -4.728  7.988   -5.490  1.00 0.00 ? 67  THR A CG2 1 
ATOM   552  N  N   . VAL A 1 68  ? -4.642  6.101   -2.346  1.00 0.00 ? 68  VAL A N   1 
ATOM   553  C  CA  . VAL A 1 68  ? -3.891  4.912   -1.915  1.00 0.00 ? 68  VAL A CA  1 
ATOM   554  C  C   . VAL A 1 68  ? -4.870  3.751   -1.646  1.00 0.00 ? 68  VAL A C   1 
ATOM   555  O  O   . VAL A 1 68  ? -4.919  2.772   -2.391  1.00 0.00 ? 68  VAL A O   1 
ATOM   556  C  CB  . VAL A 1 68  ? -3.167  5.266   -0.596  1.00 0.00 ? 68  VAL A CB  1 
ATOM   557  C  CG1 . VAL A 1 68  ? -3.439  4.216   0.491   1.00 0.00 ? 68  VAL A CG1 1 
ATOM   558  C  CG2 . VAL A 1 68  ? -1.662  5.447   -0.843  1.00 0.00 ? 68  VAL A CG2 1 
ATOM   559  N  N   . LEU A 1 69  ? -5.651  3.909   -0.577  1.00 0.00 ? 69  LEU A N   1 
ATOM   560  C  CA  . LEU A 1 69  ? -6.665  2.890   -0.275  1.00 0.00 ? 69  LEU A CA  1 
ATOM   561  C  C   . LEU A 1 69  ? -7.310  2.353   -1.564  1.00 0.00 ? 69  LEU A C   1 
ATOM   562  O  O   . LEU A 1 69  ? -7.087  1.199   -1.942  1.00 0.00 ? 69  LEU A O   1 
ATOM   563  C  CB  . LEU A 1 69  ? -7.706  3.412   0.726   1.00 0.00 ? 69  LEU A CB  1 
ATOM   564  C  CG  . LEU A 1 69  ? -7.488  2.803   2.123   1.00 0.00 ? 69  LEU A CG  1 
ATOM   565  C  CD1 . LEU A 1 69  ? -8.549  1.723   2.400   1.00 0.00 ? 69  LEU A CD1 1 
ATOM   566  C  CD2 . LEU A 1 69  ? -6.075  2.209   2.250   1.00 0.00 ? 69  LEU A CD2 1 
ATOM   567  N  N   . THR A 1 70  ? -8.127  3.185   -2.196  1.00 0.00 ? 70  THR A N   1 
ATOM   568  C  CA  . THR A 1 70  ? -8.770  2.853   -3.463  1.00 0.00 ? 70  THR A CA  1 
ATOM   569  C  C   . THR A 1 70  ? -7.971  1.961   -4.422  1.00 0.00 ? 70  THR A C   1 
ATOM   570  O  O   . THR A 1 70  ? -8.406  0.835   -4.711  1.00 0.00 ? 70  THR A O   1 
ATOM   571  C  CB  . THR A 1 70  ? -9.320  4.124   -4.126  1.00 0.00 ? 70  THR A CB  1 
ATOM   572  O  OG1 . THR A 1 70  ? -9.410  3.944   -5.537  1.00 0.00 ? 70  THR A OG1 1 
ATOM   573  C  CG2 . THR A 1 70  ? -8.408  5.330   -3.838  1.00 0.00 ? 70  THR A CG2 1 
ATOM   574  N  N   . ALA A 1 71  ? -6.857  2.455   -4.943  1.00 0.00 ? 71  ALA A N   1 
ATOM   575  C  CA  . ALA A 1 71  ? -6.007  1.747   -5.898  1.00 0.00 ? 71  ALA A CA  1 
ATOM   576  C  C   . ALA A 1 71  ? -5.712  0.275   -5.566  1.00 0.00 ? 71  ALA A C   1 
ATOM   577  O  O   . ALA A 1 71  ? -5.956  -0.616  -6.384  1.00 0.00 ? 71  ALA A O   1 
ATOM   578  C  CB  . ALA A 1 71  ? -4.655  2.483   -6.049  1.00 0.00 ? 71  ALA A CB  1 
ATOM   579  N  N   . LEU A 1 72  ? -5.127  0.073   -4.390  1.00 0.00 ? 72  LEU A N   1 
ATOM   580  C  CA  . LEU A 1 72  ? -4.743  -1.280  -3.952  1.00 0.00 ? 72  LEU A CA  1 
ATOM   581  C  C   . LEU A 1 72  ? -5.926  -2.233  -4.224  1.00 0.00 ? 72  LEU A C   1 
ATOM   582  O  O   . LEU A 1 72  ? -5.764  -3.338  -4.734  1.00 0.00 ? 72  LEU A O   1 
ATOM   583  C  CB  . LEU A 1 72  ? -4.470  -1.265  -2.433  1.00 0.00 ? 72  LEU A CB  1 
ATOM   584  C  CG  . LEU A 1 72  ? -3.001  -1.622  -2.148  1.00 0.00 ? 72  LEU A CG  1 
ATOM   585  C  CD1 . LEU A 1 72  ? -2.939  -2.951  -1.374  1.00 0.00 ? 72  LEU A CD1 1 
ATOM   586  C  CD2 . LEU A 1 72  ? -2.199  -1.709  -3.457  1.00 0.00 ? 72  LEU A CD2 1 
ATOM   587  N  N   . GLY A 1 73  ? -7.107  -1.714  -3.888  1.00 0.00 ? 73  GLY A N   1 
ATOM   588  C  CA  . GLY A 1 73  ? -8.326  -2.484  -4.167  1.00 0.00 ? 73  GLY A CA  1 
ATOM   589  C  C   . GLY A 1 73  ? -8.100  -3.418  -5.373  1.00 0.00 ? 73  GLY A C   1 
ATOM   590  O  O   . GLY A 1 73  ? -8.127  -4.639  -5.232  1.00 0.00 ? 73  GLY A O   1 
ATOM   591  N  N   . GLY A 1 74  ? -7.935  -2.784  -6.528  1.00 0.00 ? 74  GLY A N   1 
ATOM   592  C  CA  . GLY A 1 74  ? -7.804  -3.516  -7.788  1.00 0.00 ? 74  GLY A CA  1 
ATOM   593  C  C   . GLY A 1 74  ? -6.752  -4.634  -7.719  1.00 0.00 ? 74  GLY A C   1 
ATOM   594  O  O   . GLY A 1 74  ? -7.062  -5.813  -7.898  1.00 0.00 ? 74  GLY A O   1 
ATOM   595  N  N   . ILE A 1 75  ? -5.511  -4.205  -7.525  1.00 0.00 ? 75  ILE A N   1 
ATOM   596  C  CA  . ILE A 1 75  ? -4.376  -5.125  -7.460  1.00 0.00 ? 75  ILE A CA  1 
ATOM   597  C  C   . ILE A 1 75  ? -4.737  -6.480  -6.829  1.00 0.00 ? 75  ILE A C   1 
ATOM   598  O  O   . ILE A 1 75  ? -4.522  -7.522  -7.457  1.00 0.00 ? 75  ILE A O   1 
ATOM   599  C  CB  . ILE A 1 75  ? -3.189  -4.426  -6.777  1.00 0.00 ? 75  ILE A CB  1 
ATOM   600  C  CG1 . ILE A 1 75  ? -3.069  -4.832  -5.297  1.00 0.00 ? 75  ILE A CG1 1 
ATOM   601  C  CG2 . ILE A 1 75  ? -3.357  -2.896  -6.882  1.00 0.00 ? 75  ILE A CG2 1 
ATOM   602  C  CD1 . ILE A 1 75  ? -2.620  -6.303  -5.213  1.00 0.00 ? 75  ILE A CD1 1 
ATOM   603  N  N   . LEU A 1 76  ? -5.259  -6.429  -5.610  1.00 0.00 ? 76  LEU A N   1 
ATOM   604  C  CA  . LEU A 1 76  ? -5.671  -7.599  -4.839  1.00 0.00 ? 76  LEU A CA  1 
ATOM   605  C  C   . LEU A 1 76  ? -6.888  -8.316  -5.454  1.00 0.00 ? 76  LEU A C   1 
ATOM   606  O  O   . LEU A 1 76  ? -6.891  -9.543  -5.583  1.00 0.00 ? 76  LEU A O   1 
ATOM   607  C  CB  . LEU A 1 76  ? -6.023  -7.243  -3.382  1.00 0.00 ? 76  LEU A CB  1 
ATOM   608  C  CG  . LEU A 1 76  ? -5.066  -6.176  -2.823  1.00 0.00 ? 76  LEU A CG  1 
ATOM   609  C  CD1 . LEU A 1 76  ? -5.759  -5.440  -1.657  1.00 0.00 ? 76  LEU A CD1 1 
ATOM   610  C  CD2 . LEU A 1 76  ? -3.784  -6.865  -2.314  1.00 0.00 ? 76  LEU A CD2 1 
ATOM   611  N  N   . LYS A 1 77  ? -7.894  -7.526  -5.822  1.00 0.00 ? 77  LYS A N   1 
ATOM   612  C  CA  . LYS A 1 77  ? -9.117  -8.110  -6.383  1.00 0.00 ? 77  LYS A CA  1 
ATOM   613  C  C   . LYS A 1 77  ? -8.794  -9.124  -7.492  1.00 0.00 ? 77  LYS A C   1 
ATOM   614  O  O   . LYS A 1 77  ? -8.889  -10.335 -7.292  1.00 0.00 ? 77  LYS A O   1 
ATOM   615  C  CB  . LYS A 1 77  ? -10.089 -7.030  -6.882  1.00 0.00 ? 77  LYS A CB  1 
ATOM   616  C  CG  . LYS A 1 77  ? -10.442 -6.047  -5.748  1.00 0.00 ? 77  LYS A CG  1 
ATOM   617  C  CD  . LYS A 1 77  ? -11.644 -5.186  -6.180  1.00 0.00 ? 77  LYS A CD  1 
ATOM   618  C  CE  . LYS A 1 77  ? -12.031 -4.190  -5.074  1.00 0.00 ? 77  LYS A CE  1 
ATOM   619  N  NZ  . LYS A 1 77  ? -11.502 -4.629  -3.775  1.00 0.00 ? 77  LYS A NZ  1 
ATOM   620  N  N   . LYS A 1 78  ? -8.464  -8.571  -8.656  1.00 0.00 ? 78  LYS A N   1 
ATOM   621  C  CA  . LYS A 1 78  ? -8.171  -9.424  -9.819  1.00 0.00 ? 78  LYS A CA  1 
ATOM   622  C  C   . LYS A 1 78  ? -7.966  -10.884 -9.349  1.00 0.00 ? 78  LYS A C   1 
ATOM   623  O  O   . LYS A 1 78  ? -8.074  -11.815 -10.144 1.00 0.00 ? 78  LYS A O   1 
ATOM   624  C  CB  . LYS A 1 78  ? -6.897  -8.914  -10.516 1.00 0.00 ? 78  LYS A CB  1 
ATOM   625  C  CG  . LYS A 1 78  ? -6.998  -7.415  -10.843 1.00 0.00 ? 78  LYS A CG  1 
ATOM   626  C  CD  . LYS A 1 78  ? -8.428  -7.022  -11.248 1.00 0.00 ? 78  LYS A CD  1 
ATOM   627  C  CE  . LYS A 1 78  ? -8.400  -6.070  -12.457 1.00 0.00 ? 78  LYS A CE  1 
ATOM   628  N  NZ  . LYS A 1 78  ? -9.485  -5.083  -12.341 1.00 0.00 ? 78  LYS A NZ  1 
ATOM   629  N  N   . LYS A 1 79  ? -7.685  -10.985 -8.059  1.00 0.00 ? 79  LYS A N   1 
ATOM   630  C  CA  . LYS A 1 79  ? -7.525  -12.259 -7.346  1.00 0.00 ? 79  LYS A CA  1 
ATOM   631  C  C   . LYS A 1 79  ? -6.926  -13.313 -8.295  1.00 0.00 ? 79  LYS A C   1 
ATOM   632  O  O   . LYS A 1 79  ? -7.280  -14.487 -8.262  1.00 0.00 ? 79  LYS A O   1 
ATOM   633  C  CB  . LYS A 1 79  ? -8.902  -12.698 -6.818  1.00 0.00 ? 79  LYS A CB  1 
ATOM   634  C  CG  . LYS A 1 79  ? -8.888  -14.109 -6.213  1.00 0.00 ? 79  LYS A CG  1 
ATOM   635  C  CD  . LYS A 1 79  ? -10.322 -14.496 -5.793  1.00 0.00 ? 79  LYS A CD  1 
ATOM   636  C  CE  . LYS A 1 79  ? -11.282 -13.326 -6.080  1.00 0.00 ? 79  LYS A CE  1 
ATOM   637  N  NZ  . LYS A 1 79  ? -12.029 -13.570 -7.323  1.00 0.00 ? 79  LYS A NZ  1 
ATOM   638  N  N   . GLY A 1 80  ? -6.061  -12.779 -9.148  1.00 0.00 ? 80  GLY A N   1 
ATOM   639  C  CA  . GLY A 1 80  ? -5.417  -13.576 -10.196 1.00 0.00 ? 80  GLY A CA  1 
ATOM   640  C  C   . GLY A 1 80  ? -4.405  -12.693 -10.951 1.00 0.00 ? 80  GLY A C   1 
ATOM   641  O  O   . GLY A 1 80  ? -3.398  -13.181 -11.462 1.00 0.00 ? 80  GLY A O   1 
ATOM   642  N  N   . HIS A 1 81  ? -4.742  -11.406 -11.014 1.00 0.00 ? 81  HIS A N   1 
ATOM   643  C  CA  . HIS A 1 81  ? -3.887  -10.470 -11.757 1.00 0.00 ? 81  HIS A CA  1 
ATOM   644  C  C   . HIS A 1 81  ? -4.197  -9.011  -11.395 1.00 0.00 ? 81  HIS A C   1 
ATOM   645  O  O   . HIS A 1 81  ? -4.898  -8.307  -12.124 1.00 0.00 ? 81  HIS A O   1 
ATOM   646  C  CB  . HIS A 1 81  ? -4.047  -10.699 -13.268 1.00 0.00 ? 81  HIS A CB  1 
ATOM   647  C  CG  . HIS A 1 81  ? -5.303  -10.079 -13.797 1.00 0.00 ? 81  HIS A CG  1 
ATOM   648  N  ND1 . HIS A 1 81  ? -5.562  -8.731  -13.655 1.00 0.00 ? 81  HIS A ND1 1 
ATOM   649  C  CD2 . HIS A 1 81  ? -6.353  -10.674 -14.451 1.00 0.00 ? 81  HIS A CD2 1 
ATOM   650  C  CE1 . HIS A 1 81  ? -6.745  -8.541  -14.235 1.00 0.00 ? 81  HIS A CE1 1 
ATOM   651  N  NE2 . HIS A 1 81  ? -7.252  -9.672  -14.719 1.00 0.00 ? 81  HIS A NE2 1 
ATOM   652  N  N   . HIS A 1 82  ? -3.658  -8.588  -10.251 1.00 0.00 ? 82  HIS A N   1 
ATOM   653  C  CA  . HIS A 1 82  ? -3.864  -7.184  -9.851  1.00 0.00 ? 82  HIS A CA  1 
ATOM   654  C  C   . HIS A 1 82  ? -3.530  -6.259  -11.035 1.00 0.00 ? 82  HIS A C   1 
ATOM   655  O  O   . HIS A 1 82  ? -3.688  -5.041  -10.945 1.00 0.00 ? 82  HIS A O   1 
ATOM   656  C  CB  . HIS A 1 82  ? -3.007  -6.877  -8.601  1.00 0.00 ? 82  HIS A CB  1 
ATOM   657  C  CG  . HIS A 1 82  ? -2.196  -8.105  -8.298  1.00 0.00 ? 82  HIS A CG  1 
ATOM   658  N  ND1 . HIS A 1 82  ? -2.678  -9.102  -7.474  1.00 0.00 ? 82  HIS A ND1 1 
ATOM   659  C  CD2 . HIS A 1 82  ? -0.942  -8.441  -8.735  1.00 0.00 ? 82  HIS A CD2 1 
ATOM   660  C  CE1 . HIS A 1 82  ? -1.713  -10.018 -7.443  1.00 0.00 ? 82  HIS A CE1 1 
ATOM   661  N  NE2 . HIS A 1 82  ? -0.661  -9.663  -8.177  1.00 0.00 ? 82  HIS A NE2 1 
ATOM   662  N  N   . GLU A 1 83  ? -3.085  -6.881  -12.124 1.00 0.00 ? 83  GLU A N   1 
ATOM   663  C  CA  . GLU A 1 83  ? -2.751  -6.150  -13.344 1.00 0.00 ? 83  GLU A CA  1 
ATOM   664  C  C   . GLU A 1 83  ? -3.940  -5.455  -14.021 1.00 0.00 ? 83  GLU A C   1 
ATOM   665  O  O   . GLU A 1 83  ? -3.983  -5.383  -15.257 1.00 0.00 ? 83  GLU A O   1 
ATOM   666  C  CB  . GLU A 1 83  ? -2.034  -7.069  -14.351 1.00 0.00 ? 83  GLU A CB  1 
ATOM   667  C  CG  . GLU A 1 83  ? -1.202  -6.255  -15.362 1.00 0.00 ? 83  GLU A CG  1 
ATOM   668  C  CD  . GLU A 1 83  ? -1.705  -6.548  -16.790 1.00 0.00 ? 83  GLU A CD  1 
ATOM   669  O  OE1 . GLU A 1 83  ? -2.459  -5.679  -17.303 1.00 0.00 ? 83  GLU A OE1 1 
ATOM   670  O  OE2 . GLU A 1 83  ? -1.322  -7.635  -17.303 1.00 0.00 ? 83  GLU A OE2 1 
ATOM   671  N  N   . ALA A 1 84  ? -4.852  -4.889  -13.231 1.00 0.00 ? 84  ALA A N   1 
ATOM   672  C  CA  . ALA A 1 84  ? -5.965  -4.149  -13.866 1.00 0.00 ? 84  ALA A CA  1 
ATOM   673  C  C   . ALA A 1 84  ? -5.377  -3.154  -14.889 1.00 0.00 ? 84  ALA A C   1 
ATOM   674  O  O   . ALA A 1 84  ? -5.083  -3.516  -16.025 1.00 0.00 ? 84  ALA A O   1 
ATOM   675  C  CB  . ALA A 1 84  ? -6.766  -3.376  -12.801 1.00 0.00 ? 84  ALA A CB  1 
ATOM   676  N  N   . GLU A 1 85  ? -5.159  -1.950  -14.378 1.00 0.00 ? 85  GLU A N   1 
ATOM   677  C  CA  . GLU A 1 85  ? -4.360  -0.943  -15.085 1.00 0.00 ? 85  GLU A CA  1 
ATOM   678  C  C   . GLU A 1 85  ? -3.208  -0.615  -14.106 1.00 0.00 ? 85  GLU A C   1 
ATOM   679  O  O   . GLU A 1 85  ? -2.721  0.502   -14.008 1.00 0.00 ? 85  GLU A O   1 
ATOM   680  C  CB  . GLU A 1 85  ? -5.152  0.312   -15.466 1.00 0.00 ? 85  GLU A CB  1 
ATOM   681  C  CG  . GLU A 1 85  ? -5.173  0.517   -16.994 1.00 0.00 ? 85  GLU A CG  1 
ATOM   682  C  CD  . GLU A 1 85  ? -6.527  1.108   -17.433 1.00 0.00 ? 85  GLU A CD  1 
ATOM   683  O  OE1 . GLU A 1 85  ? -7.546  0.423   -17.148 1.00 0.00 ? 85  GLU A OE1 1 
ATOM   684  O  OE2 . GLU A 1 85  ? -6.487  2.219   -18.028 1.00 0.00 ? 85  GLU A OE2 1 
ATOM   685  N  N   . LEU A 1 86  ? -2.822  -1.695  -13.425 1.00 0.00 ? 86  LEU A N   1 
ATOM   686  C  CA  . LEU A 1 86  ? -1.707  -1.599  -12.475 1.00 0.00 ? 86  LEU A CA  1 
ATOM   687  C  C   . LEU A 1 86  ? -0.455  -1.084  -13.200 1.00 0.00 ? 86  LEU A C   1 
ATOM   688  O  O   . LEU A 1 86  ? 0.327   -0.311  -12.647 1.00 0.00 ? 86  LEU A O   1 
ATOM   689  C  CB  . LEU A 1 86  ? -1.457  -2.948  -11.784 1.00 0.00 ? 86  LEU A CB  1 
ATOM   690  C  CG  . LEU A 1 86  ? -0.209  -2.868  -10.887 1.00 0.00 ? 86  LEU A CG  1 
ATOM   691  C  CD1 . LEU A 1 86  ? 0.407   -4.267  -10.700 1.00 0.00 ? 86  LEU A CD1 1 
ATOM   692  C  CD2 . LEU A 1 86  ? 0.828   -1.913  -11.507 1.00 0.00 ? 86  LEU A CD2 1 
ATOM   693  N  N   . LYS A 1 87  ? -0.324  -1.509  -14.457 1.00 0.00 ? 87  LYS A N   1 
ATOM   694  C  CA  . LYS A 1 87  ? 0.801   -1.021  -15.266 1.00 0.00 ? 87  LYS A CA  1 
ATOM   695  C  C   . LYS A 1 87  ? 0.950   0.506   -15.128 1.00 0.00 ? 87  LYS A C   1 
ATOM   696  O  O   . LYS A 1 87  ? 2.058   1.015   -14.970 1.00 0.00 ? 87  LYS A O   1 
ATOM   697  C  CB  . LYS A 1 87  ? 0.678   -1.456  -16.729 1.00 0.00 ? 87  LYS A CB  1 
ATOM   698  C  CG  . LYS A 1 87  ? -0.368  -0.642  -17.508 1.00 0.00 ? 87  LYS A CG  1 
ATOM   699  C  CD  . LYS A 1 87  ? -0.145  -0.831  -19.023 1.00 0.00 ? 87  LYS A CD  1 
ATOM   700  C  CE  . LYS A 1 87  ? -0.228  -2.328  -19.375 1.00 0.00 ? 87  LYS A CE  1 
ATOM   701  N  NZ  . LYS A 1 87  ? -0.167  -2.513  -20.832 1.00 0.00 ? 87  LYS A NZ  1 
ATOM   702  N  N   . PRO A 1 88  ? -0.200  1.166   -15.216 1.00 0.00 ? 88  PRO A N   1 
ATOM   703  C  CA  . PRO A 1 88  ? -0.276  2.630   -15.137 1.00 0.00 ? 88  PRO A CA  1 
ATOM   704  C  C   . PRO A 1 88  ? 0.518   3.144   -13.918 1.00 0.00 ? 88  PRO A C   1 
ATOM   705  O  O   . PRO A 1 88  ? 1.480   3.893   -14.069 1.00 0.00 ? 88  PRO A O   1 
ATOM   706  C  CB  . PRO A 1 88  ? -1.766  2.962   -14.918 1.00 0.00 ? 88  PRO A CB  1 
ATOM   707  C  CG  . PRO A 1 88  ? -2.500  1.613   -14.823 1.00 0.00 ? 88  PRO A CG  1 
ATOM   708  C  CD  . PRO A 1 88  ? -1.536  0.585   -15.444 1.00 0.00 ? 88  PRO A CD  1 
ATOM   709  N  N   . LEU A 1 89  ? 0.063   2.681   -12.759 1.00 0.00 ? 89  LEU A N   1 
ATOM   710  C  CA  . LEU A 1 89  ? 0.735   3.023   -11.499 1.00 0.00 ? 89  LEU A CA  1 
ATOM   711  C  C   . LEU A 1 89  ? 2.243   2.755   -11.621 1.00 0.00 ? 89  LEU A C   1 
ATOM   712  O  O   . LEU A 1 89  ? 3.061   3.663   -11.462 1.00 0.00 ? 89  LEU A O   1 
ATOM   713  C  CB  . LEU A 1 89  ? 0.122   2.233   -10.329 1.00 0.00 ? 89  LEU A CB  1 
ATOM   714  C  CG  . LEU A 1 89  ? -0.664  3.199   -9.416  1.00 0.00 ? 89  LEU A CG  1 
ATOM   715  C  CD1 . LEU A 1 89  ? -0.354  2.866   -7.944  1.00 0.00 ? 89  LEU A CD1 1 
ATOM   716  C  CD2 . LEU A 1 89  ? -0.233  4.647   -9.728  1.00 0.00 ? 89  LEU A CD2 1 
ATOM   717  N  N   . ALA A 1 90  ? 2.571   1.502   -11.929 1.00 0.00 ? 90  ALA A N   1 
ATOM   718  C  CA  . ALA A 1 90  ? 3.970   1.147   -12.179 1.00 0.00 ? 90  ALA A CA  1 
ATOM   719  C  C   . ALA A 1 90  ? 4.707   2.220   -12.995 1.00 0.00 ? 90  ALA A C   1 
ATOM   720  O  O   . ALA A 1 90  ? 5.680   2.805   -12.508 1.00 0.00 ? 90  ALA A O   1 
ATOM   721  C  CB  . ALA A 1 90  ? 4.096   -0.252  -12.797 1.00 0.00 ? 90  ALA A CB  1 
ATOM   722  N  N   . GLN A 1 91  ? 4.241   2.460   -14.219 1.00 0.00 ? 91  GLN A N   1 
ATOM   723  C  CA  . GLN A 1 91  ? 4.904   3.469   -15.066 1.00 0.00 ? 91  GLN A CA  1 
ATOM   724  C  C   . GLN A 1 91  ? 5.115   4.769   -14.265 1.00 0.00 ? 91  GLN A C   1 
ATOM   725  O  O   . GLN A 1 91  ? 6.230   5.277   -14.163 1.00 0.00 ? 91  GLN A O   1 
ATOM   726  C  CB  . GLN A 1 91  ? 4.087   3.725   -16.338 1.00 0.00 ? 91  GLN A CB  1 
ATOM   727  C  CG  . GLN A 1 91  ? 3.742   5.208   -16.572 1.00 0.00 ? 91  GLN A CG  1 
ATOM   728  C  CD  . GLN A 1 91  ? 3.045   5.320   -17.946 1.00 0.00 ? 91  GLN A CD  1 
ATOM   729  O  OE1 . GLN A 1 91  ? 3.705   5.344   -18.984 1.00 0.00 ? 91  GLN A OE1 1 
ATOM   730  N  NE2 . GLN A 1 91  ? 1.720   5.407   -17.886 1.00 0.00 ? 91  GLN A NE2 1 
ATOM   731  N  N   . SER A 1 92  ? 4.001   5.235   -13.721 1.00 0.00 ? 92  SER A N   1 
ATOM   732  C  CA  . SER A 1 92  ? 3.963   6.446   -12.894 1.00 0.00 ? 92  SER A CA  1 
ATOM   733  C  C   . SER A 1 92  ? 5.190   6.498   -11.960 1.00 0.00 ? 92  SER A C   1 
ATOM   734  O  O   . SER A 1 92  ? 6.031   7.388   -12.061 1.00 0.00 ? 92  SER A O   1 
ATOM   735  C  CB  . SER A 1 92  ? 2.671   6.391   -12.047 1.00 0.00 ? 92  SER A CB  1 
ATOM   736  O  OG  . SER A 1 92  ? 2.589   7.565   -11.240 1.00 0.00 ? 92  SER A OG  1 
ATOM   737  N  N   . HIS A 1 93  ? 5.199   5.527   -11.059 1.00 0.00 ? 93  HIS A N   1 
ATOM   738  C  CA  . HIS A 1 93  ? 6.262   5.390   -10.060 1.00 0.00 ? 93  HIS A CA  1 
ATOM   739  C  C   . HIS A 1 93  ? 7.659   5.346   -10.699 1.00 0.00 ? 93  HIS A C   1 
ATOM   740  O  O   . HIS A 1 93  ? 8.568   6.055   -10.261 1.00 0.00 ? 93  HIS A O   1 
ATOM   741  C  CB  . HIS A 1 93  ? 5.969   4.128   -9.225  1.00 0.00 ? 93  HIS A CB  1 
ATOM   742  C  CG  . HIS A 1 93  ? 4.861   4.428   -8.259  1.00 0.00 ? 93  HIS A CG  1 
ATOM   743  N  ND1 . HIS A 1 93  ? 3.761   3.602   -8.149  1.00 0.00 ? 93  HIS A ND1 1 
ATOM   744  C  CD2 . HIS A 1 93  ? 4.742   5.461   -7.365  1.00 0.00 ? 93  HIS A CD2 1 
ATOM   745  C  CE1 . HIS A 1 93  ? 2.998   4.155   -7.210  1.00 0.00 ? 93  HIS A CE1 1 
ATOM   746  N  NE2 . HIS A 1 93  ? 3.547   5.263   -6.717  1.00 0.00 ? 93  HIS A NE2 1 
ATOM   747  N  N   . ALA A 1 94  ? 7.771   4.531   -11.739 1.00 0.00 ? 94  ALA A N   1 
ATOM   748  C  CA  . ALA A 1 94  ? 8.997   4.431   -12.540 1.00 0.00 ? 94  ALA A CA  1 
ATOM   749  C  C   . ALA A 1 94  ? 9.584   5.834   -12.818 1.00 0.00 ? 94  ALA A C   1 
ATOM   750  O  O   . ALA A 1 94  ? 10.745  6.106   -12.521 1.00 0.00 ? 94  ALA A O   1 
ATOM   751  C  CB  . ALA A 1 94  ? 8.625   3.816   -13.912 1.00 0.00 ? 94  ALA A CB  1 
ATOM   752  N  N   . THR A 1 95  ? 8.724   6.642   -13.419 1.00 0.00 ? 95  THR A N   1 
ATOM   753  C  CA  . THR A 1 95  ? 9.026   8.016   -13.803 1.00 0.00 ? 95  THR A CA  1 
ATOM   754  C  C   . THR A 1 95  ? 9.259   8.956   -12.613 1.00 0.00 ? 95  THR A C   1 
ATOM   755  O  O   . THR A 1 95  ? 10.281  9.649   -12.554 1.00 0.00 ? 95  THR A O   1 
ATOM   756  C  CB  . THR A 1 95  ? 7.901   8.564   -14.701 1.00 0.00 ? 95  THR A CB  1 
ATOM   757  O  OG1 . THR A 1 95  ? 8.238   8.304   -16.065 1.00 0.00 ? 95  THR A OG1 1 
ATOM   758  C  CG2 . THR A 1 95  ? 7.753   10.085  -14.525 1.00 0.00 ? 95  THR A CG2 1 
ATOM   759  N  N   . LYS A 1 96  ? 8.281   9.027   -11.706 1.00 0.00 ? 96  LYS A N   1 
ATOM   760  C  CA  . LYS A 1 96  ? 8.405   9.984   -10.604 1.00 0.00 ? 96  LYS A CA  1 
ATOM   761  C  C   . LYS A 1 96  ? 8.726   9.352   -9.241  1.00 0.00 ? 96  LYS A C   1 
ATOM   762  O  O   . LYS A 1 96  ? 9.855   9.446   -8.754  1.00 0.00 ? 96  LYS A O   1 
ATOM   763  C  CB  . LYS A 1 96  ? 7.180   10.906  -10.481 1.00 0.00 ? 96  LYS A CB  1 
ATOM   764  C  CG  . LYS A 1 96  ? 7.417   11.891  -9.316  1.00 0.00 ? 96  LYS A CG  1 
ATOM   765  C  CD  . LYS A 1 96  ? 6.847   13.275  -9.671  1.00 0.00 ? 96  LYS A CD  1 
ATOM   766  C  CE  . LYS A 1 96  ? 7.880   14.375  -9.365  1.00 0.00 ? 96  LYS A CE  1 
ATOM   767  N  NZ  . LYS A 1 96  ? 8.442   14.183  -8.020  1.00 0.00 ? 96  LYS A NZ  1 
ATOM   768  N  N   . HIS A 1 97  ? 7.694   8.771   -8.637  1.00 0.00 ? 97  HIS A N   1 
ATOM   769  C  CA  . HIS A 1 97  ? 7.806   8.190   -7.296  1.00 0.00 ? 97  HIS A CA  1 
ATOM   770  C  C   . HIS A 1 97  ? 8.229   6.711   -7.303  1.00 0.00 ? 97  HIS A C   1 
ATOM   771  O  O   . HIS A 1 97  ? 7.582   5.856   -6.696  1.00 0.00 ? 97  HIS A O   1 
ATOM   772  C  CB  . HIS A 1 97  ? 6.498   8.439   -6.513  1.00 0.00 ? 97  HIS A CB  1 
ATOM   773  C  CG  . HIS A 1 97  ? 5.519   9.131   -7.417  1.00 0.00 ? 97  HIS A CG  1 
ATOM   774  N  ND1 . HIS A 1 97  ? 5.717   10.431  -7.833  1.00 0.00 ? 97  HIS A ND1 1 
ATOM   775  C  CD2 . HIS A 1 97  ? 4.345   8.659   -7.946  1.00 0.00 ? 97  HIS A CD2 1 
ATOM   776  C  CE1 . HIS A 1 97  ? 4.675   10.713  -8.613  1.00 0.00 ? 97  HIS A CE1 1 
ATOM   777  N  NE2 . HIS A 1 97  ? 3.836   9.685   -8.704  1.00 0.00 ? 97  HIS A NE2 1 
ATOM   778  N  N   . LYS A 1 98  ? 9.326   6.466   -8.003  1.00 0.00 ? 98  LYS A N   1 
ATOM   779  C  CA  . LYS A 1 98  ? 10.053  5.200   -8.048  1.00 0.00 ? 98  LYS A CA  1 
ATOM   780  C  C   . LYS A 1 98  ? 9.732   4.266   -6.863  1.00 0.00 ? 98  LYS A C   1 
ATOM   781  O  O   . LYS A 1 98  ? 9.471   4.716   -5.748  1.00 0.00 ? 98  LYS A O   1 
ATOM   782  C  CB  . LYS A 1 98  ? 11.573  5.514   -7.941  1.00 0.00 ? 98  LYS A CB  1 
ATOM   783  C  CG  . LYS A 1 98  ? 11.974  5.543   -6.453  1.00 0.00 ? 98  LYS A CG  1 
ATOM   784  C  CD  . LYS A 1 98  ? 13.431  5.090   -6.260  1.00 0.00 ? 98  LYS A CD  1 
ATOM   785  C  CE  . LYS A 1 98  ? 14.393  5.997   -7.047  1.00 0.00 ? 98  LYS A CE  1 
ATOM   786  N  NZ  . LYS A 1 98  ? 15.663  5.295   -7.286  1.00 0.00 ? 98  LYS A NZ  1 
ATOM   787  N  N   . ILE A 1 99  ? 9.803   2.967   -7.150  1.00 0.00 ? 99  ILE A N   1 
ATOM   788  C  CA  . ILE A 1 99  ? 9.697   1.960   -6.077  1.00 0.00 ? 99  ILE A CA  1 
ATOM   789  C  C   . ILE A 1 99  ? 11.050  1.840   -5.342  1.00 0.00 ? 99  ILE A C   1 
ATOM   790  O  O   . ILE A 1 99  ? 11.735  0.822   -5.453  1.00 0.00 ? 99  ILE A O   1 
ATOM   791  C  CB  . ILE A 1 99  ? 9.319   0.601   -6.702  1.00 0.00 ? 99  ILE A CB  1 
ATOM   792  C  CG1 . ILE A 1 99  ? 9.600   -0.563  -5.736  1.00 0.00 ? 99  ILE A CG1 1 
ATOM   793  C  CG2 . ILE A 1 99  ? 10.124  0.390   -8.000  1.00 0.00 ? 99  ILE A CG2 1 
ATOM   794  C  CD1 . ILE A 1 99  ? 10.069  -1.803  -6.527  1.00 0.00 ? 99  ILE A CD1 1 
ATOM   795  N  N   . PRO A 1 100 ? 11.413  2.910   -4.626  1.00 0.00 ? 100 PRO A N   1 
ATOM   796  C  CA  . PRO A 1 100 ? 12.701  2.937   -3.919  1.00 0.00 ? 100 PRO A CA  1 
ATOM   797  C  C   . PRO A 1 100 ? 12.799  1.757   -2.936  1.00 0.00 ? 100 PRO A C   1 
ATOM   798  O  O   . PRO A 1 100 ? 11.885  1.526   -2.145  1.00 0.00 ? 100 PRO A O   1 
ATOM   799  C  CB  . PRO A 1 100 ? 12.777  4.293   -3.211  1.00 0.00 ? 100 PRO A CB  1 
ATOM   800  C  CG  . PRO A 1 100 ? 11.509  5.073   -3.588  1.00 0.00 ? 100 PRO A CG  1 
ATOM   801  C  CD  . PRO A 1 100 ? 10.732  4.210   -4.592  1.00 0.00 ? 100 PRO A CD  1 
ATOM   802  N  N   . ILE A 1 101 ? 13.863  0.977   -3.116  1.00 0.00 ? 101 ILE A N   1 
ATOM   803  C  CA  . ILE A 1 101 ? 14.012  -0.303  -2.446  1.00 0.00 ? 101 ILE A CA  1 
ATOM   804  C  C   . ILE A 1 101 ? 12.957  -0.559  -1.354  1.00 0.00 ? 101 ILE A C   1 
ATOM   805  O  O   . ILE A 1 101 ? 11.773  -0.285  -1.520  1.00 0.00 ? 101 ILE A O   1 
ATOM   806  C  CB  . ILE A 1 101 ? 15.395  -0.631  -1.873  1.00 0.00 ? 101 ILE A CB  1 
ATOM   807  C  CG1 . ILE A 1 101 ? 16.538  -0.409  -2.872  1.00 0.00 ? 101 ILE A CG1 1 
ATOM   808  C  CG2 . ILE A 1 101 ? 15.403  -2.109  -1.415  1.00 0.00 ? 101 ILE A CG2 1 
ATOM   809  C  CD1 . ILE A 1 101 ? 16.365  0.925   -3.616  1.00 0.00 ? 101 ILE A CD1 1 
ATOM   810  N  N   . LYS A 1 102 ? 13.484  -1.124  -0.275  1.00 0.00 ? 102 LYS A N   1 
ATOM   811  C  CA  . LYS A 1 102 ? 12.699  -1.487  0.900   1.00 0.00 ? 102 LYS A CA  1 
ATOM   812  C  C   . LYS A 1 102 ? 11.450  -0.613  1.080   1.00 0.00 ? 102 LYS A C   1 
ATOM   813  O  O   . LYS A 1 102 ? 10.480  -1.052  1.708   1.00 0.00 ? 102 LYS A O   1 
ATOM   814  C  CB  . LYS A 1 102 ? 13.594  -1.500  2.152   1.00 0.00 ? 102 LYS A CB  1 
ATOM   815  C  CG  . LYS A 1 102 ? 14.127  -2.919  2.422   1.00 0.00 ? 102 LYS A CG  1 
ATOM   816  C  CD  . LYS A 1 102 ? 15.534  -3.108  1.829   1.00 0.00 ? 102 LYS A CD  1 
ATOM   817  C  CE  . LYS A 1 102 ? 16.172  -4.408  2.358   1.00 0.00 ? 102 LYS A CE  1 
ATOM   818  N  NZ  . LYS A 1 102 ? 17.316  -4.095  3.226   1.00 0.00 ? 102 LYS A NZ  1 
ATOM   819  N  N   . TYR A 1 103 ? 11.487  0.582   0.500   1.00 0.00 ? 103 TYR A N   1 
ATOM   820  C  CA  . TYR A 1 103 ? 10.336  1.496   0.552   1.00 0.00 ? 103 TYR A CA  1 
ATOM   821  C  C   . TYR A 1 103 ? 9.014   0.696   0.510   1.00 0.00 ? 103 TYR A C   1 
ATOM   822  O  O   . TYR A 1 103 ? 8.202   0.760   1.428   1.00 0.00 ? 103 TYR A O   1 
ATOM   823  C  CB  . TYR A 1 103 ? 10.301  2.406   -0.683  1.00 0.00 ? 103 TYR A CB  1 
ATOM   824  C  CG  . TYR A 1 103 ? 11.264  3.593   -0.668  1.00 0.00 ? 103 TYR A CG  1 
ATOM   825  C  CD1 . TYR A 1 103 ? 10.939  4.716   -1.448  1.00 0.00 ? 103 TYR A CD1 1 
ATOM   826  C  CD2 . TYR A 1 103 ? 12.390  3.622   0.160   1.00 0.00 ? 103 TYR A CD2 1 
ATOM   827  C  CE1 . TYR A 1 103 ? 11.751  5.853   -1.419  1.00 0.00 ? 103 TYR A CE1 1 
ATOM   828  C  CE2 . TYR A 1 103 ? 13.205  4.761   0.187   1.00 0.00 ? 103 TYR A CE2 1 
ATOM   829  C  CZ  . TYR A 1 103 ? 12.874  5.882   -0.583  1.00 0.00 ? 103 TYR A CZ  1 
ATOM   830  O  OH  . TYR A 1 103 ? 13.693  7.017   -0.552  1.00 0.00 ? 103 TYR A OH  1 
ATOM   831  N  N   . LEU A 1 104 ? 8.858   -0.013  -0.609  1.00 0.00 ? 104 LEU A N   1 
ATOM   832  C  CA  . LEU A 1 104 ? 7.613   -0.776  -0.789  1.00 0.00 ? 104 LEU A CA  1 
ATOM   833  C  C   . LEU A 1 104 ? 7.480   -1.812  0.336   1.00 0.00 ? 104 LEU A C   1 
ATOM   834  O  O   . LEU A 1 104 ? 6.395   -2.010  0.885   1.00 0.00 ? 104 LEU A O   1 
ATOM   835  C  CB  . LEU A 1 104 ? 7.556   -1.448  -2.164  1.00 0.00 ? 104 LEU A CB  1 
ATOM   836  C  CG  . LEU A 1 104 ? 6.354   -0.999  -3.005  1.00 0.00 ? 104 LEU A CG  1 
ATOM   837  C  CD1 . LEU A 1 104 ? 5.278   -0.315  -2.149  1.00 0.00 ? 104 LEU A CD1 1 
ATOM   838  C  CD2 . LEU A 1 104 ? 6.799   -0.081  -4.158  1.00 0.00 ? 104 LEU A CD2 1 
ATOM   839  N  N   . GLU A 1 105 ? 8.603   -2.467  0.660   1.00 0.00 ? 105 GLU A N   1 
ATOM   840  C  CA  . GLU A 1 105 ? 8.453   -3.540  1.668   1.00 0.00 ? 105 GLU A CA  1 
ATOM   841  C  C   . GLU A 1 105 ? 7.825   -2.900  2.918   1.00 0.00 ? 105 GLU A C   1 
ATOM   842  O  O   . GLU A 1 105 ? 6.823   -3.364  3.455   1.00 0.00 ? 105 GLU A O   1 
ATOM   843  C  CB  . GLU A 1 105 ? 9.773   -4.252  1.996   1.00 0.00 ? 105 GLU A CB  1 
ATOM   844  C  CG  . GLU A 1 105 ? 9.677   -5.725  1.536   1.00 0.00 ? 105 GLU A CG  1 
ATOM   845  C  CD  . GLU A 1 105 ? 10.972  -6.480  1.889   1.00 0.00 ? 105 GLU A CD  1 
ATOM   846  O  OE1 . GLU A 1 105 ? 11.986  -5.768  2.121   1.00 0.00 ? 105 GLU A OE1 1 
ATOM   847  O  OE2 . GLU A 1 105 ? 10.900  -7.739  1.924   1.00 0.00 ? 105 GLU A OE2 1 
ATOM   848  N  N   . PHE A 1 106 ? 8.466   -1.800  3.304   1.00 0.00 ? 106 PHE A N   1 
ATOM   849  C  CA  . PHE A 1 106 ? 7.945   -1.042  4.449   1.00 0.00 ? 106 PHE A CA  1 
ATOM   850  C  C   . PHE A 1 106 ? 6.447   -0.756  4.271   1.00 0.00 ? 106 PHE A C   1 
ATOM   851  O  O   . PHE A 1 106 ? 5.637   -1.167  5.106   1.00 0.00 ? 106 PHE A O   1 
ATOM   852  C  CB  . PHE A 1 106 ? 8.819   0.204   4.681   1.00 0.00 ? 106 PHE A CB  1 
ATOM   853  C  CG  . PHE A 1 106 ? 10.284  -0.156  4.343   1.00 0.00 ? 106 PHE A CG  1 
ATOM   854  C  CD1 . PHE A 1 106 ? 10.723  -1.476  4.507   1.00 0.00 ? 106 PHE A CD1 1 
ATOM   855  C  CD2 . PHE A 1 106 ? 11.187  0.834   3.945   1.00 0.00 ? 106 PHE A CD2 1 
ATOM   856  C  CE1 . PHE A 1 106 ? 12.061  -1.806  4.262   1.00 0.00 ? 106 PHE A CE1 1 
ATOM   857  C  CE2 . PHE A 1 106 ? 12.527  0.507   3.699   1.00 0.00 ? 106 PHE A CE2 1 
ATOM   858  C  CZ  . PHE A 1 106 ? 12.962  -0.815  3.851   1.00 0.00 ? 106 PHE A CZ  1 
ATOM   859  N  N   . ILE A 1 107 ? 6.115   -0.022  3.209   1.00 0.00 ? 107 ILE A N   1 
ATOM   860  C  CA  . ILE A 1 107 ? 4.699   0.292   2.949   1.00 0.00 ? 107 ILE A CA  1 
ATOM   861  C  C   . ILE A 1 107 ? 3.815   -0.944  3.239   1.00 0.00 ? 107 ILE A C   1 
ATOM   862  O  O   . ILE A 1 107 ? 2.939   -0.929  4.096   1.00 0.00 ? 107 ILE A O   1 
ATOM   863  C  CB  . ILE A 1 107 ? 4.489   0.614   1.448   1.00 0.00 ? 107 ILE A CB  1 
ATOM   864  C  CG1 . ILE A 1 107 ? 4.344   2.144   1.303   1.00 0.00 ? 107 ILE A CG1 1 
ATOM   865  C  CG2 . ILE A 1 107 ? 3.180   -0.052  0.963   1.00 0.00 ? 107 ILE A CG2 1 
ATOM   866  C  CD1 . ILE A 1 107 ? 3.291   2.639   2.314   1.00 0.00 ? 107 ILE A CD1 1 
ATOM   867  N  N   . SER A 1 108 ? 4.116   -1.973  2.456   1.00 0.00 ? 108 SER A N   1 
ATOM   868  C  CA  . SER A 1 108 ? 3.433   -3.267  2.581   1.00 0.00 ? 108 SER A CA  1 
ATOM   869  C  C   . SER A 1 108 ? 3.306   -3.647  4.068   1.00 0.00 ? 108 SER A C   1 
ATOM   870  O  O   . SER A 1 108 ? 2.205   -3.645  4.624   1.00 0.00 ? 108 SER A O   1 
ATOM   871  C  CB  . SER A 1 108 ? 4.233   -4.344  1.818   1.00 0.00 ? 108 SER A CB  1 
ATOM   872  O  OG  . SER A 1 108 ? 4.010   -4.105  0.423   1.00 0.00 ? 108 SER A OG  1 
ATOM   873  N  N   . GLU A 1 109 ? 4.446   -3.940  4.689   1.00 0.00 ? 109 GLU A N   1 
ATOM   874  C  CA  . GLU A 1 109 ? 4.445   -4.292  6.115   1.00 0.00 ? 109 GLU A CA  1 
ATOM   875  C  C   . GLU A 1 109 ? 3.495   -3.391  6.923   1.00 0.00 ? 109 GLU A C   1 
ATOM   876  O  O   . GLU A 1 109 ? 2.596   -3.895  7.602   1.00 0.00 ? 109 GLU A O   1 
ATOM   877  C  CB  . GLU A 1 109 ? 5.868   -4.224  6.699   1.00 0.00 ? 109 GLU A CB  1 
ATOM   878  C  CG  . GLU A 1 109 ? 6.499   -5.625  6.763   1.00 0.00 ? 109 GLU A CG  1 
ATOM   879  C  CD  . GLU A 1 109 ? 8.036   -5.556  6.716   1.00 0.00 ? 109 GLU A CD  1 
ATOM   880  O  OE1 . GLU A 1 109 ? 8.630   -6.135  7.668   1.00 0.00 ? 109 GLU A OE1 1 
ATOM   881  O  OE2 . GLU A 1 109 ? 8.553   -4.936  5.750   1.00 0.00 ? 109 GLU A OE2 1 
ATOM   882  N  N   . ALA A 1 110 ? 3.748   -2.086  6.876   1.00 0.00 ? 110 ALA A N   1 
ATOM   883  C  CA  . ALA A 1 110 ? 2.988   -1.151  7.720   1.00 0.00 ? 110 ALA A CA  1 
ATOM   884  C  C   . ALA A 1 110 ? 1.473   -1.325  7.525   1.00 0.00 ? 110 ALA A C   1 
ATOM   885  O  O   . ALA A 1 110 ? 0.726   -1.573  8.469   1.00 0.00 ? 110 ALA A O   1 
ATOM   886  C  CB  . ALA A 1 110 ? 3.404   0.302   7.431   1.00 0.00 ? 110 ALA A CB  1 
ATOM   887  N  N   . ILE A 1 111 ? 1.095   -1.188  6.260   1.00 0.00 ? 111 ILE A N   1 
ATOM   888  C  CA  . ILE A 1 111 ? -0.298  -1.417  5.852   1.00 0.00 ? 111 ILE A CA  1 
ATOM   889  C  C   . ILE A 1 111 ? -0.839  -2.673  6.570   1.00 0.00 ? 111 ILE A C   1 
ATOM   890  O  O   . ILE A 1 111 ? -1.883  -2.617  7.220   1.00 0.00 ? 111 ILE A O   1 
ATOM   891  C  CB  . ILE A 1 111 ? -0.323  -1.625  4.326   1.00 0.00 ? 111 ILE A CB  1 
ATOM   892  C  CG1 . ILE A 1 111 ? -0.225  -0.284  3.577   1.00 0.00 ? 111 ILE A CG1 1 
ATOM   893  C  CG2 . ILE A 1 111 ? -1.573  -2.397  3.879   1.00 0.00 ? 111 ILE A CG2 1 
ATOM   894  C  CD1 . ILE A 1 111 ? -0.440  -0.523  2.068   1.00 0.00 ? 111 ILE A CD1 1 
ATOM   895  N  N   . ILE A 1 112 ? -0.100  -3.761  6.399   1.00 0.00 ? 112 ILE A N   1 
ATOM   896  C  CA  . ILE A 1 112 ? -0.472  -5.060  6.969   1.00 0.00 ? 112 ILE A CA  1 
ATOM   897  C  C   . ILE A 1 112 ? -0.894  -4.926  8.447   1.00 0.00 ? 112 ILE A C   1 
ATOM   898  O  O   . ILE A 1 112 ? -2.061  -5.105  8.789   1.00 0.00 ? 112 ILE A O   1 
ATOM   899  C  CB  . ILE A 1 112 ? 0.723   -6.031  6.879   1.00 0.00 ? 112 ILE A CB  1 
ATOM   900  C  CG1 . ILE A 1 112 ? 0.594   -6.952  5.653   1.00 0.00 ? 112 ILE A CG1 1 
ATOM   901  C  CG2 . ILE A 1 112 ? 0.831   -6.873  8.163   1.00 0.00 ? 112 ILE A CG2 1 
ATOM   902  C  CD1 . ILE A 1 112 ? 1.106   -8.362  6.006   1.00 0.00 ? 112 ILE A CD1 1 
ATOM   903  N  N   . HIS A 1 113 ? 0.108   -4.623  9.257   1.00 0.00 ? 113 HIS A N   1 
ATOM   904  C  CA  . HIS A 1 113 ? -0.034  -4.457  10.704  1.00 0.00 ? 113 HIS A CA  1 
ATOM   905  C  C   . HIS A 1 113 ? -1.177  -3.500  11.065  1.00 0.00 ? 113 HIS A C   1 
ATOM   906  O  O   . HIS A 1 113 ? -2.092  -3.874  11.804  1.00 0.00 ? 113 HIS A O   1 
ATOM   907  C  CB  . HIS A 1 113 ? 1.335   -4.094  11.282  1.00 0.00 ? 113 HIS A CB  1 
ATOM   908  C  CG  . HIS A 1 113 ? 1.305   -2.875  12.142  1.00 0.00 ? 113 HIS A CG  1 
ATOM   909  N  ND1 . HIS A 1 113 ? 2.166   -2.761  13.218  1.00 0.00 ? 113 HIS A ND1 1 
ATOM   910  C  CD2 . HIS A 1 113 ? 0.503   -1.767  12.078  1.00 0.00 ? 113 HIS A CD2 1 
ATOM   911  C  CE1 . HIS A 1 113 ? 1.876   -1.582  13.760  1.00 0.00 ? 113 HIS A CE1 1 
ATOM   912  N  NE2 . HIS A 1 113 ? 0.893   -0.958  13.116  1.00 0.00 ? 113 HIS A NE2 1 
ATOM   913  N  N   . VAL A 1 114 ? -1.128  -2.334  10.439  1.00 0.00 ? 114 VAL A N   1 
ATOM   914  C  CA  . VAL A 1 114 ? -2.176  -1.318  10.555  1.00 0.00 ? 114 VAL A CA  1 
ATOM   915  C  C   . VAL A 1 114 ? -3.586  -1.930  10.499  1.00 0.00 ? 114 VAL A C   1 
ATOM   916  O  O   . VAL A 1 114 ? -4.336  -1.885  11.474  1.00 0.00 ? 114 VAL A O   1 
ATOM   917  C  CB  . VAL A 1 114 ? -1.980  -0.296  9.422   1.00 0.00 ? 114 VAL A CB  1 
ATOM   918  C  CG1 . VAL A 1 114 ? -3.316  0.265   8.922   1.00 0.00 ? 114 VAL A CG1 1 
ATOM   919  C  CG2 . VAL A 1 114 ? -1.009  0.816   9.848   1.00 0.00 ? 114 VAL A CG2 1 
ATOM   920  N  N   . LEU A 1 115 ? -3.873  -2.484  9.327   1.00 0.00 ? 115 LEU A N   1 
ATOM   921  C  CA  . LEU A 1 115 ? -5.192  -3.074  9.082   1.00 0.00 ? 115 LEU A CA  1 
ATOM   922  C  C   . LEU A 1 115 ? -5.646  -3.996  10.227  1.00 0.00 ? 115 LEU A C   1 
ATOM   923  O  O   . LEU A 1 115 ? -6.672  -3.764  10.862  1.00 0.00 ? 115 LEU A O   1 
ATOM   924  C  CB  . LEU A 1 115 ? -5.129  -3.925  7.796   1.00 0.00 ? 115 LEU A CB  1 
ATOM   925  C  CG  . LEU A 1 115 ? -5.984  -3.238  6.714   1.00 0.00 ? 115 LEU A CG  1 
ATOM   926  C  CD1 . LEU A 1 115 ? -5.517  -1.783  6.533   1.00 0.00 ? 115 LEU A CD1 1 
ATOM   927  C  CD2 . LEU A 1 115 ? -5.866  -4.032  5.401   1.00 0.00 ? 115 LEU A CD2 1 
ATOM   928  N  N   . HIS A 1 116 ? -4.858  -5.052  10.388  1.00 0.00 ? 116 HIS A N   1 
ATOM   929  C  CA  . HIS A 1 116 ? -5.226  -6.119  11.329  1.00 0.00 ? 116 HIS A CA  1 
ATOM   930  C  C   . HIS A 1 116 ? -5.667  -5.506  12.672  1.00 0.00 ? 116 HIS A C   1 
ATOM   931  O  O   . HIS A 1 116 ? -6.749  -5.783  13.181  1.00 0.00 ? 116 HIS A O   1 
ATOM   932  C  CB  . HIS A 1 116 ? -4.001  -7.031  11.534  1.00 0.00 ? 116 HIS A CB  1 
ATOM   933  C  CG  . HIS A 1 116 ? -3.335  -6.724  12.839  1.00 0.00 ? 116 HIS A CG  1 
ATOM   934  N  ND1 . HIS A 1 116 ? -3.983  -6.952  14.037  1.00 0.00 ? 116 HIS A ND1 1 
ATOM   935  C  CD2 . HIS A 1 116 ? -2.079  -6.235  13.090  1.00 0.00 ? 116 HIS A CD2 1 
ATOM   936  C  CE1 . HIS A 1 116 ? -3.116  -6.582  14.976  1.00 0.00 ? 116 HIS A CE1 1 
ATOM   937  N  NE2 . HIS A 1 116 ? -1.969  -6.151  14.456  1.00 0.00 ? 116 HIS A NE2 1 
ATOM   938  N  N   . SER A 1 117 ? -4.752  -4.687  13.171  1.00 0.00 ? 117 SER A N   1 
ATOM   939  C  CA  . SER A 1 117 ? -4.963  -3.900  14.383  1.00 0.00 ? 117 SER A CA  1 
ATOM   940  C  C   . SER A 1 117 ? -6.326  -3.176  14.374  1.00 0.00 ? 117 SER A C   1 
ATOM   941  O  O   . SER A 1 117 ? -7.105  -3.293  15.321  1.00 0.00 ? 117 SER A O   1 
ATOM   942  C  CB  . SER A 1 117 ? -3.855  -2.823  14.468  1.00 0.00 ? 117 SER A CB  1 
ATOM   943  O  OG  . SER A 1 117 ? -4.474  -1.559  14.203  1.00 0.00 ? 117 SER A OG  1 
ATOM   944  N  N   . LYS A 1 118 ? -6.542  -2.412  13.310  1.00 0.00 ? 118 LYS A N   1 
ATOM   945  C  CA  . LYS A 1 118 ? -7.720  -1.564  13.176  1.00 0.00 ? 118 LYS A CA  1 
ATOM   946  C  C   . LYS A 1 118 ? -9.061  -2.274  13.384  1.00 0.00 ? 118 LYS A C   1 
ATOM   947  O  O   . LYS A 1 118 ? -9.814  -1.953  14.308  1.00 0.00 ? 118 LYS A O   1 
ATOM   948  C  CB  . LYS A 1 118 ? -7.710  -0.810  11.833  1.00 0.00 ? 118 LYS A CB  1 
ATOM   949  C  CG  . LYS A 1 118 ? -8.127  0.659   12.049  1.00 0.00 ? 118 LYS A CG  1 
ATOM   950  C  CD  . LYS A 1 118 ? -7.314  1.567   11.106  1.00 0.00 ? 118 LYS A CD  1 
ATOM   951  C  CE  . LYS A 1 118 ? -7.750  3.033   11.282  1.00 0.00 ? 118 LYS A CE  1 
ATOM   952  N  NZ  . LYS A 1 118 ? -8.804  3.122   12.303  1.00 0.00 ? 118 LYS A NZ  1 
ATOM   953  N  N   . HIS A 1 119 ? -9.373  -3.173  12.450  1.00 0.00 ? 119 HIS A N   1 
ATOM   954  C  CA  . HIS A 1 119 ? -10.718 -3.761  12.449  1.00 0.00 ? 119 HIS A CA  1 
ATOM   955  C  C   . HIS A 1 119 ? -10.706 -5.275  12.703  1.00 0.00 ? 119 HIS A C   1 
ATOM   956  O  O   . HIS A 1 119 ? -11.355 -6.046  11.997  1.00 0.00 ? 119 HIS A O   1 
ATOM   957  C  CB  . HIS A 1 119 ? -11.427 -3.412  11.128  1.00 0.00 ? 119 HIS A CB  1 
ATOM   958  C  CG  . HIS A 1 119 ? -12.888 -3.208  11.393  1.00 0.00 ? 119 HIS A CG  1 
ATOM   959  N  ND1 . HIS A 1 119 ? -13.476 -1.967  11.257  1.00 0.00 ? 119 HIS A ND1 1 
ATOM   960  C  CD2 . HIS A 1 119 ? -13.826 -4.117  11.812  1.00 0.00 ? 119 HIS A CD2 1 
ATOM   961  C  CE1 . HIS A 1 119 ? -14.754 -2.157  11.574  1.00 0.00 ? 119 HIS A CE1 1 
ATOM   962  N  NE2 . HIS A 1 119 ? -15.004 -3.421  11.912  1.00 0.00 ? 119 HIS A NE2 1 
ATOM   963  N  N   . PRO A 1 120 ? -9.953  -5.649  13.738  1.00 0.00 ? 120 PRO A N   1 
ATOM   964  C  CA  . PRO A 1 120 ? -9.843  -7.065  14.114  1.00 0.00 ? 120 PRO A CA  1 
ATOM   965  C  C   . PRO A 1 120 ? -11.245 -7.659  14.351  1.00 0.00 ? 120 PRO A C   1 
ATOM   966  O  O   . PRO A 1 120 ? -12.228 -7.174  13.783  1.00 0.00 ? 120 PRO A O   1 
ATOM   967  C  CB  . PRO A 1 120 ? -9.061  -7.089  15.439  1.00 0.00 ? 120 PRO A CB  1 
ATOM   968  C  CG  . PRO A 1 120 ? -8.480  -5.684  15.640  1.00 0.00 ? 120 PRO A CG  1 
ATOM   969  C  CD  . PRO A 1 120 ? -9.081  -4.788  14.549  1.00 0.00 ? 120 PRO A CD  1 
ATOM   970  N  N   . ALA A 1 121 ? -11.307 -8.676  15.201  1.00 0.00 ? 121 ALA A N   1 
ATOM   971  C  CA  . ALA A 1 121 ? -10.133 -9.224  15.889  1.00 0.00 ? 121 ALA A CA  1 
ATOM   972  C  C   . ALA A 1 121 ? -9.820  -10.578 15.212  1.00 0.00 ? 121 ALA A C   1 
ATOM   973  O  O   . ALA A 1 121 ? -9.769  -11.640 15.810  1.00 0.00 ? 121 ALA A O   1 
ATOM   974  C  CB  . ALA A 1 121 ? -10.367 -9.385  17.395  1.00 0.00 ? 121 ALA A CB  1 
ATOM   975  N  N   . GLU A 1 122 ? -9.672  -10.372 13.912  1.00 0.00 ? 122 GLU A N   1 
ATOM   976  C  CA  . GLU A 1 122 ? -9.197  -11.402 12.986  1.00 0.00 ? 122 GLU A CA  1 
ATOM   977  C  C   . GLU A 1 122 ? -7.759  -11.730 13.461  1.00 0.00 ? 122 GLU A C   1 
ATOM   978  O  O   . GLU A 1 122 ? -7.548  -12.579 14.320  1.00 0.00 ? 122 GLU A O   1 
ATOM   979  C  CB  . GLU A 1 122 ? -9.094  -10.769 11.578  1.00 0.00 ? 122 GLU A CB  1 
ATOM   980  C  CG  . GLU A 1 122 ? -10.378 -10.962 10.764  1.00 0.00 ? 122 GLU A CG  1 
ATOM   981  C  CD  . GLU A 1 122 ? -11.353 -9.787  10.951  1.00 0.00 ? 122 GLU A CD  1 
ATOM   982  O  OE1 . GLU A 1 122 ? -10.978 -8.844  11.698  1.00 0.00 ? 122 GLU A OE1 1 
ATOM   983  O  OE2 . GLU A 1 122 ? -12.451 -9.878  10.334  1.00 0.00 ? 122 GLU A OE2 1 
ATOM   984  N  N   . PHE A 1 123 ? -6.826  -11.031 12.820  1.00 0.00 ? 123 PHE A N   1 
ATOM   985  C  CA  . PHE A 1 123 ? -5.403  -11.372 13.064  1.00 0.00 ? 123 PHE A CA  1 
ATOM   986  C  C   . PHE A 1 123 ? -5.265  -12.831 12.585  1.00 0.00 ? 123 PHE A C   1 
ATOM   987  O  O   . PHE A 1 123 ? -4.180  -13.337 12.321  1.00 0.00 ? 123 PHE A O   1 
ATOM   988  C  CB  . PHE A 1 123 ? -4.550  -10.412 12.195  1.00 0.00 ? 123 PHE A CB  1 
ATOM   989  C  CG  . PHE A 1 123 ? -5.513  -10.011 11.053  1.00 0.00 ? 123 PHE A CG  1 
ATOM   990  C  CD1 . PHE A 1 123 ? -6.615  -10.857 10.853  1.00 0.00 ? 123 PHE A CD1 1 
ATOM   991  C  CD2 . PHE A 1 123 ? -5.366  -8.834  10.323  1.00 0.00 ? 123 PHE A CD2 1 
ATOM   992  C  CE1 . PHE A 1 123 ? -7.576  -10.538 9.889   1.00 0.00 ? 123 PHE A CE1 1 
ATOM   993  C  CE2 . PHE A 1 123 ? -6.331  -8.520  9.354   1.00 0.00 ? 123 PHE A CE2 1 
ATOM   994  C  CZ  . PHE A 1 123 ? -7.423  -9.366  9.137   1.00 0.00 ? 123 PHE A CZ  1 
ATOM   995  N  N   . GLY A 1 124 ? -6.434  -13.486 12.554  1.00 0.00 ? 124 GLY A N   1 
ATOM   996  C  CA  . GLY A 1 124 ? -6.380  -14.902 12.120  1.00 0.00 ? 124 GLY A CA  1 
ATOM   997  C  C   . GLY A 1 124 ? -4.963  -15.116 11.544  1.00 0.00 ? 124 GLY A C   1 
ATOM   998  O  O   . GLY A 1 124 ? -4.608  -14.520 10.528  1.00 0.00 ? 124 GLY A O   1 
ATOM   999  N  N   . ALA A 1 125 ? -4.191  -15.945 12.244  1.00 0.00 ? 125 ALA A N   1 
ATOM   1000 C  CA  . ALA A 1 125 ? -2.795  -16.133 11.815  1.00 0.00 ? 125 ALA A CA  1 
ATOM   1001 C  C   . ALA A 1 125 ? -2.725  -16.287 10.286  1.00 0.00 ? 125 ALA A C   1 
ATOM   1002 O  O   . ALA A 1 125 ? -2.036  -15.567 9.571   1.00 0.00 ? 125 ALA A O   1 
ATOM   1003 C  CB  . ALA A 1 125 ? -2.199  -17.387 12.483  1.00 0.00 ? 125 ALA A CB  1 
ATOM   1004 N  N   . ASP A 1 126 ? -3.445  -17.318 9.857   1.00 0.00 ? 126 ASP A N   1 
ATOM   1005 C  CA  . ASP A 1 126 ? -3.428  -17.641 8.421   1.00 0.00 ? 126 ASP A CA  1 
ATOM   1006 C  C   . ASP A 1 126 ? -3.655  -16.366 7.593   1.00 0.00 ? 126 ASP A C   1 
ATOM   1007 O  O   . ASP A 1 126 ? -2.922  -16.115 6.633   1.00 0.00 ? 126 ASP A O   1 
ATOM   1008 C  CB  . ASP A 1 126 ? -4.512  -18.723 8.219   1.00 0.00 ? 126 ASP A CB  1 
ATOM   1009 C  CG  . ASP A 1 126 ? -4.231  -19.849 9.240   1.00 0.00 ? 126 ASP A CG  1 
ATOM   1010 O  OD1 . ASP A 1 126 ? -3.024  -20.196 9.364   1.00 0.00 ? 126 ASP A OD1 1 
ATOM   1011 O  OD2 . ASP A 1 126 ? -5.230  -20.309 9.853   1.00 0.00 ? 126 ASP A OD2 1 
ATOM   1012 N  N   . ALA A 1 127 ? -4.682  -15.624 7.976   1.00 0.00 ? 127 ALA A N   1 
ATOM   1013 C  CA  . ALA A 1 127 ? -5.033  -14.342 7.363   1.00 0.00 ? 127 ALA A CA  1 
ATOM   1014 C  C   . ALA A 1 127 ? -3.868  -13.333 7.326   1.00 0.00 ? 127 ALA A C   1 
ATOM   1015 O  O   . ALA A 1 127 ? -3.521  -12.834 6.249   1.00 0.00 ? 127 ALA A O   1 
ATOM   1016 C  CB  . ALA A 1 127 ? -6.254  -13.744 8.091   1.00 0.00 ? 127 ALA A CB  1 
ATOM   1017 N  N   . GLN A 1 128 ? -3.277  -13.069 8.484   1.00 0.00 ? 128 GLN A N   1 
ATOM   1018 C  CA  . GLN A 1 128 ? -2.113  -12.168 8.596   1.00 0.00 ? 128 GLN A CA  1 
ATOM   1019 C  C   . GLN A 1 128 ? -1.086  -12.531 7.494   1.00 0.00 ? 128 GLN A C   1 
ATOM   1020 O  O   . GLN A 1 128 ? -0.709  -11.694 6.678   1.00 0.00 ? 128 GLN A O   1 
ATOM   1021 C  CB  . GLN A 1 128 ? -1.439  -12.457 9.957   1.00 0.00 ? 128 GLN A CB  1 
ATOM   1022 C  CG  . GLN A 1 128 ? -0.813  -11.222 10.622  1.00 0.00 ? 128 GLN A CG  1 
ATOM   1023 C  CD  . GLN A 1 128 ? -0.812  -11.420 12.153  1.00 0.00 ? 128 GLN A CD  1 
ATOM   1024 O  OE1 . GLN A 1 128 ? -1.798  -11.110 12.823  1.00 0.00 ? 128 GLN A OE1 1 
ATOM   1025 N  NE2 . GLN A 1 128 ? 0.320   -11.906 12.652  1.00 0.00 ? 128 GLN A NE2 1 
ATOM   1026 N  N   . ALA A 1 129 ? -0.682  -13.792 7.562   1.00 0.00 ? 129 ALA A N   1 
ATOM   1027 C  CA  . ALA A 1 129 ? 0.210   -14.390 6.564   1.00 0.00 ? 129 ALA A CA  1 
ATOM   1028 C  C   . ALA A 1 129 ? -0.155  -13.928 5.141   1.00 0.00 ? 129 ALA A C   1 
ATOM   1029 O  O   . ALA A 1 129 ? 0.621   -13.232 4.481   1.00 0.00 ? 129 ALA A O   1 
ATOM   1030 C  CB  . ALA A 1 129 ? 0.098   -15.932 6.626   1.00 0.00 ? 129 ALA A CB  1 
ATOM   1031 N  N   . ALA A 1 130 ? -1.321  -14.368 4.661   1.00 0.00 ? 130 ALA A N   1 
ATOM   1032 C  CA  . ALA A 1 130 ? -1.666  -14.038 3.263   1.00 0.00 ? 130 ALA A CA  1 
ATOM   1033 C  C   . ALA A 1 130 ? -1.418  -12.529 3.049   1.00 0.00 ? 130 ALA A C   1 
ATOM   1034 O  O   . ALA A 1 130 ? -0.610  -12.131 2.213   1.00 0.00 ? 130 ALA A O   1 
ATOM   1035 C  CB  . ALA A 1 130 ? -3.138  -14.384 2.972   1.00 0.00 ? 130 ALA A CB  1 
ATOM   1036 N  N   . MET A 1 131 ? -2.157  -11.761 3.838   1.00 0.00 ? 131 MET A N   1 
ATOM   1037 C  CA  . MET A 1 131 ? -2.109  -10.295 3.773   1.00 0.00 ? 131 MET A CA  1 
ATOM   1038 C  C   . MET A 1 131 ? -0.692  -9.832  3.386   1.00 0.00 ? 131 MET A C   1 
ATOM   1039 O  O   . MET A 1 131 ? -0.465  -9.362  2.274   1.00 0.00 ? 131 MET A O   1 
ATOM   1040 C  CB  . MET A 1 131 ? -2.482  -9.714  5.150   1.00 0.00 ? 131 MET A CB  1 
ATOM   1041 C  CG  . MET A 1 131 ? -2.565  -10.848 6.197   1.00 0.00 ? 131 MET A CG  1 
ATOM   1042 S  SD  . MET A 1 131 ? -2.845  -10.155 7.855   1.00 0.00 ? 131 MET A SD  1 
ATOM   1043 C  CE  . MET A 1 131 ? -3.498  -8.503  7.483   1.00 0.00 ? 131 MET A CE  1 
ATOM   1044 N  N   . LYS A 1 132 ? 0.215   -10.039 4.334   1.00 0.00 ? 132 LYS A N   1 
ATOM   1045 C  CA  . LYS A 1 132 ? 1.632   -9.732  4.089   1.00 0.00 ? 132 LYS A CA  1 
ATOM   1046 C  C   . LYS A 1 132 ? 2.102   -10.382 2.780   1.00 0.00 ? 132 LYS A C   1 
ATOM   1047 O  O   . LYS A 1 132 ? 2.597   -9.700  1.879   1.00 0.00 ? 132 LYS A O   1 
ATOM   1048 C  CB  . LYS A 1 132 ? 2.452   -10.186 5.305   1.00 0.00 ? 132 LYS A CB  1 
ATOM   1049 C  CG  . LYS A 1 132 ? 3.861   -10.662 4.926   1.00 0.00 ? 132 LYS A CG  1 
ATOM   1050 C  CD  . LYS A 1 132 ? 4.422   -11.537 6.068   1.00 0.00 ? 132 LYS A CD  1 
ATOM   1051 C  CE  . LYS A 1 132 ? 4.938   -12.872 5.500   1.00 0.00 ? 132 LYS A CE  1 
ATOM   1052 N  NZ  . LYS A 1 132 ? 6.036   -12.614 4.556   1.00 0.00 ? 132 LYS A NZ  1 
ATOM   1053 N  N   . LYS A 1 133 ? 1.933   -11.702 2.705   1.00 0.00 ? 133 LYS A N   1 
ATOM   1054 C  CA  . LYS A 1 133 ? 2.348   -12.407 1.480   1.00 0.00 ? 133 LYS A CA  1 
ATOM   1055 C  C   . LYS A 1 133 ? 1.757   -11.693 0.253   1.00 0.00 ? 133 LYS A C   1 
ATOM   1056 O  O   . LYS A 1 133 ? 2.447   -11.462 -0.740  1.00 0.00 ? 133 LYS A O   1 
ATOM   1057 C  CB  . LYS A 1 133 ? 1.917   -13.882 1.511   1.00 0.00 ? 133 LYS A CB  1 
ATOM   1058 C  CG  . LYS A 1 133 ? 2.013   -14.506 0.107   1.00 0.00 ? 133 LYS A CG  1 
ATOM   1059 C  CD  . LYS A 1 133 ? 3.402   -15.136 -0.103  1.00 0.00 ? 133 LYS A CD  1 
ATOM   1060 C  CE  . LYS A 1 133 ? 3.288   -16.357 -1.035  1.00 0.00 ? 133 LYS A CE  1 
ATOM   1061 N  NZ  . LYS A 1 133 ? 4.411   -17.274 -0.790  1.00 0.00 ? 133 LYS A NZ  1 
ATOM   1062 N  N   . ALA A 1 134 ? 0.475   -11.353 0.379   1.00 0.00 ? 134 ALA A N   1 
ATOM   1063 C  CA  . ALA A 1 134 ? -0.172  -10.630 -0.725  1.00 0.00 ? 134 ALA A CA  1 
ATOM   1064 C  C   . ALA A 1 134 ? 0.628   -9.375  -1.093  1.00 0.00 ? 134 ALA A C   1 
ATOM   1065 O  O   . ALA A 1 134 ? 1.093   -9.244  -2.232  1.00 0.00 ? 134 ALA A O   1 
ATOM   1066 C  CB  . ALA A 1 134 ? -1.646  -10.345 -0.428  1.00 0.00 ? 134 ALA A CB  1 
ATOM   1067 N  N   . LEU A 1 135 ? 0.840   -8.482  -0.121  1.00 0.00 ? 135 LEU A N   1 
ATOM   1068 C  CA  . LEU A 1 135 ? 1.608   -7.275  -0.483  1.00 0.00 ? 135 LEU A CA  1 
ATOM   1069 C  C   . LEU A 1 135 ? 2.893   -7.686  -1.221  1.00 0.00 ? 135 LEU A C   1 
ATOM   1070 O  O   . LEU A 1 135 ? 3.206   -7.146  -2.283  1.00 0.00 ? 135 LEU A O   1 
ATOM   1071 C  CB  . LEU A 1 135 ? 1.909   -6.392  0.736   1.00 0.00 ? 135 LEU A CB  1 
ATOM   1072 C  CG  . LEU A 1 135 ? 0.578   -5.901  1.345   1.00 0.00 ? 135 LEU A CG  1 
ATOM   1073 C  CD1 . LEU A 1 135 ? -0.347  -5.425  0.207   1.00 0.00 ? 135 LEU A CD1 1 
ATOM   1074 C  CD2 . LEU A 1 135 ? -0.094  -7.068  2.097   1.00 0.00 ? 135 LEU A CD2 1 
ATOM   1075 N  N   . GLU A 1 136 ? 3.586   -8.652  -0.627  1.00 0.00 ? 136 GLU A N   1 
ATOM   1076 C  CA  . GLU A 1 136 ? 4.794   -9.192  -1.265  1.00 0.00 ? 136 GLU A CA  1 
ATOM   1077 C  C   . GLU A 1 136 ? 4.572   -9.416  -2.773  1.00 0.00 ? 136 GLU A C   1 
ATOM   1078 O  O   . GLU A 1 136 ? 5.330   -8.920  -3.609  1.00 0.00 ? 136 GLU A O   1 
ATOM   1079 C  CB  . GLU A 1 136 ? 5.154   -10.540 -0.604  1.00 0.00 ? 136 GLU A CB  1 
ATOM   1080 C  CG  . GLU A 1 136 ? 5.639   -10.290 0.840   1.00 0.00 ? 136 GLU A CG  1 
ATOM   1081 C  CD  . GLU A 1 136 ? 6.174   -11.623 1.400   1.00 0.00 ? 136 GLU A CD  1 
ATOM   1082 O  OE1 . GLU A 1 136 ? 5.667   -12.659 0.888   1.00 0.00 ? 136 GLU A OE1 1 
ATOM   1083 O  OE2 . GLU A 1 136 ? 7.049   -11.546 2.299   1.00 0.00 ? 136 GLU A OE2 1 
ATOM   1084 N  N   . LEU A 1 137 ? 3.558   -10.224 -3.076  1.00 0.00 ? 137 LEU A N   1 
ATOM   1085 C  CA  . LEU A 1 137 ? 3.247   -10.520 -4.482  1.00 0.00 ? 137 LEU A CA  1 
ATOM   1086 C  C   . LEU A 1 137 ? 3.223   -9.207  -5.294  1.00 0.00 ? 137 LEU A C   1 
ATOM   1087 O  O   . LEU A 1 137 ? 3.990   -9.037  -6.239  1.00 0.00 ? 137 LEU A O   1 
ATOM   1088 C  CB  . LEU A 1 137 ? 1.867   -11.202 -4.601  1.00 0.00 ? 137 LEU A CB  1 
ATOM   1089 C  CG  . LEU A 1 137 ? 1.260   -10.868 -5.979  1.00 0.00 ? 137 LEU A CG  1 
ATOM   1090 C  CD1 . LEU A 1 137 ? 1.501   -12.032 -6.959  1.00 0.00 ? 137 LEU A CD1 1 
ATOM   1091 C  CD2 . LEU A 1 137 ? -0.251  -10.605 -5.839  1.00 0.00 ? 137 LEU A CD2 1 
ATOM   1092 N  N   . PHE A 1 138 ? 2.308   -8.339  -4.871  1.00 0.00 ? 138 PHE A N   1 
ATOM   1093 C  CA  . PHE A 1 138 ? 2.132   -7.049  -5.547  1.00 0.00 ? 138 PHE A CA  1 
ATOM   1094 C  C   . PHE A 1 138 ? 3.516   -6.454  -5.875  1.00 0.00 ? 138 PHE A C   1 
ATOM   1095 O  O   . PHE A 1 138 ? 3.856   -6.254  -7.040  1.00 0.00 ? 138 PHE A O   1 
ATOM   1096 C  CB  . PHE A 1 138 ? 1.286   -6.075  -4.703  1.00 0.00 ? 138 PHE A CB  1 
ATOM   1097 C  CG  . PHE A 1 138 ? 1.188   -4.732  -5.455  1.00 0.00 ? 138 PHE A CG  1 
ATOM   1098 C  CD1 . PHE A 1 138 ? 0.259   -4.553  -6.486  1.00 0.00 ? 138 PHE A CD1 1 
ATOM   1099 C  CD2 . PHE A 1 138 ? 2.001   -3.665  -5.052  1.00 0.00 ? 138 PHE A CD2 1 
ATOM   1100 C  CE1 . PHE A 1 138 ? 0.146   -3.306  -7.118  1.00 0.00 ? 138 PHE A CE1 1 
ATOM   1101 C  CE2 . PHE A 1 138 ? 1.888   -2.420  -5.682  1.00 0.00 ? 138 PHE A CE2 1 
ATOM   1102 C  CZ  . PHE A 1 138 ? 0.964   -2.242  -6.719  1.00 0.00 ? 138 PHE A CZ  1 
ATOM   1103 N  N   . ARG A 1 139 ? 4.263   -6.208  -4.807  1.00 0.00 ? 139 ARG A N   1 
ATOM   1104 C  CA  . ARG A 1 139 ? 5.607   -5.633  -4.910  1.00 0.00 ? 139 ARG A CA  1 
ATOM   1105 C  C   . ARG A 1 139 ? 6.432   -6.319  -6.012  1.00 0.00 ? 139 ARG A C   1 
ATOM   1106 O  O   . ARG A 1 139 ? 6.873   -5.676  -6.967  1.00 0.00 ? 139 ARG A O   1 
ATOM   1107 C  CB  . ARG A 1 139 ? 6.325   -5.785  -3.551  1.00 0.00 ? 139 ARG A CB  1 
ATOM   1108 C  CG  . ARG A 1 139 ? 7.387   -4.685  -3.404  1.00 0.00 ? 139 ARG A CG  1 
ATOM   1109 C  CD  . ARG A 1 139 ? 7.935   -4.589  -1.986  1.00 0.00 ? 139 ARG A CD  1 
ATOM   1110 N  NE  . ARG A 1 139 ? 8.111   -5.831  -1.249  1.00 0.00 ? 139 ARG A NE  1 
ATOM   1111 C  CZ  . ARG A 1 139 ? 6.871   -6.548  -0.952  1.00 0.00 ? 139 ARG A CZ  1 
ATOM   1112 N  NH1 . ARG A 1 139 ? 5.687   -6.048  -1.296  1.00 0.00 ? 139 ARG A NH1 1 
ATOM   1113 N  NH2 . ARG A 1 139 ? 6.917   -7.730  -0.334  1.00 0.00 ? 139 ARG A NH2 1 
ATOM   1114 N  N   . ASN A 1 140 ? 6.648   -7.623  -5.845  1.00 0.00 ? 140 ASN A N   1 
ATOM   1115 C  CA  . ASN A 1 140 ? 7.422   -8.359  -6.855  1.00 0.00 ? 140 ASN A CA  1 
ATOM   1116 C  C   . ASN A 1 140 ? 6.997   -7.976  -8.288  1.00 0.00 ? 140 ASN A C   1 
ATOM   1117 O  O   . ASN A 1 140 ? 7.864   -7.719  -9.126  1.00 0.00 ? 140 ASN A O   1 
ATOM   1118 C  CB  . ASN A 1 140 ? 7.226   -9.882  -6.671  1.00 0.00 ? 140 ASN A CB  1 
ATOM   1119 C  CG  . ASN A 1 140 ? 7.529   -10.611 -7.994  1.00 0.00 ? 140 ASN A CG  1 
ATOM   1120 O  OD1 . ASN A 1 140 ? 6.621   -10.944 -8.756  1.00 0.00 ? 140 ASN A OD1 1 
ATOM   1121 N  ND2 . ASN A 1 140 ? 8.818   -10.865 -8.200  1.00 0.00 ? 140 ASN A ND2 1 
ATOM   1122 N  N   . ASP A 1 141 ? 5.689   -8.020  -8.514  1.00 0.00 ? 141 ASP A N   1 
ATOM   1123 C  CA  . ASP A 1 141 ? 5.137   -7.757  -9.854  1.00 0.00 ? 141 ASP A CA  1 
ATOM   1124 C  C   . ASP A 1 141 ? 5.632   -6.377  -10.342 1.00 0.00 ? 141 ASP A C   1 
ATOM   1125 O  O   . ASP A 1 141 ? 6.299   -6.269  -11.368 1.00 0.00 ? 141 ASP A O   1 
ATOM   1126 C  CB  . ASP A 1 141 ? 3.597   -7.677  -9.781  1.00 0.00 ? 141 ASP A CB  1 
ATOM   1127 C  CG  . ASP A 1 141 ? 2.923   -8.555  -10.847 1.00 0.00 ? 141 ASP A CG  1 
ATOM   1128 O  OD1 . ASP A 1 141 ? 1.833   -9.092  -10.504 1.00 0.00 ? 141 ASP A OD1 1 
ATOM   1129 O  OD2 . ASP A 1 141 ? 3.507   -8.670  -11.957 1.00 0.00 ? 141 ASP A OD2 1 
ATOM   1130 N  N   . ILE A 1 142 ? 5.256   -5.370  -9.561  1.00 0.00 ? 142 ILE A N   1 
ATOM   1131 C  CA  . ILE A 1 142 ? 5.562   -3.986  -9.925  1.00 0.00 ? 142 ILE A CA  1 
ATOM   1132 C  C   . ILE A 1 142 ? 7.033   -3.800  -10.321 1.00 0.00 ? 142 ILE A C   1 
ATOM   1133 O  O   . ILE A 1 142 ? 7.331   -3.238  -11.377 1.00 0.00 ? 142 ILE A O   1 
ATOM   1134 C  CB  . ILE A 1 142 ? 5.133   -3.011  -8.823  1.00 0.00 ? 142 ILE A CB  1 
ATOM   1135 C  CG1 . ILE A 1 142 ? 6.136   -3.033  -7.658  1.00 0.00 ? 142 ILE A CG1 1 
ATOM   1136 C  CG2 . ILE A 1 142 ? 3.711   -3.313  -8.322  1.00 0.00 ? 142 ILE A CG2 1 
ATOM   1137 C  CD1 . ILE A 1 142 ? 7.239   -1.986  -7.905  1.00 0.00 ? 142 ILE A CD1 1 
ATOM   1138 N  N   . ALA A 1 143 ? 7.915   -4.287  -9.451  1.00 0.00 ? 143 ALA A N   1 
ATOM   1139 C  CA  . ALA A 1 143 ? 9.350   -4.174  -9.727  1.00 0.00 ? 143 ALA A CA  1 
ATOM   1140 C  C   . ALA A 1 143 ? 9.758   -4.846  -11.045 1.00 0.00 ? 143 ALA A C   1 
ATOM   1141 O  O   . ALA A 1 143 ? 10.411  -4.222  -11.885 1.00 0.00 ? 143 ALA A O   1 
ATOM   1142 C  CB  . ALA A 1 143 ? 10.198  -4.670  -8.548  1.00 0.00 ? 143 ALA A CB  1 
ATOM   1143 N  N   . ALA A 1 144 ? 9.373   -6.112  -11.186 1.00 0.00 ? 144 ALA A N   1 
ATOM   1144 C  CA  . ALA A 1 144 ? 9.640   -6.827  -12.450 1.00 0.00 ? 144 ALA A CA  1 
ATOM   1145 C  C   . ALA A 1 144 ? 9.289   -5.890  -13.624 1.00 0.00 ? 144 ALA A C   1 
ATOM   1146 O  O   . ALA A 1 144 ? 10.128  -5.569  -14.463 1.00 0.00 ? 144 ALA A O   1 
ATOM   1147 C  CB  . ALA A 1 144 ? 8.744   -8.081  -12.524 1.00 0.00 ? 144 ALA A CB  1 
ATOM   1148 N  N   . LYS A 1 145 ? 8.039   -5.427  -13.586 1.00 0.00 ? 145 LYS A N   1 
ATOM   1149 C  CA  . LYS A 1 145 ? 7.610   -4.468  -14.612 1.00 0.00 ? 145 LYS A CA  1 
ATOM   1150 C  C   . LYS A 1 145 ? 8.679   -3.373  -14.781 1.00 0.00 ? 145 LYS A C   1 
ATOM   1151 O  O   . LYS A 1 145 ? 9.310   -3.294  -15.838 1.00 0.00 ? 145 LYS A O   1 
ATOM   1152 C  CB  . LYS A 1 145 ? 6.212   -3.904  -14.334 1.00 0.00 ? 145 LYS A CB  1 
ATOM   1153 C  CG  . LYS A 1 145 ? 5.134   -4.656  -15.133 1.00 0.00 ? 145 LYS A CG  1 
ATOM   1154 C  CD  . LYS A 1 145 ? 4.374   -3.728  -16.090 1.00 0.00 ? 145 LYS A CD  1 
ATOM   1155 C  CE  . LYS A 1 145 ? 4.133   -2.339  -15.479 1.00 0.00 ? 145 LYS A CE  1 
ATOM   1156 N  NZ  . LYS A 1 145 ? 4.056   -1.325  -16.543 1.00 0.00 ? 145 LYS A NZ  1 
ATOM   1157 N  N   . TYR A 1 146 ? 8.865   -2.584  -13.732 1.00 0.00 ? 146 TYR A N   1 
ATOM   1158 C  CA  . TYR A 1 146 ? 9.799   -1.454  -13.752 1.00 0.00 ? 146 TYR A CA  1 
ATOM   1159 C  C   . TYR A 1 146 ? 11.115  -1.734  -14.519 1.00 0.00 ? 146 TYR A C   1 
ATOM   1160 O  O   . TYR A 1 146 ? 11.445  -1.047  -15.482 1.00 0.00 ? 146 TYR A O   1 
ATOM   1161 C  CB  . TYR A 1 146 ? 10.307  -1.190  -12.317 1.00 0.00 ? 146 TYR A CB  1 
ATOM   1162 C  CG  . TYR A 1 146 ? 9.533   -0.121  -11.542 1.00 0.00 ? 146 TYR A CG  1 
ATOM   1163 C  CD1 . TYR A 1 146 ? 10.179  1.060   -11.149 1.00 0.00 ? 146 TYR A CD1 1 
ATOM   1164 C  CD2 . TYR A 1 146 ? 8.228   -0.390  -11.112 1.00 0.00 ? 146 TYR A CD2 1 
ATOM   1165 C  CE1 . TYR A 1 146 ? 9.499   2.000   -10.365 1.00 0.00 ? 146 TYR A CE1 1 
ATOM   1166 C  CE2 . TYR A 1 146 ? 7.548   0.547   -10.327 1.00 0.00 ? 146 TYR A CE2 1 
ATOM   1167 C  CZ  . TYR A 1 146 ? 8.194   1.727   -9.940  1.00 0.00 ? 146 TYR A CZ  1 
ATOM   1168 O  OH  . TYR A 1 146 ? 7.503   2.659   -9.158  1.00 0.00 ? 146 TYR A OH  1 
ATOM   1169 N  N   . LYS A 1 147 ? 11.885  -2.609  -13.889 1.00 0.00 ? 147 LYS A N   1 
ATOM   1170 C  CA  . LYS A 1 147 ? 13.286  -2.870  -14.219 1.00 0.00 ? 147 LYS A CA  1 
ATOM   1171 C  C   . LYS A 1 147 ? 13.437  -3.367  -15.668 1.00 0.00 ? 147 LYS A C   1 
ATOM   1172 O  O   . LYS A 1 147 ? 14.315  -2.923  -16.405 1.00 0.00 ? 147 LYS A O   1 
ATOM   1173 C  CB  . LYS A 1 147 ? 13.843  -3.938  -13.248 1.00 0.00 ? 147 LYS A CB  1 
ATOM   1174 C  CG  . LYS A 1 147 ? 13.369  -3.621  -11.817 1.00 0.00 ? 147 LYS A CG  1 
ATOM   1175 C  CD  . LYS A 1 147 ? 13.259  -4.898  -10.968 1.00 0.00 ? 147 LYS A CD  1 
ATOM   1176 C  CE  . LYS A 1 147 ? 14.619  -5.622  -10.918 1.00 0.00 ? 147 LYS A CE  1 
ATOM   1177 N  NZ  . LYS A 1 147 ? 14.432  -7.033  -11.289 1.00 0.00 ? 147 LYS A NZ  1 
ATOM   1178 N  N   . GLU A 1 148 ? 12.568  -4.320  -15.983 1.00 0.00 ? 148 GLU A N   1 
ATOM   1179 C  CA  . GLU A 1 148 ? 12.582  -5.002  -17.261 1.00 0.00 ? 148 GLU A CA  1 
ATOM   1180 C  C   . GLU A 1 148 ? 11.964  -4.295  -18.456 1.00 0.00 ? 148 GLU A C   1 
ATOM   1181 O  O   . GLU A 1 148 ? 12.462  -4.427  -19.584 1.00 0.00 ? 148 GLU A O   1 
ATOM   1182 C  CB  . GLU A 1 148 ? 12.330  -6.505  -17.169 1.00 0.00 ? 148 GLU A CB  1 
ATOM   1183 C  CG  . GLU A 1 148 ? 13.572  -7.203  -16.573 1.00 0.00 ? 148 GLU A CG  1 
ATOM   1184 C  CD  . GLU A 1 148 ? 14.324  -7.964  -17.680 1.00 0.00 ? 148 GLU A CD  1 
ATOM   1185 O  OE1 . GLU A 1 148 ? 15.172  -8.813  -17.292 1.00 0.00 ? 148 GLU A OE1 1 
ATOM   1186 O  OE2 . GLU A 1 148 ? 14.018  -7.673  -18.867 1.00 0.00 ? 148 GLU A OE2 1 
ATOM   1187 N  N   . LEU A 1 149 ? 10.925  -3.484  -18.230 1.00 0.00 ? 149 LEU A N   1 
ATOM   1188 C  CA  . LEU A 1 149 ? 10.397  -2.708  -19.361 1.00 0.00 ? 149 LEU A CA  1 
ATOM   1189 C  C   . LEU A 1 149 ? 9.958   -1.298  -18.945 1.00 0.00 ? 149 LEU A C   1 
ATOM   1190 O  O   . LEU A 1 149 ? 9.088   -0.690  -19.572 1.00 0.00 ? 149 LEU A O   1 
ATOM   1191 C  CB  . LEU A 1 149 ? 9.303   -3.433  -20.146 1.00 0.00 ? 149 LEU A CB  1 
ATOM   1192 C  CG  . LEU A 1 149 ? 8.328   -4.194  -19.233 1.00 0.00 ? 149 LEU A CG  1 
ATOM   1193 C  CD1 . LEU A 1 149 ? 6.926   -3.555  -19.289 1.00 0.00 ? 149 LEU A CD1 1 
ATOM   1194 C  CD2 . LEU A 1 149 ? 8.229   -5.664  -19.689 1.00 0.00 ? 149 LEU A CD2 1 
ATOM   1195 N  N   . GLY A 1 150 ? 10.573  -0.819  -17.866 1.00 0.00 ? 150 GLY A N   1 
ATOM   1196 C  CA  . GLY A 1 150 ? 10.232  0.526   -17.376 1.00 0.00 ? 150 GLY A CA  1 
ATOM   1197 C  C   . GLY A 1 150 ? 11.447  1.464   -17.527 1.00 0.00 ? 150 GLY A C   1 
ATOM   1198 O  O   . GLY A 1 150 ? 11.318  2.579   -18.029 1.00 0.00 ? 150 GLY A O   1 
ATOM   1199 N  N   . PHE A 1 151 ? 12.576  0.945   -17.071 1.00 0.00 ? 151 PHE A N   1 
ATOM   1200 C  CA  . PHE A 1 151 ? 13.874  1.609   -17.176 1.00 0.00 ? 151 PHE A CA  1 
ATOM   1201 C  C   . PHE A 1 151 ? 14.981  0.555   -17.051 1.00 0.00 ? 151 PHE A C   1 
ATOM   1202 O  O   . PHE A 1 151 ? 15.498  0.077   -18.068 1.00 0.00 ? 151 PHE A O   1 
ATOM   1203 C  CB  . PHE A 1 151 ? 14.008  2.852   -16.306 1.00 0.00 ? 151 PHE A CB  1 
ATOM   1204 C  CG  . PHE A 1 151 ? 13.663  2.549   -14.837 1.00 0.00 ? 151 PHE A CG  1 
ATOM   1205 C  CD1 . PHE A 1 151 ? 12.883  3.426   -14.076 1.00 0.00 ? 151 PHE A CD1 1 
ATOM   1206 C  CD2 . PHE A 1 151 ? 14.087  1.331   -14.292 1.00 0.00 ? 151 PHE A CD2 1 
ATOM   1207 C  CE1 . PHE A 1 151 ? 12.536  3.084   -12.762 1.00 0.00 ? 151 PHE A CE1 1 
ATOM   1208 C  CE2 . PHE A 1 151 ? 13.740  0.995   -12.980 1.00 0.00 ? 151 PHE A CE2 1 
ATOM   1209 C  CZ  . PHE A 1 151 ? 12.966  1.872   -12.211 1.00 0.00 ? 151 PHE A CZ  1 
ATOM   1210 N  N   . HIS A 1 152 ? 15.237  0.101   -15.825 1.00 0.00 ? 152 HIS A N   1 
ATOM   1211 C  CA  . HIS A 1 152 ? 16.125  -1.067  -15.668 1.00 0.00 ? 152 HIS A CA  1 
ATOM   1212 C  C   . HIS A 1 152 ? 17.589  -0.659  -15.930 1.00 0.00 ? 152 HIS A C   1 
ATOM   1213 O  O   . HIS A 1 152 ? 18.433  -0.735  -15.040 1.00 0.00 ? 152 HIS A O   1 
ATOM   1214 C  CB  . HIS A 1 152 ? 15.720  -2.153  -16.685 1.00 0.00 ? 152 HIS A CB  1 
ATOM   1215 C  CG  . HIS A 1 152 ? 16.042  -3.529  -16.188 1.00 0.00 ? 152 HIS A CG  1 
ATOM   1216 N  ND1 . HIS A 1 152 ? 16.306  -4.564  -17.065 1.00 0.00 ? 152 HIS A ND1 1 
ATOM   1217 C  CD2 . HIS A 1 152 ? 16.104  -4.006  -14.905 1.00 0.00 ? 152 HIS A CD2 1 
ATOM   1218 C  CE1 . HIS A 1 152 ? 16.540  -5.627  -16.299 1.00 0.00 ? 152 HIS A CE1 1 
ATOM   1219 N  NE2 . HIS A 1 152 ? 16.428  -5.336  -15.005 1.00 0.00 ? 152 HIS A NE2 1 
ATOM   1220 N  N   . GLY A 1 153 ? 17.818  -0.275  -17.182 1.00 0.00 ? 153 GLY A N   1 
ATOM   1221 C  CA  . GLY A 1 153 ? 19.163  0.090   -17.642 1.00 0.00 ? 153 GLY A CA  1 
ATOM   1222 C  C   . GLY A 1 153 ? 19.162  0.348   -19.161 1.00 0.00 ? 153 GLY A C   1 
ATOM   1223 O  O   . GLY A 1 153 ? 19.228  0.945   -19.392 1.00 0.00 ? 153 GLY A O   1 
HETATM 1224 C  CHA . HEM B 2 .   ? 0.960   9.355   -6.662  1.00 0.00 ? 154 HEM A CHA 1 
HETATM 1225 C  CHB . HEM B 2 .   ? -0.473  5.034   -5.851  1.00 0.00 ? 154 HEM A CHB 1 
HETATM 1226 C  CHC . HEM B 2 .   ? 3.185   4.228   -3.017  1.00 0.00 ? 154 HEM A CHC 1 
HETATM 1227 C  CHD . HEM B 2 .   ? 4.924   8.504   -3.890  1.00 0.00 ? 154 HEM A CHD 1 
HETATM 1228 C  C1A . HEM B 2 .   ? 0.221   8.314   -6.554  1.00 0.00 ? 154 HEM A C1A 1 
HETATM 1229 C  C2A . HEM B 2 .   ? -0.842  8.221   -7.444  1.00 0.00 ? 154 HEM A C2A 1 
HETATM 1230 C  C3A . HEM B 2 .   ? -1.216  7.000   -7.108  1.00 0.00 ? 154 HEM A C3A 1 
HETATM 1231 C  C4A . HEM B 2 .   ? -0.484  6.293   -6.242  1.00 0.00 ? 154 HEM A C4A 1 
HETATM 1232 C  CMA . HEM B 2 .   ? -2.706  6.242   -7.831  1.00 0.00 ? 154 HEM A CMA 1 
HETATM 1233 C  CAA . HEM B 2 .   ? -1.611  9.276   -8.241  1.00 0.00 ? 154 HEM A CAA 1 
HETATM 1234 C  CBA . HEM B 2 .   ? -0.605  9.702   -9.280  1.00 0.00 ? 154 HEM A CBA 1 
HETATM 1235 C  CGA . HEM B 2 .   ? 0.338   8.373   -9.783  1.00 0.00 ? 154 HEM A CGA 1 
HETATM 1236 O  O1A . HEM B 2 .   ? 1.023   8.430   -9.642  1.00 0.00 ? 154 HEM A O1A 1 
HETATM 1237 O  O2A . HEM B 2 .   ? 0.122   8.144   -9.898  1.00 0.00 ? 154 HEM A O2A 1 
HETATM 1238 C  C1B . HEM B 2 .   ? 0.392   4.408   -4.975  1.00 0.00 ? 154 HEM A C1B 1 
HETATM 1239 C  C2B . HEM B 2 .   ? 0.090   3.054   -4.508  1.00 0.00 ? 154 HEM A C2B 1 
HETATM 1240 C  C3B . HEM B 2 .   ? 1.244   2.872   -3.797  1.00 0.00 ? 154 HEM A C3B 1 
HETATM 1241 C  C4B . HEM B 2 .   ? 1.965   4.054   -3.597  1.00 0.00 ? 154 HEM A C4B 1 
HETATM 1242 C  CMB . HEM B 2 .   ? -0.998  2.050   -4.937  1.00 0.00 ? 154 HEM A CMB 1 
HETATM 1243 C  CAB . HEM B 2 .   ? 1.525   1.566   -2.988  1.00 0.00 ? 154 HEM A CAB 1 
HETATM 1244 C  CBB . HEM B 2 .   ? 0.833   0.458   -2.976  1.00 0.00 ? 154 HEM A CBB 1 
HETATM 1245 C  C1C . HEM B 2 .   ? 3.870   5.196   -3.017  1.00 0.00 ? 154 HEM A C1C 1 
HETATM 1246 C  C2C . HEM B 2 .   ? 4.987   5.362   -2.235  1.00 0.00 ? 154 HEM A C2C 1 
HETATM 1247 C  C3C . HEM B 2 .   ? 5.439   6.590   -2.453  1.00 0.00 ? 154 HEM A C3C 1 
HETATM 1248 C  C4C . HEM B 2 .   ? 4.665   7.223   -3.373  1.00 0.00 ? 154 HEM A C4C 1 
HETATM 1249 C  CMC . HEM B 2 .   ? 5.575   4.293   -1.353  1.00 0.00 ? 154 HEM A CMC 1 
HETATM 1250 C  CAC . HEM B 2 .   ? 6.857   7.200   -1.996  1.00 0.00 ? 154 HEM A CAC 1 
HETATM 1251 C  CBC . HEM B 2 .   ? 7.583   6.352   -1.118  1.00 0.00 ? 154 HEM A CBC 1 
HETATM 1252 C  C1D . HEM B 2 .   ? 3.837   9.041   -4.735  1.00 0.00 ? 154 HEM A C1D 1 
HETATM 1253 C  C2D . HEM B 2 .   ? 4.181   10.470  -5.148  1.00 0.00 ? 154 HEM A C2D 1 
HETATM 1254 C  C3D . HEM B 2 .   ? 2.859   10.637  -5.935  1.00 0.00 ? 154 HEM A C3D 1 
HETATM 1255 C  C4D . HEM B 2 .   ? 2.168   9.529   -5.923  1.00 0.00 ? 154 HEM A C4D 1 
HETATM 1256 C  CMD . HEM B 2 .   ? 5.149   11.392  -4.890  1.00 0.00 ? 154 HEM A CMD 1 
HETATM 1257 C  CAD . HEM B 2 .   ? 2.656   11.949  -6.627  1.00 0.00 ? 154 HEM A CAD 1 
HETATM 1258 C  CBD . HEM B 2 .   ? 2.836   13.022  -5.625  1.00 0.00 ? 154 HEM A CBD 1 
HETATM 1259 C  CGD . HEM B 2 .   ? 1.592   14.042  -5.888  1.00 0.00 ? 154 HEM A CGD 1 
HETATM 1260 O  O1D . HEM B 2 .   ? 1.737   14.686  -5.768  1.00 0.00 ? 154 HEM A O1D 1 
HETATM 1261 O  O2D . HEM B 2 .   ? 0.985   13.711  -6.046  1.00 0.00 ? 154 HEM A O2D 1 
HETATM 1262 N  NA  . HEM B 2 .   ? 0.478   7.076   -5.971  1.00 0.00 ? 154 HEM A NA  1 
HETATM 1263 N  NB  . HEM B 2 .   ? 1.281   4.975   -4.423  1.00 0.00 ? 154 HEM A NB  1 
HETATM 1264 N  NC  . HEM B 2 .   ? 3.703   6.441   -3.643  1.00 0.00 ? 154 HEM A NC  1 
HETATM 1265 N  ND  . HEM B 2 .   ? 2.762   8.600   -5.054  1.00 0.00 ? 154 HEM A ND  1 
HETATM 1266 FE FE  . HEM B 2 .   ? 1.985   6.714   -4.871  1.00 0.00 ? 154 HEM A FE  1 
# 
